data_5E9F
#
_entry.id   5E9F
#
_cell.length_a   121.583
_cell.length_b   135.314
_cell.length_c   158.880
_cell.angle_alpha   90.00
_cell.angle_beta   90.00
_cell.angle_gamma   90.00
#
_symmetry.space_group_name_H-M   'P 21 21 21'
#
loop_
_entity.id
_entity.type
_entity.pdbx_description
1 polymer 'Isocitrate lyase'
2 non-polymer 'MAGNESIUM ION'
3 water water
#
_entity_poly.entity_id   1
_entity_poly.type   'polypeptide(L)'
_entity_poly.pdbx_seq_one_letter_code
;MASKNMVNPAVEPSMEDDLFAREVAEVKQWWSDPRWRYTKRPFTAEQIVSKRGNLKIEYPSNAQSKKLWKILEGRFQKRD
ASYTYGCLEPTMVTQMAKYLDTVYVSGWQSSSTASSSDEPGPDLADYPYTTVPNKVSHLFMAQLFHDRKQRHERLSAPKS
ERSKLQNIDYLRPIIADADTGHGGLTAVMKLTKLFIEKGAAGIHIEDQAPGTKKCGHMAGKVLVPISEHINRLVAIRAQA
DIMGVDLLAIARTDAEAATLITTSIDPRDHAFILGCTNPSLQPLADLMNTAEQSGKTGDQLQAIEDEWMAKANLKRFDDA
VVDVINSSSSIRNPKDVAAKYLQAAKGKSNREARAIASSLGVPEIFFDWDSPRTREGYFRIKGGCDCAINRAIAYAPYAD
AIWMESKLPDYEQAKEFAEGVHAVYPEQKLAYNLSPSFNWKTAMPRDEQETYIRRLAGLGYCWQFITLAGLHTTALISDR
FARAYSEVGMRAYGELVQEPEMELGVDVVKHQKWSGATYVDELQKMVTGGVSSTAAMGKGVTEDQFHAAALEHHHHHHHH
;
_entity_poly.pdbx_strand_id   A,B,C,D
#
loop_
_chem_comp.id
_chem_comp.type
_chem_comp.name
_chem_comp.formula
MG non-polymer 'MAGNESIUM ION' 'Mg 2'
#
# COMPACT_ATOMS: atom_id res chain seq x y z
N LYS A 4 -35.70 15.78 11.63
CA LYS A 4 -34.85 14.75 12.22
C LYS A 4 -35.37 13.33 11.94
N ASN A 5 -35.61 13.00 10.68
CA ASN A 5 -36.06 11.65 10.32
C ASN A 5 -34.95 10.87 9.62
N MET A 6 -33.71 11.17 9.99
CA MET A 6 -32.56 10.35 9.62
C MET A 6 -31.85 9.86 10.90
N VAL A 7 -32.37 10.29 12.04
CA VAL A 7 -31.81 9.93 13.35
C VAL A 7 -32.37 8.60 13.89
N ASN A 8 -31.49 7.63 14.06
CA ASN A 8 -31.86 6.33 14.60
C ASN A 8 -30.70 5.79 15.44
N PRO A 9 -31.02 4.93 16.42
CA PRO A 9 -30.05 4.38 17.37
C PRO A 9 -28.89 3.59 16.73
N ALA A 10 -28.96 2.26 16.75
CA ALA A 10 -27.96 1.39 16.14
C ALA A 10 -28.50 0.00 16.31
N VAL A 11 -28.86 -0.28 17.56
CA VAL A 11 -29.85 -1.27 17.89
C VAL A 11 -30.77 -0.59 18.91
N GLU A 12 -32.07 -0.86 18.83
CA GLU A 12 -33.02 -0.28 19.77
C GLU A 12 -32.80 -0.89 21.17
N PRO A 13 -32.71 -0.03 22.21
CA PRO A 13 -32.37 -0.40 23.59
C PRO A 13 -33.17 -1.58 24.18
N SER A 14 -34.35 -1.83 23.61
CA SER A 14 -35.21 -2.91 24.07
C SER A 14 -34.73 -4.29 23.56
N MET A 15 -33.81 -4.28 22.61
CA MET A 15 -33.34 -5.52 22.02
C MET A 15 -31.86 -5.82 22.28
N GLU A 16 -31.14 -4.88 22.90
CA GLU A 16 -29.71 -5.06 23.13
C GLU A 16 -29.41 -6.29 24.00
N ASP A 17 -30.02 -6.35 25.18
CA ASP A 17 -29.82 -7.45 26.12
C ASP A 17 -30.19 -8.80 25.50
N ASP A 18 -31.13 -8.78 24.57
CA ASP A 18 -31.58 -10.02 23.95
C ASP A 18 -30.60 -10.51 22.87
N LEU A 19 -30.17 -9.60 21.99
CA LEU A 19 -29.22 -9.94 20.94
C LEU A 19 -27.90 -10.47 21.50
N PHE A 20 -27.46 -9.86 22.61
CA PHE A 20 -26.27 -10.29 23.33
C PHE A 20 -26.38 -11.69 23.90
N ALA A 21 -27.55 -12.02 24.42
CA ALA A 21 -27.79 -13.36 24.93
C ALA A 21 -27.79 -14.38 23.80
N ARG A 22 -28.27 -13.99 22.62
CA ARG A 22 -28.35 -14.93 21.51
C ARG A 22 -26.95 -15.22 20.98
N GLU A 23 -26.19 -14.14 20.78
CA GLU A 23 -24.81 -14.25 20.31
C GLU A 23 -23.95 -15.09 21.26
N VAL A 24 -23.91 -14.70 22.54
CA VAL A 24 -23.17 -15.46 23.55
C VAL A 24 -23.53 -16.94 23.54
N ALA A 25 -24.80 -17.23 23.28
CA ALA A 25 -25.23 -18.61 23.09
C ALA A 25 -24.54 -19.24 21.87
N GLU A 26 -24.53 -18.51 20.76
CA GLU A 26 -23.94 -19.03 19.53
C GLU A 26 -22.44 -19.28 19.70
N VAL A 27 -21.75 -18.36 20.35
CA VAL A 27 -20.33 -18.53 20.59
C VAL A 27 -20.11 -19.77 21.47
N LYS A 28 -20.95 -19.91 22.49
CA LYS A 28 -20.85 -21.03 23.40
C LYS A 28 -21.00 -22.35 22.66
N GLN A 29 -21.99 -22.43 21.77
CA GLN A 29 -22.25 -23.63 20.99
C GLN A 29 -21.09 -23.88 20.05
N TRP A 30 -20.55 -22.80 19.52
CA TRP A 30 -19.45 -22.87 18.56
C TRP A 30 -18.20 -23.43 19.22
N TRP A 31 -17.92 -22.98 20.43
CA TRP A 31 -16.75 -23.43 21.18
C TRP A 31 -16.87 -24.89 21.66
N SER A 32 -18.03 -25.50 21.45
CA SER A 32 -18.26 -26.89 21.85
C SER A 32 -17.91 -27.87 20.73
N ASP A 33 -17.63 -27.32 19.55
CA ASP A 33 -17.18 -28.07 18.39
C ASP A 33 -15.88 -28.82 18.71
N PRO A 34 -15.68 -30.00 18.09
CA PRO A 34 -14.46 -30.77 18.35
C PRO A 34 -13.18 -30.07 17.90
N ARG A 35 -13.33 -29.06 17.04
CA ARG A 35 -12.22 -28.21 16.64
C ARG A 35 -11.45 -27.69 17.85
N TRP A 36 -12.18 -27.44 18.94
CA TRP A 36 -11.62 -26.72 20.08
C TRP A 36 -11.34 -27.63 21.26
N ARG A 37 -11.40 -28.93 21.03
CA ARG A 37 -11.27 -29.89 22.11
C ARG A 37 -9.91 -29.82 22.83
N TYR A 38 -8.88 -29.36 22.13
CA TYR A 38 -7.57 -29.17 22.76
C TYR A 38 -7.35 -27.71 23.12
N THR A 39 -8.35 -26.86 22.90
CA THR A 39 -8.09 -25.42 22.95
C THR A 39 -8.47 -24.77 24.29
N LYS A 40 -7.46 -24.19 24.95
CA LYS A 40 -7.71 -23.49 26.20
C LYS A 40 -7.96 -22.01 25.99
N ARG A 41 -9.11 -21.55 26.48
CA ARG A 41 -9.52 -20.16 26.31
C ARG A 41 -9.66 -19.43 27.64
N PRO A 42 -8.67 -18.59 28.00
CA PRO A 42 -8.62 -17.91 29.29
C PRO A 42 -9.53 -16.69 29.36
N PHE A 43 -10.62 -16.75 28.61
CA PHE A 43 -11.61 -15.67 28.55
C PHE A 43 -12.99 -16.28 28.31
N THR A 44 -14.05 -15.52 28.55
CA THR A 44 -15.42 -16.05 28.40
C THR A 44 -16.00 -15.66 27.05
N ALA A 45 -17.17 -16.22 26.74
CA ALA A 45 -17.88 -15.89 25.51
C ALA A 45 -18.49 -14.49 25.61
N GLU A 46 -18.93 -14.12 26.81
CA GLU A 46 -19.49 -12.79 27.05
C GLU A 46 -18.45 -11.70 26.85
N GLN A 47 -17.25 -11.93 27.35
CA GLN A 47 -16.16 -10.98 27.19
C GLN A 47 -15.88 -10.77 25.72
N ILE A 48 -15.92 -11.87 24.97
CA ILE A 48 -15.65 -11.80 23.55
C ILE A 48 -16.71 -10.99 22.80
N VAL A 49 -17.96 -11.32 23.05
CA VAL A 49 -19.09 -10.72 22.35
C VAL A 49 -19.20 -9.24 22.68
N SER A 50 -18.78 -8.87 23.88
CA SER A 50 -18.80 -7.47 24.31
C SER A 50 -17.86 -6.61 23.47
N LYS A 51 -16.98 -7.26 22.71
CA LYS A 51 -16.01 -6.57 21.87
C LYS A 51 -16.46 -6.55 20.42
N ARG A 52 -17.50 -7.32 20.14
CA ARG A 52 -18.04 -7.40 18.79
C ARG A 52 -18.93 -6.21 18.49
N GLY A 53 -19.16 -5.97 17.20
CA GLY A 53 -20.03 -4.90 16.76
C GLY A 53 -21.39 -5.40 16.33
N ASN A 54 -22.19 -4.54 15.70
CA ASN A 54 -23.53 -4.91 15.31
C ASN A 54 -23.63 -5.53 13.93
N LEU A 55 -22.59 -5.35 13.11
CA LEU A 55 -22.56 -6.01 11.81
C LEU A 55 -21.55 -7.15 11.81
N LYS A 56 -22.06 -8.37 11.67
CA LYS A 56 -21.21 -9.56 11.68
C LYS A 56 -20.70 -9.87 10.28
N ILE A 57 -19.39 -10.10 10.20
CA ILE A 57 -18.71 -10.27 8.94
C ILE A 57 -18.23 -11.72 8.79
N GLU A 58 -18.26 -12.22 7.56
CA GLU A 58 -17.86 -13.58 7.25
C GLU A 58 -16.68 -13.60 6.30
N TYR A 59 -15.65 -14.40 6.61
CA TYR A 59 -14.41 -14.39 5.84
C TYR A 59 -14.12 -15.70 5.09
N PRO A 60 -13.64 -15.61 3.84
CA PRO A 60 -13.26 -16.86 3.15
C PRO A 60 -12.05 -17.55 3.80
N SER A 61 -11.26 -16.77 4.54
CA SER A 61 -10.22 -17.31 5.40
C SER A 61 -10.77 -18.49 6.19
N ASN A 62 -11.94 -18.28 6.79
CA ASN A 62 -12.56 -19.29 7.64
C ASN A 62 -12.75 -20.59 6.92
N ALA A 63 -13.18 -20.50 5.66
CA ALA A 63 -13.36 -21.67 4.82
C ALA A 63 -12.05 -22.47 4.69
N GLN A 64 -10.94 -21.76 4.55
CA GLN A 64 -9.64 -22.38 4.34
C GLN A 64 -9.03 -22.93 5.63
N SER A 65 -9.24 -22.23 6.74
CA SER A 65 -8.83 -22.72 8.04
C SER A 65 -9.57 -24.03 8.37
N LYS A 66 -10.87 -24.06 8.10
CA LYS A 66 -11.66 -25.29 8.25
C LYS A 66 -11.16 -26.40 7.32
N LYS A 67 -10.68 -26.01 6.16
CA LYS A 67 -10.26 -26.97 5.14
C LYS A 67 -8.91 -27.55 5.56
N LEU A 68 -8.08 -26.69 6.12
CA LEU A 68 -6.74 -27.04 6.57
C LEU A 68 -6.78 -27.92 7.82
N TRP A 69 -7.62 -27.53 8.78
CA TRP A 69 -7.84 -28.32 10.00
C TRP A 69 -8.19 -29.76 9.69
N LYS A 70 -9.13 -29.94 8.77
CA LYS A 70 -9.59 -31.27 8.41
C LYS A 70 -8.45 -32.07 7.75
N ILE A 71 -7.58 -31.37 7.02
CA ILE A 71 -6.43 -31.99 6.35
C ILE A 71 -5.41 -32.46 7.36
N LEU A 72 -5.06 -31.57 8.27
CA LEU A 72 -4.01 -31.81 9.26
C LEU A 72 -4.47 -32.87 10.28
N GLU A 73 -5.77 -32.87 10.58
CA GLU A 73 -6.35 -33.90 11.45
C GLU A 73 -6.17 -35.27 10.85
N GLY A 74 -6.49 -35.39 9.57
CA GLY A 74 -6.31 -36.64 8.88
C GLY A 74 -4.88 -37.09 8.83
N ARG A 75 -3.95 -36.15 8.69
CA ARG A 75 -2.55 -36.53 8.56
C ARG A 75 -1.99 -37.07 9.88
N PHE A 76 -2.26 -36.34 10.96
CA PHE A 76 -1.77 -36.66 12.29
C PHE A 76 -2.21 -38.03 12.79
N GLN A 77 -3.50 -38.32 12.61
CA GLN A 77 -4.05 -39.60 13.01
C GLN A 77 -3.47 -40.76 12.19
N LYS A 78 -3.34 -40.59 10.87
CA LYS A 78 -2.66 -41.60 10.05
C LYS A 78 -1.12 -41.56 10.19
N ARG A 79 -0.62 -40.61 10.98
CA ARG A 79 0.81 -40.26 11.03
C ARG A 79 1.43 -40.06 9.64
N ASP A 80 0.70 -39.34 8.79
CA ASP A 80 1.21 -38.89 7.49
C ASP A 80 1.58 -37.41 7.58
N ALA A 81 2.12 -36.86 6.50
CA ALA A 81 2.47 -35.44 6.47
C ALA A 81 2.03 -34.66 5.19
N SER A 82 1.46 -33.47 5.39
CA SER A 82 1.38 -32.47 4.32
C SER A 82 2.66 -31.65 4.33
N TYR A 83 3.23 -31.44 3.15
CA TYR A 83 4.46 -30.68 3.02
C TYR A 83 4.44 -29.74 1.82
N THR A 84 4.97 -28.55 2.02
CA THR A 84 4.90 -27.54 0.98
C THR A 84 6.18 -26.72 1.00
N TYR A 85 6.12 -25.54 0.43
CA TYR A 85 7.23 -24.64 0.55
C TYR A 85 6.83 -23.19 0.47
N GLY A 86 7.83 -22.31 0.60
CA GLY A 86 7.59 -20.89 0.62
C GLY A 86 7.39 -20.32 -0.77
N CYS A 87 6.17 -19.89 -1.05
CA CYS A 87 5.76 -19.45 -2.38
C CYS A 87 5.98 -17.96 -2.59
N LEU A 88 6.58 -17.62 -3.72
CA LEU A 88 7.03 -16.27 -3.99
C LEU A 88 5.98 -15.41 -4.63
N GLU A 89 5.09 -16.05 -5.39
CA GLU A 89 4.32 -15.38 -6.46
C GLU A 89 3.14 -16.22 -6.96
N PRO A 90 2.11 -15.56 -7.56
CA PRO A 90 0.95 -16.26 -8.16
C PRO A 90 1.30 -17.31 -9.24
N THR A 91 2.14 -16.99 -10.22
CA THR A 91 2.60 -18.00 -11.18
C THR A 91 3.05 -19.30 -10.50
N MET A 92 3.92 -19.15 -9.50
CA MET A 92 4.42 -20.28 -8.73
C MET A 92 3.29 -21.04 -8.01
N VAL A 93 2.44 -20.30 -7.30
CA VAL A 93 1.31 -20.87 -6.57
C VAL A 93 0.33 -21.68 -7.43
N THR A 94 0.19 -21.30 -8.70
CA THR A 94 -0.64 -22.02 -9.68
C THR A 94 0.00 -23.37 -10.08
N GLN A 95 1.31 -23.44 -9.94
CA GLN A 95 2.03 -24.65 -10.26
C GLN A 95 2.07 -25.59 -9.05
N MET A 96 2.37 -25.00 -7.89
CA MET A 96 2.29 -25.72 -6.64
C MET A 96 0.94 -26.40 -6.45
N ALA A 97 -0.14 -25.73 -6.84
CA ALA A 97 -1.49 -26.21 -6.52
C ALA A 97 -1.78 -27.57 -7.12
N LYS A 98 -1.03 -27.89 -8.18
CA LYS A 98 -1.18 -29.16 -8.84
C LYS A 98 -0.78 -30.34 -7.93
N TYR A 99 0.23 -30.14 -7.10
CA TYR A 99 0.84 -31.26 -6.40
C TYR A 99 0.83 -31.15 -4.85
N LEU A 100 0.75 -29.92 -4.33
CA LEU A 100 0.81 -29.70 -2.88
C LEU A 100 -0.48 -29.10 -2.35
N ASP A 101 -0.97 -29.65 -1.24
CA ASP A 101 -2.27 -29.25 -0.70
C ASP A 101 -2.23 -28.03 0.24
N THR A 102 -1.04 -27.47 0.44
CA THR A 102 -0.88 -26.26 1.23
C THR A 102 0.10 -25.32 0.58
N VAL A 103 0.06 -24.07 1.03
CA VAL A 103 0.98 -23.04 0.60
C VAL A 103 1.59 -22.35 1.83
N TYR A 104 2.90 -22.13 1.81
CA TYR A 104 3.57 -21.41 2.87
C TYR A 104 4.04 -20.02 2.41
N VAL A 105 3.75 -19.01 3.21
CA VAL A 105 4.25 -17.66 2.94
C VAL A 105 5.30 -17.27 4.00
N SER A 106 6.52 -17.03 3.50
CA SER A 106 7.71 -16.85 4.34
C SER A 106 7.98 -15.40 4.70
N GLY A 107 8.33 -15.17 5.96
CA GLY A 107 8.77 -13.84 6.35
C GLY A 107 10.12 -13.48 5.73
N TRP A 108 10.97 -14.49 5.66
CA TRP A 108 12.32 -14.35 5.12
C TRP A 108 12.24 -13.94 3.63
N GLN A 109 11.49 -14.71 2.85
CA GLN A 109 11.38 -14.42 1.43
C GLN A 109 10.74 -13.02 1.25
N SER A 110 9.75 -12.71 2.08
CA SER A 110 9.06 -11.44 1.99
C SER A 110 10.01 -10.27 2.29
N SER A 111 10.96 -10.52 3.19
CA SER A 111 11.90 -9.48 3.60
C SER A 111 12.83 -9.08 2.46
N SER A 112 13.07 -10.03 1.55
CA SER A 112 14.00 -9.85 0.45
C SER A 112 13.31 -9.61 -0.90
N THR A 113 11.99 -9.82 -0.95
CA THR A 113 11.23 -9.76 -2.20
C THR A 113 9.81 -9.16 -2.11
N ALA A 114 9.41 -8.67 -0.94
CA ALA A 114 8.00 -8.35 -0.74
C ALA A 114 7.63 -7.32 0.35
N SER A 115 8.60 -6.59 0.88
CA SER A 115 8.27 -5.53 1.84
C SER A 115 7.26 -4.54 1.27
N SER A 116 6.30 -4.15 2.09
CA SER A 116 5.31 -3.14 1.72
C SER A 116 5.92 -1.78 1.36
N SER A 117 7.14 -1.51 1.83
CA SER A 117 7.81 -0.25 1.51
C SER A 117 8.78 -0.39 0.33
N ASP A 118 8.84 -1.61 -0.21
CA ASP A 118 9.71 -1.98 -1.31
C ASP A 118 11.20 -1.96 -0.93
N GLU A 119 11.49 -1.70 0.35
CA GLU A 119 12.86 -1.75 0.84
C GLU A 119 13.20 -3.11 1.46
N PRO A 120 14.11 -3.85 0.81
CA PRO A 120 14.46 -5.20 1.21
C PRO A 120 15.60 -5.23 2.23
N GLY A 121 16.10 -6.43 2.48
CA GLY A 121 17.07 -6.65 3.53
C GLY A 121 16.97 -8.02 4.20
N PRO A 122 17.95 -8.33 5.03
CA PRO A 122 18.00 -9.59 5.80
C PRO A 122 16.78 -9.78 6.70
N ASP A 123 16.49 -11.03 7.04
CA ASP A 123 15.28 -11.40 7.78
C ASP A 123 15.38 -10.98 9.24
N LEU A 124 14.84 -9.80 9.52
CA LEU A 124 14.86 -9.22 10.84
C LEU A 124 13.45 -8.87 11.29
N ALA A 125 12.49 -9.16 10.41
CA ALA A 125 11.10 -8.75 10.61
C ALA A 125 10.98 -7.24 10.84
N ASP A 126 11.76 -6.44 10.12
CA ASP A 126 11.66 -4.98 10.22
C ASP A 126 11.00 -4.36 8.99
N TYR A 127 10.48 -5.23 8.14
CA TYR A 127 9.59 -4.81 7.09
C TYR A 127 8.32 -4.25 7.81
N PRO A 128 7.50 -3.40 7.17
CA PRO A 128 6.25 -3.00 7.86
C PRO A 128 5.25 -4.14 7.98
N TYR A 129 4.42 -4.21 9.02
CA TYR A 129 3.76 -5.48 9.35
C TYR A 129 2.59 -5.80 8.41
N THR A 130 2.35 -4.94 7.42
CA THR A 130 1.40 -5.26 6.38
C THR A 130 2.00 -6.22 5.36
N THR A 131 3.33 -6.39 5.44
CA THR A 131 4.10 -7.09 4.42
C THR A 131 3.59 -8.49 4.12
N VAL A 132 3.65 -9.39 5.10
CA VAL A 132 3.25 -10.78 4.89
C VAL A 132 1.74 -11.01 4.63
N PRO A 133 0.83 -10.27 5.29
CA PRO A 133 -0.58 -10.43 4.89
C PRO A 133 -0.85 -9.97 3.45
N ASN A 134 -0.21 -8.89 3.03
CA ASN A 134 -0.36 -8.44 1.66
C ASN A 134 0.10 -9.51 0.67
N LYS A 135 1.10 -10.29 1.05
CA LYS A 135 1.53 -11.38 0.18
C LYS A 135 0.49 -12.50 0.20
N VAL A 136 -0.18 -12.65 1.32
CA VAL A 136 -1.22 -13.66 1.45
C VAL A 136 -2.40 -13.29 0.56
N SER A 137 -2.77 -12.01 0.55
CA SER A 137 -3.84 -11.56 -0.34
C SER A 137 -3.40 -11.71 -1.81
N HIS A 138 -2.14 -11.38 -2.07
CA HIS A 138 -1.52 -11.58 -3.38
C HIS A 138 -1.75 -13.00 -3.93
N LEU A 139 -1.44 -14.01 -3.13
CA LEU A 139 -1.58 -15.38 -3.59
C LEU A 139 -3.04 -15.83 -3.58
N PHE A 140 -3.76 -15.49 -2.51
CA PHE A 140 -5.16 -15.89 -2.36
C PHE A 140 -6.07 -15.31 -3.46
N MET A 141 -5.84 -14.07 -3.87
CA MET A 141 -6.68 -13.49 -4.93
C MET A 141 -6.37 -14.12 -6.29
N ALA A 142 -5.15 -14.60 -6.49
CA ALA A 142 -4.84 -15.37 -7.70
C ALA A 142 -5.48 -16.76 -7.65
N GLN A 143 -5.37 -17.43 -6.51
CA GLN A 143 -6.02 -18.74 -6.32
C GLN A 143 -7.51 -18.65 -6.67
N LEU A 144 -8.16 -17.60 -6.19
CA LEU A 144 -9.60 -17.41 -6.41
C LEU A 144 -9.92 -17.19 -7.90
N PHE A 145 -9.05 -16.45 -8.57
CA PHE A 145 -9.22 -16.14 -9.99
C PHE A 145 -9.10 -17.40 -10.82
N HIS A 146 -8.02 -18.14 -10.60
CA HIS A 146 -7.74 -19.34 -11.35
C HIS A 146 -8.79 -20.39 -11.05
N ASP A 147 -9.46 -20.24 -9.92
CA ASP A 147 -10.59 -21.14 -9.62
C ASP A 147 -11.77 -20.80 -10.53
N ARG A 148 -12.08 -19.50 -10.65
CA ARG A 148 -13.17 -19.04 -11.51
C ARG A 148 -12.93 -19.40 -12.98
N LYS A 149 -11.71 -19.15 -13.46
CA LYS A 149 -11.29 -19.50 -14.81
C LYS A 149 -11.57 -20.97 -15.10
N GLN A 150 -11.02 -21.85 -14.27
CA GLN A 150 -11.17 -23.28 -14.50
C GLN A 150 -12.60 -23.80 -14.33
N ARG A 151 -13.36 -23.23 -13.40
CA ARG A 151 -14.74 -23.67 -13.21
C ARG A 151 -15.55 -23.34 -14.45
N HIS A 152 -15.22 -22.21 -15.05
CA HIS A 152 -15.89 -21.76 -16.25
C HIS A 152 -15.56 -22.62 -17.46
N GLU A 153 -14.28 -22.88 -17.69
CA GLU A 153 -13.90 -23.71 -18.82
C GLU A 153 -14.53 -25.09 -18.69
N ARG A 154 -14.51 -25.61 -17.46
CA ARG A 154 -15.05 -26.94 -17.21
C ARG A 154 -16.56 -27.02 -17.44
N LEU A 155 -17.31 -26.07 -16.89
CA LEU A 155 -18.76 -26.09 -17.00
C LEU A 155 -19.22 -25.74 -18.41
N SER A 156 -18.37 -25.04 -19.17
CA SER A 156 -18.70 -24.67 -20.54
C SER A 156 -18.59 -25.86 -21.49
N ALA A 157 -17.89 -26.90 -21.06
CA ALA A 157 -17.78 -28.15 -21.82
C ALA A 157 -18.77 -29.19 -21.32
N PRO A 158 -19.21 -30.07 -22.23
CA PRO A 158 -20.11 -31.14 -21.81
C PRO A 158 -19.36 -32.21 -21.02
N LYS A 159 -20.10 -32.88 -20.14
CA LYS A 159 -19.60 -33.93 -19.24
C LYS A 159 -18.62 -34.91 -19.93
N SER A 160 -18.94 -35.30 -21.15
CA SER A 160 -18.13 -36.27 -21.90
C SER A 160 -16.72 -35.74 -22.16
N GLU A 161 -16.56 -34.43 -22.16
CA GLU A 161 -15.29 -33.83 -22.52
C GLU A 161 -14.47 -33.30 -21.32
N ARG A 162 -15.00 -33.41 -20.11
CA ARG A 162 -14.36 -32.77 -18.95
C ARG A 162 -13.13 -33.49 -18.39
N SER A 163 -12.96 -34.78 -18.71
CA SER A 163 -11.82 -35.53 -18.18
C SER A 163 -10.52 -35.20 -18.93
N LYS A 164 -10.66 -34.54 -20.08
CA LYS A 164 -9.50 -34.13 -20.87
C LYS A 164 -9.05 -32.72 -20.44
N LEU A 165 -9.83 -32.13 -19.55
CA LEU A 165 -9.59 -30.81 -18.97
C LEU A 165 -8.93 -30.89 -17.60
N GLN A 166 -8.06 -29.93 -17.28
CA GLN A 166 -7.41 -29.90 -15.98
C GLN A 166 -8.48 -29.70 -14.90
N ASN A 167 -8.22 -30.23 -13.71
CA ASN A 167 -9.13 -30.10 -12.57
C ASN A 167 -8.33 -29.84 -11.28
N ILE A 168 -7.70 -28.68 -11.26
CA ILE A 168 -6.78 -28.28 -10.22
C ILE A 168 -7.49 -27.68 -9.01
N ASP A 169 -7.08 -28.09 -7.81
CA ASP A 169 -7.50 -27.41 -6.59
C ASP A 169 -6.60 -26.21 -6.36
N TYR A 170 -7.06 -25.04 -6.82
CA TYR A 170 -6.29 -23.82 -6.70
C TYR A 170 -6.38 -23.24 -5.30
N LEU A 171 -7.40 -23.69 -4.55
CA LEU A 171 -7.66 -23.16 -3.21
C LEU A 171 -6.92 -23.96 -2.10
N ARG A 172 -5.61 -24.03 -2.23
CA ARG A 172 -4.79 -24.67 -1.22
C ARG A 172 -4.53 -23.71 -0.07
N PRO A 173 -4.95 -24.09 1.14
CA PRO A 173 -4.85 -23.17 2.27
C PRO A 173 -3.44 -22.65 2.52
N ILE A 174 -3.38 -21.39 2.95
CA ILE A 174 -2.13 -20.67 3.11
C ILE A 174 -1.73 -20.58 4.58
N ILE A 175 -0.47 -20.88 4.87
CA ILE A 175 0.06 -20.65 6.21
C ILE A 175 1.16 -19.60 6.12
N ALA A 176 1.12 -18.63 7.05
CA ALA A 176 1.92 -17.43 6.93
C ALA A 176 2.68 -17.04 8.21
N ASP A 177 3.79 -16.32 8.01
CA ASP A 177 4.66 -15.88 9.09
C ASP A 177 4.16 -14.58 9.73
N ALA A 178 4.04 -14.61 11.06
CA ALA A 178 3.57 -13.45 11.83
C ALA A 178 4.69 -13.00 12.75
N ASP A 179 5.84 -13.65 12.57
CA ASP A 179 7.05 -13.32 13.29
C ASP A 179 6.84 -13.32 14.83
N THR A 180 7.05 -12.18 15.48
CA THR A 180 6.85 -12.10 16.93
C THR A 180 5.57 -11.32 17.27
N GLY A 181 4.83 -10.96 16.20
CA GLY A 181 3.58 -10.22 16.32
C GLY A 181 3.72 -8.72 16.08
N HIS A 182 4.95 -8.24 15.87
CA HIS A 182 5.24 -6.84 15.55
C HIS A 182 4.77 -5.83 16.64
N GLY A 183 5.26 -6.01 17.86
CA GLY A 183 4.98 -5.08 18.96
C GLY A 183 4.16 -5.74 20.05
N GLY A 184 3.40 -4.92 20.76
CA GLY A 184 2.59 -5.41 21.85
C GLY A 184 1.41 -6.23 21.38
N LEU A 185 0.58 -6.61 22.34
CA LEU A 185 -0.55 -7.48 22.12
C LEU A 185 -1.59 -6.83 21.20
N THR A 186 -1.59 -5.49 21.16
CA THR A 186 -2.57 -4.80 20.34
C THR A 186 -2.21 -4.90 18.86
N ALA A 187 -0.91 -4.79 18.56
CA ALA A 187 -0.43 -5.05 17.19
C ALA A 187 -0.60 -6.53 16.80
N VAL A 188 -0.35 -7.44 17.74
CA VAL A 188 -0.61 -8.86 17.49
C VAL A 188 -2.07 -9.05 17.02
N MET A 189 -3.00 -8.40 17.72
CA MET A 189 -4.42 -8.45 17.37
C MET A 189 -4.71 -7.76 16.03
N LYS A 190 -4.13 -6.59 15.85
CA LYS A 190 -4.19 -5.90 14.57
C LYS A 190 -3.56 -6.74 13.43
N LEU A 191 -2.41 -7.37 13.70
CA LEU A 191 -1.77 -8.23 12.70
C LEU A 191 -2.62 -9.44 12.33
N THR A 192 -3.06 -10.15 13.35
CA THR A 192 -3.96 -11.31 13.20
C THR A 192 -5.22 -10.93 12.42
N LYS A 193 -5.66 -9.68 12.58
CA LYS A 193 -6.86 -9.22 11.90
C LYS A 193 -6.62 -9.03 10.41
N LEU A 194 -5.45 -8.53 10.06
CA LEU A 194 -5.13 -8.40 8.64
C LEU A 194 -5.06 -9.78 8.00
N PHE A 195 -4.35 -10.71 8.67
CA PHE A 195 -4.21 -12.06 8.14
C PHE A 195 -5.56 -12.71 7.82
N ILE A 196 -6.49 -12.64 8.76
CA ILE A 196 -7.85 -13.18 8.56
C ILE A 196 -8.60 -12.46 7.41
N GLU A 197 -8.45 -11.13 7.32
CA GLU A 197 -9.07 -10.40 6.22
C GLU A 197 -8.48 -10.74 4.82
N LYS A 198 -7.22 -11.16 4.76
CA LYS A 198 -6.56 -11.40 3.48
C LYS A 198 -6.52 -12.88 3.06
N GLY A 199 -6.98 -13.79 3.90
CA GLY A 199 -7.21 -15.16 3.47
C GLY A 199 -6.33 -16.24 4.08
N ALA A 200 -5.62 -15.89 5.15
CA ALA A 200 -4.75 -16.85 5.80
C ALA A 200 -5.56 -17.92 6.51
N ALA A 201 -5.18 -19.17 6.28
CA ALA A 201 -5.78 -20.31 6.97
C ALA A 201 -5.15 -20.49 8.36
N GLY A 202 -3.85 -20.22 8.46
CA GLY A 202 -3.12 -20.28 9.70
C GLY A 202 -1.92 -19.36 9.74
N ILE A 203 -1.48 -19.03 10.95
CA ILE A 203 -0.32 -18.16 11.14
C ILE A 203 0.56 -18.70 12.25
N HIS A 204 1.86 -18.38 12.21
CA HIS A 204 2.75 -18.84 13.28
C HIS A 204 3.51 -17.71 13.90
N ILE A 205 3.78 -17.84 15.19
CA ILE A 205 4.45 -16.77 15.91
C ILE A 205 5.53 -17.34 16.87
N GLU A 206 6.66 -16.64 16.91
CA GLU A 206 7.87 -17.13 17.59
C GLU A 206 8.10 -16.45 18.91
N ASP A 207 8.73 -17.18 19.82
CA ASP A 207 9.02 -16.65 21.15
C ASP A 207 10.30 -15.82 21.23
N GLN A 208 10.63 -15.09 20.17
CA GLN A 208 11.74 -14.15 20.23
C GLN A 208 11.22 -12.78 20.63
N ALA A 209 12.17 -11.88 20.92
CA ALA A 209 11.84 -10.50 21.22
C ALA A 209 12.11 -9.65 19.99
N PRO A 210 11.14 -8.80 19.59
CA PRO A 210 11.34 -8.06 18.36
C PRO A 210 12.42 -6.98 18.55
N GLY A 211 13.11 -6.67 17.47
CA GLY A 211 14.17 -5.68 17.53
C GLY A 211 15.51 -6.17 18.04
N THR A 212 15.65 -7.49 18.20
CA THR A 212 16.88 -8.05 18.77
C THR A 212 17.56 -9.08 17.85
N GLY A 220 22.75 -15.32 17.64
CA GLY A 220 22.43 -15.22 19.06
C GLY A 220 21.03 -14.68 19.34
N LYS A 221 20.04 -15.56 19.31
CA LYS A 221 18.64 -15.15 19.48
C LYS A 221 18.29 -14.80 20.93
N VAL A 222 17.47 -13.76 21.09
CA VAL A 222 16.95 -13.34 22.38
C VAL A 222 15.54 -13.86 22.57
N LEU A 223 15.24 -14.41 23.73
CA LEU A 223 13.89 -14.89 23.97
C LEU A 223 13.05 -13.94 24.82
N VAL A 224 11.73 -14.07 24.70
CA VAL A 224 10.83 -13.48 25.68
C VAL A 224 10.42 -14.55 26.71
N PRO A 225 10.04 -14.12 27.91
CA PRO A 225 9.52 -15.07 28.89
C PRO A 225 8.28 -15.79 28.39
N ILE A 226 8.07 -17.00 28.90
CA ILE A 226 6.96 -17.84 28.53
C ILE A 226 5.62 -17.11 28.66
N SER A 227 5.46 -16.31 29.73
CA SER A 227 4.23 -15.56 29.97
C SER A 227 3.89 -14.67 28.77
N GLU A 228 4.88 -13.90 28.33
CA GLU A 228 4.71 -12.97 27.23
C GLU A 228 4.30 -13.66 25.92
N HIS A 229 4.88 -14.82 25.62
CA HIS A 229 4.54 -15.47 24.36
C HIS A 229 3.17 -16.13 24.40
N ILE A 230 2.78 -16.57 25.59
CA ILE A 230 1.47 -17.16 25.79
C ILE A 230 0.36 -16.11 25.58
N ASN A 231 0.64 -14.86 25.95
CA ASN A 231 -0.32 -13.80 25.68
C ASN A 231 -0.50 -13.50 24.17
N ARG A 232 0.62 -13.47 23.44
CA ARG A 232 0.59 -13.42 21.99
C ARG A 232 -0.38 -14.48 21.45
N LEU A 233 -0.13 -15.75 21.78
CA LEU A 233 -0.99 -16.85 21.34
C LEU A 233 -2.46 -16.69 21.75
N VAL A 234 -2.71 -16.06 22.89
CA VAL A 234 -4.07 -15.82 23.36
C VAL A 234 -4.70 -14.65 22.62
N ALA A 235 -3.92 -13.59 22.35
CA ALA A 235 -4.41 -12.43 21.58
C ALA A 235 -4.88 -12.85 20.18
N ILE A 236 -4.12 -13.76 19.57
CA ILE A 236 -4.50 -14.36 18.31
C ILE A 236 -5.88 -15.03 18.42
N ARG A 237 -6.03 -15.93 19.37
CA ARG A 237 -7.29 -16.64 19.58
C ARG A 237 -8.41 -15.68 19.93
N ALA A 238 -8.12 -14.74 20.82
CA ALA A 238 -9.14 -13.77 21.20
C ALA A 238 -9.62 -12.92 20.01
N GLN A 239 -8.85 -12.88 18.92
CA GLN A 239 -9.21 -12.03 17.79
C GLN A 239 -9.84 -12.85 16.67
N ALA A 240 -9.45 -14.12 16.60
CA ALA A 240 -10.10 -15.03 15.69
C ALA A 240 -11.54 -15.27 16.18
N ASP A 241 -11.68 -15.74 17.43
CA ASP A 241 -12.88 -15.48 18.24
C ASP A 241 -13.08 -13.97 18.19
N ILE A 242 -14.29 -13.47 17.94
CA ILE A 242 -14.61 -12.02 17.72
C ILE A 242 -14.95 -11.85 16.27
N MET A 243 -14.04 -12.28 15.40
CA MET A 243 -14.28 -12.32 13.95
C MET A 243 -14.95 -13.62 13.53
N GLY A 244 -15.25 -14.45 14.52
CA GLY A 244 -15.94 -15.71 14.33
C GLY A 244 -15.29 -16.73 13.42
N VAL A 245 -13.96 -16.72 13.32
CA VAL A 245 -13.29 -17.64 12.39
C VAL A 245 -12.40 -18.66 13.09
N ASP A 246 -12.01 -19.69 12.36
CA ASP A 246 -11.43 -20.88 12.93
C ASP A 246 -9.92 -20.95 12.71
N LEU A 247 -9.26 -19.79 12.76
CA LEU A 247 -7.86 -19.66 12.38
C LEU A 247 -6.93 -20.53 13.24
N LEU A 248 -6.08 -21.32 12.57
CA LEU A 248 -5.06 -22.12 13.26
C LEU A 248 -3.92 -21.24 13.72
N ALA A 249 -3.53 -21.41 14.99
CA ALA A 249 -2.44 -20.64 15.55
C ALA A 249 -1.26 -21.57 15.88
N ILE A 250 -0.16 -21.38 15.15
CA ILE A 250 1.03 -22.20 15.30
C ILE A 250 2.10 -21.52 16.17
N ALA A 251 2.59 -22.24 17.18
CA ALA A 251 3.57 -21.69 18.12
C ALA A 251 4.93 -22.24 17.82
N ARG A 252 5.88 -21.34 17.61
CA ARG A 252 7.25 -21.74 17.36
C ARG A 252 8.19 -21.28 18.50
N THR A 253 9.05 -22.17 18.96
CA THR A 253 10.04 -21.79 19.95
C THR A 253 11.46 -21.87 19.42
N ASP A 254 12.22 -20.85 19.75
CA ASP A 254 13.60 -20.71 19.32
C ASP A 254 14.59 -20.98 20.46
N ALA A 255 14.10 -21.68 21.48
CA ALA A 255 14.87 -21.89 22.69
C ALA A 255 16.07 -22.84 22.49
N GLU A 256 16.08 -23.61 21.42
CA GLU A 256 17.15 -24.58 21.23
C GLU A 256 18.51 -23.95 20.92
N ALA A 257 18.53 -22.72 20.44
CA ALA A 257 19.76 -22.09 19.97
C ALA A 257 19.98 -20.73 20.65
N ALA A 258 18.96 -20.28 21.36
CA ALA A 258 18.97 -18.96 21.95
C ALA A 258 19.99 -18.87 23.07
N THR A 259 20.54 -17.68 23.26
CA THR A 259 21.62 -17.47 24.21
C THR A 259 21.24 -16.40 25.22
N LEU A 260 20.09 -15.78 25.01
CA LEU A 260 19.71 -14.61 25.76
C LEU A 260 18.21 -14.54 26.02
N ILE A 261 17.83 -13.80 27.05
CA ILE A 261 16.42 -13.62 27.36
C ILE A 261 16.23 -12.25 27.98
N THR A 262 15.10 -11.61 27.66
CA THR A 262 14.84 -10.24 28.09
C THR A 262 14.75 -10.06 29.59
N THR A 263 14.13 -11.00 30.27
CA THR A 263 13.94 -10.83 31.70
C THR A 263 13.96 -12.16 32.46
N SER A 264 14.07 -12.05 33.78
CA SER A 264 14.23 -13.19 34.66
C SER A 264 12.96 -13.41 35.49
N ILE A 265 11.89 -12.73 35.10
CA ILE A 265 10.69 -12.62 35.90
C ILE A 265 9.77 -13.86 35.88
N ASP A 266 9.95 -14.76 34.91
CA ASP A 266 9.08 -15.95 34.81
C ASP A 266 9.73 -17.18 35.44
N PRO A 267 9.16 -17.66 36.56
CA PRO A 267 9.71 -18.80 37.31
C PRO A 267 9.88 -20.05 36.45
N ARG A 268 9.22 -20.10 35.29
CA ARG A 268 9.37 -21.23 34.38
C ARG A 268 10.65 -21.11 33.52
N ASP A 269 11.34 -20.00 33.66
CA ASP A 269 12.58 -19.80 32.90
C ASP A 269 13.78 -19.83 33.85
N HIS A 270 13.49 -19.91 35.15
CA HIS A 270 14.53 -19.87 36.19
C HIS A 270 15.49 -21.07 36.19
N ALA A 271 15.11 -22.14 35.51
CA ALA A 271 15.97 -23.31 35.39
C ALA A 271 17.00 -23.21 34.25
N PHE A 272 16.85 -22.24 33.37
CA PHE A 272 17.75 -22.16 32.22
C PHE A 272 18.61 -20.90 32.23
N ILE A 273 18.19 -19.91 33.02
CA ILE A 273 18.93 -18.67 33.18
C ILE A 273 20.28 -18.88 33.86
N LEU A 274 21.32 -18.32 33.27
CA LEU A 274 22.67 -18.55 33.75
C LEU A 274 23.10 -17.48 34.74
N GLY A 275 23.93 -17.92 35.68
CA GLY A 275 24.49 -17.05 36.68
C GLY A 275 25.99 -17.25 36.85
N CYS A 276 26.59 -16.16 37.29
CA CYS A 276 27.95 -16.11 37.79
C CYS A 276 28.05 -16.88 39.12
N THR A 277 29.13 -17.66 39.28
CA THR A 277 29.38 -18.41 40.52
C THR A 277 30.71 -17.98 41.17
N ASN A 278 31.25 -16.85 40.70
CA ASN A 278 32.51 -16.31 41.24
C ASN A 278 32.29 -15.06 42.07
N PRO A 279 32.40 -15.19 43.39
CA PRO A 279 31.96 -14.13 44.30
C PRO A 279 32.87 -12.89 44.30
N SER A 280 33.99 -12.98 43.60
CA SER A 280 34.97 -11.90 43.59
C SER A 280 34.69 -10.87 42.49
N LEU A 281 34.09 -11.35 41.40
CA LEU A 281 33.87 -10.54 40.20
C LEU A 281 32.92 -9.36 40.41
N GLN A 282 33.21 -8.28 39.69
CA GLN A 282 32.26 -7.18 39.52
C GLN A 282 31.36 -7.46 38.32
N PRO A 283 30.17 -6.86 38.29
CA PRO A 283 29.25 -7.03 37.17
C PRO A 283 29.94 -6.76 35.83
N LEU A 284 29.54 -7.48 34.79
CA LEU A 284 30.11 -7.31 33.45
C LEU A 284 29.80 -5.93 32.87
N ALA A 285 28.66 -5.36 33.24
CA ALA A 285 28.30 -4.04 32.75
C ALA A 285 29.15 -2.95 33.40
N ASP A 286 29.34 -3.04 34.71
CA ASP A 286 30.20 -2.09 35.39
C ASP A 286 31.64 -2.15 34.85
N LEU A 287 32.18 -3.34 34.63
CA LEU A 287 33.51 -3.47 34.04
C LEU A 287 33.56 -2.84 32.65
N MET A 288 32.68 -3.28 31.76
CA MET A 288 32.69 -2.80 30.37
C MET A 288 32.53 -1.27 30.27
N ASN A 289 31.72 -0.70 31.16
CA ASN A 289 31.56 0.74 31.20
C ASN A 289 32.86 1.37 31.71
N THR A 290 33.46 0.79 32.74
CA THR A 290 34.69 1.35 33.30
C THR A 290 35.89 1.22 32.35
N ALA A 291 35.76 0.42 31.30
CA ALA A 291 36.83 0.29 30.31
C ALA A 291 36.57 1.17 29.07
N GLU A 292 36.04 2.36 29.32
CA GLU A 292 35.84 3.38 28.29
C GLU A 292 35.76 4.79 28.91
N ILE A 304 39.22 -9.12 26.52
CA ILE A 304 38.43 -8.94 27.72
C ILE A 304 37.01 -9.37 27.42
N GLU A 305 36.11 -9.21 28.39
CA GLU A 305 34.67 -9.49 28.23
C GLU A 305 34.36 -10.95 27.94
N ASP A 306 35.20 -11.58 27.12
CA ASP A 306 35.20 -13.02 27.02
C ASP A 306 36.01 -13.56 28.21
N GLU A 307 36.90 -12.70 28.73
CA GLU A 307 37.73 -13.05 29.89
C GLU A 307 36.93 -13.10 31.18
N TRP A 308 36.02 -12.15 31.35
CA TRP A 308 35.15 -12.10 32.52
C TRP A 308 34.27 -13.34 32.57
N MET A 309 33.71 -13.69 31.41
CA MET A 309 32.89 -14.88 31.25
C MET A 309 33.55 -16.14 31.79
N ALA A 310 34.80 -16.36 31.41
CA ALA A 310 35.52 -17.54 31.82
C ALA A 310 35.68 -17.61 33.34
N LYS A 311 36.16 -16.50 33.91
CA LYS A 311 36.32 -16.36 35.35
C LYS A 311 34.95 -16.37 36.04
N ALA A 312 33.89 -16.14 35.27
CA ALA A 312 32.55 -16.07 35.84
C ALA A 312 32.02 -17.46 36.14
N ASN A 313 32.41 -18.40 35.30
CA ASN A 313 32.01 -19.79 35.47
C ASN A 313 30.50 -19.86 35.53
N LEU A 314 29.87 -19.75 34.37
CA LEU A 314 28.42 -19.61 34.31
C LEU A 314 27.75 -20.97 34.37
N LYS A 315 26.60 -21.04 35.03
CA LYS A 315 25.88 -22.29 35.12
C LYS A 315 24.40 -22.09 35.41
N ARG A 316 23.59 -22.99 34.87
CA ARG A 316 22.23 -23.22 35.36
C ARG A 316 22.26 -23.46 36.88
N PHE A 317 21.25 -22.99 37.61
CA PHE A 317 21.26 -23.08 39.07
C PHE A 317 21.38 -24.51 39.66
N ASP A 318 20.68 -25.48 39.07
CA ASP A 318 20.73 -26.86 39.54
C ASP A 318 22.15 -27.39 39.49
N ASP A 319 22.81 -27.22 38.34
CA ASP A 319 24.20 -27.63 38.21
C ASP A 319 25.11 -26.87 39.18
N ALA A 320 24.77 -25.63 39.46
CA ALA A 320 25.52 -24.86 40.43
C ALA A 320 25.29 -25.46 41.79
N VAL A 321 24.06 -25.95 42.03
CA VAL A 321 23.72 -26.52 43.32
C VAL A 321 24.38 -27.88 43.47
N VAL A 322 24.39 -28.68 42.41
CA VAL A 322 24.96 -29.99 42.51
C VAL A 322 26.48 -29.90 42.69
N ASP A 323 27.11 -28.97 41.98
CA ASP A 323 28.56 -28.81 42.12
C ASP A 323 29.00 -28.36 43.53
N VAL A 324 28.11 -27.69 44.24
CA VAL A 324 28.35 -27.36 45.65
C VAL A 324 28.21 -28.61 46.52
N ILE A 325 27.25 -29.47 46.19
CA ILE A 325 27.03 -30.70 46.95
C ILE A 325 28.24 -31.64 46.84
N ASN A 326 28.85 -31.69 45.66
CA ASN A 326 30.00 -32.54 45.43
C ASN A 326 31.35 -31.91 45.82
N SER A 327 31.30 -30.77 46.49
CA SER A 327 32.49 -30.05 46.93
C SER A 327 32.45 -29.83 48.44
N SER A 328 31.39 -30.33 49.06
CA SER A 328 31.10 -30.04 50.46
C SER A 328 31.14 -31.30 51.34
N SER A 329 32.33 -31.70 51.75
CA SER A 329 32.48 -32.66 52.83
C SER A 329 32.30 -31.86 54.11
N SER A 330 31.16 -31.99 54.79
CA SER A 330 30.10 -32.93 54.47
C SER A 330 28.82 -32.41 55.11
N ILE A 331 27.59 -32.81 54.73
CA ILE A 331 27.15 -33.59 53.54
C ILE A 331 27.82 -34.95 53.27
N ARG A 332 27.39 -35.95 54.02
CA ARG A 332 27.98 -37.29 53.95
C ARG A 332 27.24 -38.15 52.91
N ASN A 333 26.05 -37.70 52.53
CA ASN A 333 25.27 -38.33 51.48
C ASN A 333 25.06 -37.38 50.28
N PRO A 334 26.11 -37.19 49.46
CA PRO A 334 26.08 -36.28 48.32
C PRO A 334 25.18 -36.75 47.16
N LYS A 335 25.28 -38.02 46.78
CA LYS A 335 24.50 -38.51 45.65
C LYS A 335 23.00 -38.57 45.98
N ASP A 336 22.67 -38.78 47.27
CA ASP A 336 21.27 -38.86 47.71
C ASP A 336 20.67 -37.47 47.91
N VAL A 337 21.46 -36.53 48.40
CA VAL A 337 20.99 -35.14 48.48
C VAL A 337 20.79 -34.53 47.09
N ALA A 338 21.77 -34.73 46.22
CA ALA A 338 21.67 -34.28 44.83
C ALA A 338 20.41 -34.80 44.15
N ALA A 339 20.26 -36.11 44.14
CA ALA A 339 19.11 -36.75 43.51
C ALA A 339 17.79 -36.20 44.03
N LYS A 340 17.72 -35.97 45.33
CA LYS A 340 16.47 -35.57 45.97
C LYS A 340 16.12 -34.12 45.62
N TYR A 341 17.13 -33.25 45.66
CA TYR A 341 17.03 -31.85 45.23
C TYR A 341 16.47 -31.71 43.81
N LEU A 342 17.08 -32.45 42.87
CA LEU A 342 16.65 -32.44 41.48
C LEU A 342 15.18 -32.84 41.29
N GLN A 343 14.76 -34.00 41.81
CA GLN A 343 13.36 -34.41 41.68
C GLN A 343 12.39 -33.39 42.28
N ALA A 344 12.78 -32.73 43.36
CA ALA A 344 11.90 -31.78 44.06
C ALA A 344 11.88 -30.37 43.46
N ALA A 345 12.98 -29.98 42.83
CA ALA A 345 13.08 -28.63 42.29
C ALA A 345 12.74 -28.57 40.79
N LYS A 346 12.54 -29.73 40.17
CA LYS A 346 12.19 -29.78 38.76
C LYS A 346 10.94 -28.95 38.52
N GLY A 347 11.14 -27.81 37.88
CA GLY A 347 10.05 -26.89 37.59
C GLY A 347 9.74 -25.97 38.74
N LYS A 348 10.77 -25.49 39.42
CA LYS A 348 10.55 -24.58 40.53
C LYS A 348 11.29 -23.27 40.33
N SER A 349 10.78 -22.25 41.01
CA SER A 349 11.43 -20.95 40.99
C SER A 349 12.80 -21.01 41.67
N ASN A 350 13.62 -19.99 41.43
CA ASN A 350 14.90 -19.92 42.08
C ASN A 350 14.76 -19.84 43.60
N ARG A 351 13.78 -19.05 44.05
CA ARG A 351 13.54 -18.90 45.48
C ARG A 351 13.11 -20.23 46.13
N GLU A 352 12.11 -20.88 45.55
CA GLU A 352 11.69 -22.22 45.99
C GLU A 352 12.82 -23.26 45.88
N ALA A 353 13.65 -23.15 44.85
CA ALA A 353 14.76 -24.09 44.66
C ALA A 353 15.81 -23.88 45.75
N ARG A 354 16.08 -22.62 46.06
CA ARG A 354 17.01 -22.26 47.11
C ARG A 354 16.58 -22.84 48.46
N ALA A 355 15.30 -22.71 48.78
CA ALA A 355 14.80 -23.15 50.07
C ALA A 355 14.95 -24.65 50.20
N ILE A 356 14.59 -25.37 49.14
CA ILE A 356 14.70 -26.82 49.12
C ILE A 356 16.11 -27.34 49.37
N ALA A 357 17.09 -26.79 48.67
CA ALA A 357 18.48 -27.18 48.88
C ALA A 357 18.91 -26.89 50.32
N SER A 358 18.48 -25.74 50.83
CA SER A 358 18.79 -25.35 52.19
C SER A 358 18.14 -26.32 53.19
N SER A 359 16.92 -26.75 52.90
CA SER A 359 16.20 -27.70 53.75
C SER A 359 16.92 -29.05 53.77
N LEU A 360 17.82 -29.24 52.80
CA LEU A 360 18.56 -30.50 52.64
C LEU A 360 19.98 -30.41 53.20
N GLY A 361 20.32 -29.29 53.82
CA GLY A 361 21.63 -29.16 54.43
C GLY A 361 22.74 -28.74 53.50
N VAL A 362 22.38 -28.35 52.27
CA VAL A 362 23.34 -27.81 51.32
C VAL A 362 23.67 -26.36 51.68
N PRO A 363 24.98 -26.02 51.77
CA PRO A 363 25.39 -24.66 52.13
C PRO A 363 24.89 -23.64 51.09
N GLU A 364 24.71 -22.39 51.52
CA GLU A 364 24.21 -21.35 50.64
C GLU A 364 25.04 -21.27 49.35
N ILE A 365 24.35 -21.19 48.21
CA ILE A 365 25.00 -21.24 46.91
C ILE A 365 25.17 -19.84 46.34
N PHE A 366 26.36 -19.54 45.83
CA PHE A 366 26.55 -18.24 45.19
C PHE A 366 26.16 -18.28 43.72
N PHE A 367 25.15 -17.50 43.39
CA PHE A 367 24.52 -17.57 42.10
C PHE A 367 23.93 -16.20 41.75
N ASP A 368 24.58 -15.49 40.84
CA ASP A 368 24.14 -14.14 40.43
C ASP A 368 23.85 -14.13 38.93
N TRP A 369 22.59 -13.98 38.56
CA TRP A 369 22.21 -14.02 37.15
C TRP A 369 22.02 -12.62 36.58
N ASP A 370 22.12 -11.62 37.44
CA ASP A 370 22.17 -10.22 37.04
C ASP A 370 23.53 -9.80 36.52
N SER A 371 24.58 -10.23 37.20
CA SER A 371 25.94 -9.77 36.86
C SER A 371 26.39 -10.05 35.41
N PRO A 372 25.97 -11.18 34.81
CA PRO A 372 26.38 -11.36 33.41
C PRO A 372 25.49 -10.70 32.36
N ARG A 373 24.56 -9.83 32.78
CA ARG A 373 23.72 -9.10 31.83
C ARG A 373 24.53 -8.31 30.82
N THR A 374 24.04 -8.29 29.58
CA THR A 374 24.64 -7.51 28.51
C THR A 374 24.38 -6.02 28.70
N ARG A 375 25.01 -5.20 27.86
CA ARG A 375 24.90 -3.76 27.97
C ARG A 375 23.48 -3.27 27.57
N GLU A 376 22.70 -4.18 26.97
CA GLU A 376 21.29 -3.93 26.67
C GLU A 376 20.37 -4.38 27.81
N GLY A 377 20.96 -5.06 28.80
CA GLY A 377 20.21 -5.57 29.94
C GLY A 377 19.64 -6.97 29.82
N TYR A 378 20.14 -7.75 28.87
CA TYR A 378 19.63 -9.11 28.65
C TYR A 378 20.31 -10.13 29.58
N PHE A 379 19.53 -11.14 29.98
CA PHE A 379 20.03 -12.21 30.82
C PHE A 379 20.55 -13.31 29.93
N ARG A 380 21.54 -14.07 30.41
CA ARG A 380 22.06 -15.16 29.60
C ARG A 380 21.24 -16.40 29.90
N ILE A 381 21.35 -17.38 29.02
CA ILE A 381 20.52 -18.56 29.16
C ILE A 381 21.18 -19.71 28.40
N LYS A 382 21.06 -20.91 28.97
CA LYS A 382 21.52 -22.10 28.28
C LYS A 382 20.33 -22.89 27.77
N GLY A 383 19.98 -22.62 26.53
CA GLY A 383 18.83 -23.24 25.90
C GLY A 383 19.11 -24.66 25.47
N GLY A 384 18.63 -25.03 24.30
CA GLY A 384 18.77 -26.38 23.81
C GLY A 384 17.46 -27.12 23.92
N CYS A 385 17.50 -28.40 23.60
CA CYS A 385 16.29 -29.16 23.38
C CYS A 385 15.38 -29.22 24.62
N ASP A 386 15.97 -29.34 25.79
CA ASP A 386 15.17 -29.51 27.01
C ASP A 386 14.40 -28.21 27.32
N CYS A 387 15.08 -27.07 27.17
CA CYS A 387 14.43 -25.75 27.24
C CYS A 387 13.34 -25.54 26.16
N ALA A 388 13.55 -26.07 24.96
CA ALA A 388 12.54 -25.98 23.91
C ALA A 388 11.31 -26.80 24.27
N ILE A 389 11.55 -27.99 24.81
CA ILE A 389 10.46 -28.86 25.28
C ILE A 389 9.60 -28.19 26.37
N ASN A 390 10.26 -27.62 27.39
CA ASN A 390 9.53 -26.95 28.47
C ASN A 390 8.71 -25.81 27.92
N ARG A 391 9.26 -25.10 26.95
CA ARG A 391 8.55 -24.02 26.29
C ARG A 391 7.34 -24.54 25.50
N ALA A 392 7.52 -25.57 24.67
CA ALA A 392 6.40 -26.12 23.87
C ALA A 392 5.26 -26.65 24.75
N ILE A 393 5.62 -27.36 25.83
CA ILE A 393 4.63 -27.85 26.79
C ILE A 393 3.86 -26.66 27.41
N ALA A 394 4.54 -25.52 27.55
CA ALA A 394 3.90 -24.33 28.13
C ALA A 394 2.92 -23.67 27.17
N TYR A 395 3.24 -23.75 25.87
CA TYR A 395 2.47 -23.13 24.80
C TYR A 395 1.36 -24.04 24.28
N ALA A 396 1.48 -25.33 24.55
CA ALA A 396 0.66 -26.32 23.85
C ALA A 396 -0.87 -26.10 23.92
N PRO A 397 -1.42 -25.80 25.12
CA PRO A 397 -2.88 -25.64 25.13
C PRO A 397 -3.37 -24.37 24.38
N TYR A 398 -2.43 -23.51 24.01
CA TYR A 398 -2.75 -22.29 23.27
C TYR A 398 -2.28 -22.34 21.83
N ALA A 399 -1.92 -23.53 21.36
CA ALA A 399 -1.43 -23.70 20.00
C ALA A 399 -1.95 -24.96 19.32
N ASP A 400 -2.40 -24.81 18.09
CA ASP A 400 -2.95 -25.89 17.29
C ASP A 400 -1.84 -26.77 16.72
N ALA A 401 -0.66 -26.18 16.61
CA ALA A 401 0.55 -26.89 16.18
C ALA A 401 1.79 -26.23 16.79
N ILE A 402 2.85 -27.02 16.91
CA ILE A 402 4.08 -26.56 17.55
C ILE A 402 5.32 -26.88 16.71
N TRP A 403 6.27 -25.96 16.66
CA TRP A 403 7.61 -26.42 16.33
C TRP A 403 8.79 -25.81 17.04
N MET A 404 9.85 -26.60 16.99
CA MET A 404 11.13 -26.25 17.55
C MET A 404 12.12 -26.08 16.41
N GLU A 405 12.66 -24.88 16.29
CA GLU A 405 13.71 -24.60 15.35
C GLU A 405 14.93 -25.46 15.69
N SER A 406 15.52 -26.10 14.68
CA SER A 406 16.69 -26.95 14.89
C SER A 406 17.91 -26.45 14.10
N LYS A 407 19.10 -26.92 14.50
CA LYS A 407 20.36 -26.48 13.90
C LYS A 407 20.83 -27.41 12.78
N LEU A 408 20.26 -28.60 12.70
CA LEU A 408 20.53 -29.52 11.59
C LEU A 408 19.39 -30.55 11.52
N PRO A 409 19.22 -31.20 10.36
CA PRO A 409 18.13 -32.19 10.25
C PRO A 409 18.44 -33.47 11.00
N ASP A 410 18.43 -33.41 12.34
CA ASP A 410 18.66 -34.62 13.14
C ASP A 410 17.34 -35.30 13.45
N TYR A 411 17.16 -36.50 12.92
CA TYR A 411 15.93 -37.24 13.20
C TYR A 411 15.78 -37.52 14.70
N GLU A 412 16.86 -37.98 15.33
CA GLU A 412 16.87 -38.31 16.75
C GLU A 412 16.48 -37.14 17.65
N GLN A 413 16.99 -35.94 17.39
CA GLN A 413 16.61 -34.82 18.25
C GLN A 413 15.12 -34.50 18.00
N ALA A 414 14.70 -34.65 16.76
CA ALA A 414 13.32 -34.45 16.36
C ALA A 414 12.38 -35.42 17.07
N LYS A 415 12.89 -36.63 17.30
CA LYS A 415 12.18 -37.65 18.08
C LYS A 415 12.22 -37.36 19.58
N GLU A 416 13.32 -36.79 20.05
CA GLU A 416 13.39 -36.48 21.47
C GLU A 416 12.45 -35.30 21.76
N PHE A 417 12.38 -34.35 20.84
CA PHE A 417 11.47 -33.22 21.03
C PHE A 417 10.01 -33.66 21.01
N ALA A 418 9.62 -34.44 20.01
CA ALA A 418 8.26 -34.98 19.95
C ALA A 418 7.87 -35.74 21.21
N GLU A 419 8.73 -36.65 21.66
CA GLU A 419 8.43 -37.49 22.82
C GLU A 419 8.27 -36.66 24.10
N GLY A 420 8.98 -35.54 24.15
CA GLY A 420 8.90 -34.66 25.29
C GLY A 420 7.55 -33.96 25.38
N VAL A 421 7.06 -33.48 24.25
CA VAL A 421 5.74 -32.86 24.19
C VAL A 421 4.65 -33.92 24.38
N HIS A 422 4.89 -35.10 23.83
CA HIS A 422 3.88 -36.15 23.78
C HIS A 422 3.78 -36.94 25.11
N ALA A 423 4.74 -36.71 25.97
CA ALA A 423 4.72 -37.24 27.32
C ALA A 423 3.61 -36.60 28.17
N VAL A 424 3.18 -35.43 27.74
CA VAL A 424 2.20 -34.63 28.48
C VAL A 424 0.93 -34.39 27.65
N TYR A 425 1.13 -34.05 26.38
CA TYR A 425 0.03 -33.84 25.44
C TYR A 425 0.22 -34.73 24.19
N PRO A 426 -0.21 -36.00 24.26
CA PRO A 426 -0.04 -37.04 23.24
C PRO A 426 -0.68 -36.76 21.89
N GLU A 427 -1.61 -35.82 21.82
CA GLU A 427 -2.29 -35.56 20.55
C GLU A 427 -1.97 -34.20 19.94
N GLN A 428 -0.85 -33.63 20.35
CA GLN A 428 -0.43 -32.30 19.91
C GLN A 428 0.29 -32.31 18.54
N LYS A 429 -0.42 -31.87 17.50
CA LYS A 429 0.18 -31.73 16.17
C LYS A 429 1.50 -30.94 16.20
N LEU A 430 2.46 -31.40 15.40
CA LEU A 430 3.77 -30.75 15.30
C LEU A 430 4.03 -30.25 13.86
N ALA A 431 4.99 -29.33 13.73
CA ALA A 431 5.40 -28.83 12.42
C ALA A 431 6.92 -28.85 12.30
N TYR A 432 7.44 -29.07 11.09
CA TYR A 432 8.89 -29.14 10.90
C TYR A 432 9.35 -28.31 9.71
N ASN A 433 10.44 -27.58 9.93
CA ASN A 433 11.08 -26.77 8.92
C ASN A 433 12.20 -27.55 8.23
N LEU A 434 11.88 -28.10 7.07
CA LEU A 434 12.88 -28.65 6.16
C LEU A 434 13.80 -27.55 5.67
N SER A 435 14.64 -27.04 6.55
CA SER A 435 15.40 -25.84 6.25
C SER A 435 16.41 -26.02 5.12
N PRO A 436 16.40 -25.08 4.16
CA PRO A 436 17.45 -24.97 3.13
C PRO A 436 18.67 -24.22 3.67
N SER A 437 18.66 -23.90 4.97
CA SER A 437 19.87 -23.41 5.64
C SER A 437 20.73 -24.61 5.99
N PHE A 438 20.12 -25.79 5.83
CA PHE A 438 20.81 -27.08 6.01
C PHE A 438 21.53 -27.48 4.73
N ASN A 439 22.67 -28.16 4.87
CA ASN A 439 23.30 -28.81 3.73
C ASN A 439 22.83 -30.26 3.63
N TRP A 440 21.99 -30.52 2.64
CA TRP A 440 21.32 -31.81 2.53
C TRP A 440 22.20 -32.90 1.90
N LYS A 441 23.21 -32.53 1.10
CA LYS A 441 24.20 -33.51 0.64
C LYS A 441 25.07 -34.02 1.80
N THR A 442 25.38 -33.14 2.75
CA THR A 442 26.29 -33.49 3.84
C THR A 442 25.57 -33.82 5.13
N ALA A 443 24.29 -34.15 5.03
CA ALA A 443 23.52 -34.51 6.21
C ALA A 443 22.92 -35.89 6.09
N MET A 444 22.90 -36.40 4.85
CA MET A 444 21.94 -37.45 4.53
C MET A 444 22.05 -37.95 3.11
N PRO A 445 22.25 -39.27 2.95
CA PRO A 445 22.26 -39.83 1.60
C PRO A 445 20.91 -39.66 0.90
N ARG A 446 20.93 -39.72 -0.42
CA ARG A 446 19.76 -39.41 -1.22
C ARG A 446 18.58 -40.33 -0.88
N ASP A 447 18.87 -41.59 -0.55
CA ASP A 447 17.81 -42.52 -0.28
C ASP A 447 17.16 -42.19 1.06
N GLU A 448 17.96 -41.63 1.98
CA GLU A 448 17.47 -41.25 3.30
C GLU A 448 16.89 -39.84 3.26
N GLN A 449 17.36 -39.06 2.30
CA GLN A 449 16.72 -37.81 1.96
C GLN A 449 15.26 -38.09 1.64
N GLU A 450 15.01 -39.12 0.85
CA GLU A 450 13.66 -39.40 0.41
C GLU A 450 12.72 -39.88 1.52
N THR A 451 13.25 -40.52 2.54
CA THR A 451 12.42 -41.12 3.59
C THR A 451 12.12 -40.13 4.73
N TYR A 452 12.89 -39.04 4.75
CA TYR A 452 12.97 -38.16 5.92
C TYR A 452 11.61 -37.64 6.34
N ILE A 453 10.83 -37.17 5.38
CA ILE A 453 9.52 -36.59 5.65
C ILE A 453 8.56 -37.66 6.20
N ARG A 454 8.59 -38.86 5.62
CA ARG A 454 7.81 -39.97 6.18
C ARG A 454 8.28 -40.34 7.62
N ARG A 455 9.60 -40.36 7.85
CA ARG A 455 10.08 -40.61 9.20
C ARG A 455 9.51 -39.57 10.16
N LEU A 456 9.67 -38.30 9.83
CA LEU A 456 9.23 -37.23 10.70
C LEU A 456 7.72 -37.27 10.89
N ALA A 457 7.02 -37.79 9.90
CA ALA A 457 5.58 -37.89 9.97
C ALA A 457 5.15 -38.92 11.02
N GLY A 458 5.97 -39.93 11.25
CA GLY A 458 5.63 -40.93 12.25
C GLY A 458 5.62 -40.39 13.67
N LEU A 459 6.38 -39.33 13.89
CA LEU A 459 6.50 -38.74 15.22
C LEU A 459 5.41 -37.71 15.46
N GLY A 460 4.64 -37.46 14.42
CA GLY A 460 3.53 -36.54 14.51
C GLY A 460 3.81 -35.16 13.99
N TYR A 461 4.91 -35.02 13.24
CA TYR A 461 5.15 -33.79 12.47
C TYR A 461 4.28 -33.84 11.24
N CYS A 462 3.04 -33.36 11.38
CA CYS A 462 2.01 -33.55 10.35
C CYS A 462 1.98 -32.43 9.31
N TRP A 463 2.73 -31.36 9.57
CA TRP A 463 2.94 -30.33 8.56
C TRP A 463 4.42 -30.00 8.45
N GLN A 464 4.94 -30.10 7.23
CA GLN A 464 6.35 -29.81 6.97
C GLN A 464 6.51 -28.86 5.78
N PHE A 465 7.66 -28.18 5.71
CA PHE A 465 7.84 -27.11 4.73
C PHE A 465 9.29 -26.68 4.53
N ILE A 466 9.66 -26.50 3.26
CA ILE A 466 10.90 -25.84 2.90
C ILE A 466 10.64 -24.34 2.79
N THR A 467 11.18 -23.59 3.73
CA THR A 467 10.91 -22.15 3.83
C THR A 467 11.27 -21.36 2.57
N LEU A 468 12.44 -21.63 2.01
CA LEU A 468 13.00 -20.75 0.99
C LEU A 468 13.15 -21.42 -0.37
N ALA A 469 12.45 -22.54 -0.56
CA ALA A 469 12.47 -23.23 -1.84
C ALA A 469 12.08 -22.31 -3.01
N GLY A 470 11.10 -21.45 -2.78
CA GLY A 470 10.62 -20.55 -3.80
C GLY A 470 11.71 -19.60 -4.27
N LEU A 471 12.46 -19.09 -3.30
CA LEU A 471 13.55 -18.16 -3.59
C LEU A 471 14.64 -18.86 -4.40
N HIS A 472 14.97 -20.08 -4.00
CA HIS A 472 16.06 -20.81 -4.65
C HIS A 472 15.71 -21.39 -6.02
N THR A 473 14.48 -21.88 -6.19
CA THR A 473 14.08 -22.34 -7.52
C THR A 473 14.11 -21.18 -8.52
N THR A 474 13.61 -20.03 -8.09
CA THR A 474 13.57 -18.85 -8.95
C THR A 474 14.97 -18.32 -9.24
N ALA A 475 15.85 -18.41 -8.25
CA ALA A 475 17.24 -17.98 -8.43
C ALA A 475 17.98 -18.85 -9.43
N LEU A 476 17.69 -20.14 -9.40
CA LEU A 476 18.42 -21.12 -10.19
C LEU A 476 18.06 -21.07 -11.67
N ILE A 477 16.76 -21.10 -12.00
CA ILE A 477 16.31 -20.95 -13.40
C ILE A 477 16.75 -19.62 -13.98
N SER A 478 16.79 -18.58 -13.13
CA SER A 478 17.14 -17.23 -13.59
C SER A 478 18.63 -17.11 -13.88
N ASP A 479 19.48 -17.71 -13.02
CA ASP A 479 20.93 -17.67 -13.24
C ASP A 479 21.32 -18.53 -14.44
N ARG A 480 20.65 -19.64 -14.65
CA ARG A 480 21.06 -20.48 -15.77
C ARG A 480 20.32 -20.13 -17.08
N PHE A 481 19.12 -19.54 -17.02
CA PHE A 481 18.54 -19.09 -18.29
C PHE A 481 19.18 -17.81 -18.83
N ALA A 482 19.45 -16.84 -17.95
CA ALA A 482 20.05 -15.60 -18.43
C ALA A 482 21.47 -15.83 -18.95
N ARG A 483 22.25 -16.69 -18.28
CA ARG A 483 23.61 -17.03 -18.75
C ARG A 483 23.56 -17.58 -20.18
N ALA A 484 22.73 -18.60 -20.38
CA ALA A 484 22.54 -19.19 -21.69
C ALA A 484 22.06 -18.15 -22.72
N TYR A 485 21.05 -17.39 -22.34
CA TYR A 485 20.51 -16.30 -23.16
C TYR A 485 21.60 -15.33 -23.55
N SER A 486 22.43 -14.96 -22.58
CA SER A 486 23.55 -14.08 -22.85
C SER A 486 24.55 -14.77 -23.78
N GLU A 487 24.57 -16.10 -23.76
CA GLU A 487 25.52 -16.87 -24.56
C GLU A 487 25.04 -17.20 -26.00
N VAL A 488 23.88 -17.84 -26.15
CA VAL A 488 23.44 -18.39 -27.45
C VAL A 488 22.07 -17.84 -27.88
N GLY A 489 21.72 -16.68 -27.33
CA GLY A 489 20.46 -16.01 -27.61
C GLY A 489 19.19 -16.83 -27.54
N MET A 490 18.34 -16.69 -28.56
CA MET A 490 17.04 -17.34 -28.60
C MET A 490 17.05 -18.88 -28.58
N ARG A 491 18.17 -19.52 -28.93
CA ARG A 491 18.23 -20.98 -28.83
C ARG A 491 18.09 -21.41 -27.36
N ALA A 492 18.60 -20.57 -26.45
CA ALA A 492 18.48 -20.84 -25.03
C ALA A 492 17.02 -20.90 -24.59
N TYR A 493 16.22 -19.94 -25.04
CA TYR A 493 14.82 -19.90 -24.67
C TYR A 493 14.07 -21.16 -25.15
N GLY A 494 14.34 -21.57 -26.38
CA GLY A 494 13.73 -22.78 -26.94
C GLY A 494 14.22 -24.09 -26.32
N GLU A 495 15.52 -24.16 -26.05
CA GLU A 495 16.16 -25.32 -25.42
C GLU A 495 15.74 -25.53 -23.95
N LEU A 496 15.92 -24.46 -23.17
CA LEU A 496 15.83 -24.49 -21.72
C LEU A 496 14.43 -24.17 -21.18
N VAL A 497 13.62 -23.45 -21.95
CA VAL A 497 12.33 -23.02 -21.44
C VAL A 497 11.14 -23.59 -22.22
N GLN A 498 10.98 -23.13 -23.47
CA GLN A 498 9.75 -23.41 -24.20
C GLN A 498 9.51 -24.89 -24.53
N GLU A 499 10.52 -25.57 -25.04
CA GLU A 499 10.37 -26.99 -25.38
C GLU A 499 10.13 -27.87 -24.13
N PRO A 500 10.92 -27.67 -23.05
CA PRO A 500 10.61 -28.45 -21.85
C PRO A 500 9.22 -28.19 -21.31
N GLU A 501 8.75 -26.95 -21.41
CA GLU A 501 7.38 -26.63 -20.98
C GLU A 501 6.37 -27.47 -21.73
N MET A 502 6.54 -27.51 -23.05
CA MET A 502 5.63 -28.23 -23.94
C MET A 502 5.67 -29.75 -23.68
N GLU A 503 6.86 -30.31 -23.55
CA GLU A 503 7.03 -31.73 -23.23
C GLU A 503 6.41 -32.09 -21.87
N LEU A 504 6.60 -31.22 -20.87
CA LEU A 504 6.06 -31.47 -19.53
C LEU A 504 4.59 -31.10 -19.39
N GLY A 505 4.02 -30.54 -20.46
CA GLY A 505 2.63 -30.12 -20.49
C GLY A 505 2.28 -29.00 -19.52
N VAL A 506 3.18 -28.03 -19.36
CA VAL A 506 2.93 -26.91 -18.45
C VAL A 506 1.86 -25.97 -19.01
N ASP A 507 0.73 -25.88 -18.30
CA ASP A 507 -0.44 -25.13 -18.74
C ASP A 507 -0.14 -23.65 -19.06
N VAL A 508 0.78 -23.06 -18.31
CA VAL A 508 1.24 -21.68 -18.54
C VAL A 508 1.84 -21.46 -19.94
N VAL A 509 2.20 -22.55 -20.64
CA VAL A 509 2.92 -22.39 -21.92
C VAL A 509 1.99 -21.86 -23.03
N LYS A 510 0.72 -22.21 -22.95
CA LYS A 510 -0.32 -21.58 -23.74
C LYS A 510 -0.82 -20.40 -22.88
N HIS A 511 -0.02 -19.33 -22.81
CA HIS A 511 -0.16 -18.36 -21.73
C HIS A 511 -1.39 -17.45 -21.78
N GLN A 512 -2.03 -17.30 -22.93
CA GLN A 512 -3.24 -16.50 -22.98
C GLN A 512 -4.38 -17.25 -22.32
N LYS A 513 -4.50 -18.53 -22.65
CA LYS A 513 -5.54 -19.35 -22.06
C LYS A 513 -5.37 -19.36 -20.54
N TRP A 514 -4.15 -19.64 -20.10
CA TRP A 514 -3.79 -19.70 -18.68
C TRP A 514 -4.13 -18.43 -17.88
N SER A 515 -3.88 -17.26 -18.47
CA SER A 515 -4.19 -16.00 -17.82
C SER A 515 -5.69 -15.73 -17.75
N GLY A 516 -6.49 -16.59 -18.38
CA GLY A 516 -7.92 -16.38 -18.41
C GLY A 516 -8.47 -15.54 -19.57
N ALA A 517 -7.79 -15.53 -20.72
CA ALA A 517 -8.23 -14.77 -21.90
C ALA A 517 -9.66 -15.17 -22.35
N THR A 518 -9.93 -16.47 -22.36
CA THR A 518 -11.26 -16.99 -22.67
C THR A 518 -12.33 -16.70 -21.58
N TYR A 519 -11.94 -16.76 -20.31
CA TYR A 519 -12.90 -16.52 -19.21
C TYR A 519 -13.43 -15.10 -19.29
N VAL A 520 -12.53 -14.16 -19.54
CA VAL A 520 -12.87 -12.76 -19.63
C VAL A 520 -13.64 -12.43 -20.93
N ASP A 521 -13.31 -13.16 -21.99
CA ASP A 521 -14.02 -12.97 -23.24
C ASP A 521 -15.49 -13.42 -23.13
N GLU A 522 -15.72 -14.53 -22.43
CA GLU A 522 -17.10 -14.99 -22.22
C GLU A 522 -17.80 -14.10 -21.19
N LEU A 523 -17.01 -13.33 -20.46
CA LEU A 523 -17.55 -12.39 -19.50
C LEU A 523 -18.10 -11.14 -20.21
N GLN A 524 -17.29 -10.55 -21.09
CA GLN A 524 -17.70 -9.38 -21.84
C GLN A 524 -18.75 -9.66 -22.93
N LYS A 525 -18.78 -10.90 -23.47
CA LYS A 525 -19.85 -11.26 -24.41
C LYS A 525 -21.18 -11.39 -23.66
N MET A 526 -21.13 -11.96 -22.47
CA MET A 526 -22.30 -12.06 -21.61
C MET A 526 -22.94 -10.69 -21.31
N VAL A 527 -22.10 -9.67 -21.25
CA VAL A 527 -22.57 -8.33 -20.89
C VAL A 527 -23.04 -7.52 -22.10
N THR A 528 -22.46 -7.77 -23.27
CA THR A 528 -22.81 -7.00 -24.48
C THR A 528 -24.04 -7.55 -25.23
N LYS B 4 1.30 38.14 12.43
CA LYS B 4 1.75 37.92 11.06
C LYS B 4 3.27 37.64 10.99
N ASN B 5 3.79 36.98 12.02
CA ASN B 5 5.22 36.64 12.08
C ASN B 5 5.66 35.59 11.06
N MET B 6 4.76 34.67 10.71
CA MET B 6 5.12 33.54 9.85
C MET B 6 4.66 33.69 8.39
N VAL B 7 4.13 34.85 8.03
CA VAL B 7 3.67 35.05 6.66
C VAL B 7 4.84 35.52 5.79
N ASN B 8 5.01 34.83 4.68
CA ASN B 8 6.06 35.12 3.70
C ASN B 8 5.56 34.62 2.35
N PRO B 9 5.98 35.28 1.25
CA PRO B 9 5.39 35.08 -0.09
C PRO B 9 5.64 33.75 -0.82
N ALA B 10 6.79 33.10 -0.65
CA ALA B 10 7.25 32.06 -1.59
C ALA B 10 7.61 32.68 -2.90
N VAL B 11 8.90 32.93 -3.06
CA VAL B 11 9.44 33.78 -4.13
C VAL B 11 9.00 35.25 -3.99
N GLU B 12 9.98 36.10 -3.73
CA GLU B 12 9.81 37.53 -3.67
C GLU B 12 9.52 38.07 -5.05
N PRO B 13 8.43 38.85 -5.19
CA PRO B 13 7.99 39.40 -6.47
C PRO B 13 9.07 40.17 -7.26
N SER B 14 10.13 40.63 -6.56
CA SER B 14 11.22 41.35 -7.21
C SER B 14 12.22 40.41 -7.89
N MET B 15 11.93 39.11 -7.90
CA MET B 15 12.84 38.12 -8.49
C MET B 15 12.15 37.11 -9.43
N GLU B 16 10.82 37.08 -9.40
CA GLU B 16 10.03 36.13 -10.20
C GLU B 16 10.47 36.10 -11.67
N ASP B 17 10.39 37.25 -12.35
CA ASP B 17 10.73 37.37 -13.76
C ASP B 17 12.18 36.99 -14.02
N ASP B 18 13.04 37.32 -13.06
CA ASP B 18 14.47 37.18 -13.24
C ASP B 18 14.95 35.73 -13.04
N LEU B 19 14.17 34.95 -12.29
CA LEU B 19 14.42 33.52 -12.10
C LEU B 19 13.87 32.71 -13.27
N PHE B 20 12.73 33.15 -13.79
CA PHE B 20 12.12 32.50 -14.94
C PHE B 20 13.06 32.54 -16.15
N ALA B 21 13.65 33.70 -16.39
CA ALA B 21 14.67 33.88 -17.43
C ALA B 21 15.86 32.94 -17.25
N ARG B 22 16.38 32.92 -16.03
CA ARG B 22 17.50 32.06 -15.66
C ARG B 22 17.21 30.58 -15.91
N GLU B 23 15.94 30.19 -15.78
CA GLU B 23 15.54 28.80 -15.93
C GLU B 23 15.32 28.44 -17.41
N VAL B 24 14.64 29.31 -18.17
CA VAL B 24 14.48 29.07 -19.60
C VAL B 24 15.82 28.97 -20.33
N ALA B 25 16.78 29.77 -19.90
CA ALA B 25 18.14 29.68 -20.43
C ALA B 25 18.79 28.32 -20.13
N GLU B 26 18.47 27.73 -18.98
CA GLU B 26 19.00 26.42 -18.59
C GLU B 26 18.34 25.29 -19.38
N VAL B 27 17.05 25.43 -19.64
CA VAL B 27 16.29 24.42 -20.37
C VAL B 27 16.64 24.41 -21.86
N LYS B 28 16.71 25.60 -22.48
CA LYS B 28 17.15 25.74 -23.87
C LYS B 28 18.58 25.20 -24.05
N GLN B 29 19.45 25.45 -23.09
CA GLN B 29 20.81 24.96 -23.13
C GLN B 29 20.88 23.44 -22.89
N TRP B 30 19.97 22.91 -22.08
CA TRP B 30 19.80 21.46 -21.91
C TRP B 30 19.31 20.77 -23.21
N TRP B 31 18.40 21.45 -23.91
CA TRP B 31 17.76 20.91 -25.12
C TRP B 31 18.70 20.89 -26.34
N SER B 32 19.84 21.55 -26.18
CA SER B 32 20.85 21.62 -27.22
C SER B 32 21.83 20.45 -27.13
N ASP B 33 21.66 19.60 -26.12
CA ASP B 33 22.55 18.47 -25.92
C ASP B 33 22.23 17.43 -27.00
N PRO B 34 23.27 16.76 -27.51
CA PRO B 34 23.14 15.79 -28.61
C PRO B 34 22.12 14.68 -28.32
N ARG B 35 21.79 14.47 -27.04
CA ARG B 35 20.68 13.59 -26.65
C ARG B 35 19.39 13.91 -27.43
N TRP B 36 19.22 15.18 -27.81
CA TRP B 36 17.95 15.62 -28.38
C TRP B 36 18.01 15.90 -29.88
N ARG B 37 19.15 15.60 -30.52
CA ARG B 37 19.36 15.92 -31.94
C ARG B 37 18.31 15.28 -32.89
N TYR B 38 17.69 14.17 -32.48
CA TYR B 38 16.60 13.55 -33.28
C TYR B 38 15.19 13.87 -32.78
N THR B 39 15.05 14.81 -31.84
CA THR B 39 13.78 14.96 -31.15
C THR B 39 13.06 16.26 -31.50
N LYS B 40 11.75 16.16 -31.72
CA LYS B 40 10.94 17.30 -32.08
C LYS B 40 10.02 17.72 -30.94
N ARG B 41 10.12 18.97 -30.55
CA ARG B 41 9.33 19.51 -29.47
C ARG B 41 8.44 20.62 -29.96
N PRO B 42 7.13 20.37 -30.10
CA PRO B 42 6.14 21.35 -30.56
C PRO B 42 5.74 22.34 -29.49
N PHE B 43 6.52 22.38 -28.42
CA PHE B 43 6.34 23.34 -27.34
C PHE B 43 7.69 24.00 -27.09
N THR B 44 7.68 25.11 -26.36
CA THR B 44 8.91 25.84 -26.11
C THR B 44 9.35 25.76 -24.65
N ALA B 45 10.60 26.14 -24.41
CA ALA B 45 11.16 26.15 -23.06
C ALA B 45 10.35 27.02 -22.12
N GLU B 46 9.70 28.04 -22.67
CA GLU B 46 8.94 29.00 -21.88
C GLU B 46 7.66 28.37 -21.33
N GLN B 47 7.00 27.56 -22.16
CA GLN B 47 5.74 26.90 -21.76
C GLN B 47 6.00 25.77 -20.76
N ILE B 48 7.16 25.13 -20.89
CA ILE B 48 7.57 24.05 -20.01
C ILE B 48 7.93 24.60 -18.64
N VAL B 49 8.74 25.65 -18.59
CA VAL B 49 9.16 26.22 -17.31
C VAL B 49 7.99 26.89 -16.55
N SER B 50 7.02 27.42 -17.28
CA SER B 50 5.87 28.07 -16.65
C SER B 50 4.90 27.07 -16.04
N LYS B 51 5.22 25.78 -16.10
CA LYS B 51 4.40 24.72 -15.48
C LYS B 51 5.15 24.11 -14.28
N ARG B 52 6.43 24.41 -14.22
CA ARG B 52 7.29 24.00 -13.13
C ARG B 52 7.00 24.80 -11.85
N GLY B 53 7.30 24.22 -10.69
CA GLY B 53 7.23 24.97 -9.46
C GLY B 53 8.57 25.51 -9.00
N ASN B 54 8.64 25.94 -7.74
CA ASN B 54 9.83 26.61 -7.20
C ASN B 54 10.84 25.68 -6.52
N LEU B 55 10.51 24.40 -6.41
CA LEU B 55 11.45 23.46 -5.81
C LEU B 55 11.90 22.44 -6.83
N LYS B 56 13.17 22.52 -7.23
CA LYS B 56 13.73 21.61 -8.23
C LYS B 56 14.00 20.21 -7.66
N ILE B 57 13.30 19.21 -8.21
CA ILE B 57 13.50 17.81 -7.85
C ILE B 57 14.41 17.07 -8.84
N GLU B 58 15.36 16.32 -8.31
CA GLU B 58 16.22 15.50 -9.14
C GLU B 58 15.95 14.02 -8.89
N TYR B 59 15.84 13.26 -9.96
CA TYR B 59 15.46 11.86 -9.90
C TYR B 59 16.57 10.93 -10.40
N PRO B 60 16.77 9.78 -9.73
CA PRO B 60 17.76 8.79 -10.19
C PRO B 60 17.29 8.08 -11.44
N SER B 61 16.01 8.24 -11.75
CA SER B 61 15.49 7.80 -13.03
C SER B 61 16.36 8.39 -14.14
N ASN B 62 16.67 9.66 -13.96
CA ASN B 62 17.39 10.43 -14.95
C ASN B 62 18.77 9.85 -15.23
N ALA B 63 19.47 9.46 -14.17
CA ALA B 63 20.79 8.89 -14.31
C ALA B 63 20.76 7.59 -15.10
N GLN B 64 19.70 6.80 -14.93
CA GLN B 64 19.54 5.54 -15.65
C GLN B 64 19.10 5.73 -17.10
N SER B 65 18.29 6.76 -17.34
CA SER B 65 17.96 7.18 -18.70
C SER B 65 19.24 7.50 -19.49
N LYS B 66 20.11 8.30 -18.87
CA LYS B 66 21.37 8.66 -19.47
C LYS B 66 22.21 7.43 -19.75
N LYS B 67 22.24 6.52 -18.77
CA LYS B 67 23.03 5.30 -18.86
C LYS B 67 22.49 4.44 -19.99
N LEU B 68 21.17 4.35 -20.08
CA LEU B 68 20.53 3.64 -21.17
C LEU B 68 20.85 4.24 -22.53
N TRP B 69 20.85 5.58 -22.60
CA TRP B 69 21.08 6.29 -23.86
C TRP B 69 22.47 6.04 -24.43
N LYS B 70 23.47 6.17 -23.56
CA LYS B 70 24.86 5.82 -23.91
C LYS B 70 24.95 4.38 -24.45
N ILE B 71 24.36 3.44 -23.71
CA ILE B 71 24.35 2.03 -24.13
C ILE B 71 23.77 1.81 -25.53
N LEU B 72 22.54 2.29 -25.72
CA LEU B 72 21.79 1.99 -26.92
C LEU B 72 22.38 2.67 -28.16
N GLU B 73 23.16 3.74 -27.95
CA GLU B 73 23.79 4.46 -29.08
C GLU B 73 25.02 3.71 -29.61
N GLY B 74 25.88 3.28 -28.70
CA GLY B 74 26.95 2.39 -29.10
C GLY B 74 26.38 1.13 -29.72
N ARG B 75 25.20 0.73 -29.28
CA ARG B 75 24.53 -0.44 -29.85
C ARG B 75 24.11 -0.22 -31.29
N PHE B 76 23.63 0.98 -31.57
CA PHE B 76 23.12 1.34 -32.88
C PHE B 76 24.29 1.65 -33.81
N GLN B 77 25.25 2.40 -33.31
CA GLN B 77 26.40 2.78 -34.10
C GLN B 77 27.22 1.56 -34.51
N LYS B 78 27.33 0.56 -33.63
CA LYS B 78 28.04 -0.69 -33.97
C LYS B 78 27.14 -1.77 -34.60
N ARG B 79 25.88 -1.41 -34.85
CA ARG B 79 24.85 -2.37 -35.27
C ARG B 79 24.84 -3.66 -34.43
N ASP B 80 25.01 -3.50 -33.12
CA ASP B 80 24.80 -4.58 -32.15
C ASP B 80 23.43 -4.41 -31.46
N ALA B 81 23.22 -5.17 -30.38
CA ALA B 81 21.96 -5.14 -29.63
C ALA B 81 22.14 -5.46 -28.14
N SER B 82 21.50 -4.67 -27.29
CA SER B 82 21.29 -5.10 -25.92
C SER B 82 19.97 -5.86 -25.93
N TYR B 83 19.96 -7.01 -25.26
CA TYR B 83 18.73 -7.78 -25.19
C TYR B 83 18.49 -8.32 -23.78
N THR B 84 17.23 -8.39 -23.39
CA THR B 84 16.89 -8.85 -22.05
C THR B 84 15.58 -9.57 -22.08
N TYR B 85 14.98 -9.70 -20.90
CA TYR B 85 13.66 -10.27 -20.85
C TYR B 85 12.85 -9.72 -19.71
N GLY B 86 11.62 -10.21 -19.61
CA GLY B 86 10.64 -9.61 -18.74
C GLY B 86 10.71 -10.15 -17.33
N CYS B 87 11.22 -9.32 -16.43
CA CYS B 87 11.53 -9.74 -15.06
C CYS B 87 10.36 -9.59 -14.07
N LEU B 88 10.18 -10.58 -13.20
CA LEU B 88 9.02 -10.60 -12.29
C LEU B 88 9.22 -9.86 -10.98
N GLU B 89 10.45 -9.87 -10.47
CA GLU B 89 10.63 -9.77 -9.04
C GLU B 89 12.14 -9.79 -8.70
N PRO B 90 12.55 -9.22 -7.53
CA PRO B 90 13.96 -8.96 -7.17
C PRO B 90 14.96 -10.13 -7.19
N THR B 91 14.57 -11.34 -6.78
CA THR B 91 15.48 -12.47 -6.91
C THR B 91 15.97 -12.64 -8.36
N MET B 92 15.02 -12.63 -9.29
CA MET B 92 15.29 -12.74 -10.72
C MET B 92 16.15 -11.57 -11.25
N VAL B 93 15.86 -10.36 -10.80
CA VAL B 93 16.61 -9.20 -11.28
C VAL B 93 18.09 -9.23 -10.85
N THR B 94 18.35 -9.75 -9.64
CA THR B 94 19.70 -9.88 -9.10
C THR B 94 20.55 -10.91 -9.86
N GLN B 95 19.89 -11.89 -10.45
CA GLN B 95 20.59 -12.86 -11.28
C GLN B 95 20.77 -12.37 -12.76
N MET B 96 19.76 -11.72 -13.33
CA MET B 96 19.90 -11.11 -14.65
C MET B 96 21.03 -10.08 -14.70
N ALA B 97 21.29 -9.40 -13.59
CA ALA B 97 22.25 -8.30 -13.61
C ALA B 97 23.67 -8.77 -13.97
N LYS B 98 23.95 -10.07 -13.81
CA LYS B 98 25.30 -10.57 -14.05
C LYS B 98 25.61 -10.72 -15.54
N TYR B 99 24.55 -10.77 -16.34
CA TYR B 99 24.69 -11.19 -17.72
C TYR B 99 23.96 -10.28 -18.72
N LEU B 100 23.04 -9.46 -18.21
CA LEU B 100 22.23 -8.60 -19.06
C LEU B 100 22.25 -7.15 -18.57
N ASP B 101 22.32 -6.20 -19.49
CA ASP B 101 22.56 -4.82 -19.11
C ASP B 101 21.28 -3.97 -19.11
N THR B 102 20.17 -4.58 -19.49
CA THR B 102 18.88 -3.91 -19.40
C THR B 102 17.86 -4.81 -18.72
N VAL B 103 16.81 -4.19 -18.22
CA VAL B 103 15.72 -4.89 -17.58
C VAL B 103 14.43 -4.48 -18.26
N TYR B 104 13.58 -5.45 -18.59
CA TYR B 104 12.25 -5.15 -19.09
C TYR B 104 11.17 -5.41 -18.04
N VAL B 105 10.21 -4.48 -17.92
CA VAL B 105 9.03 -4.71 -17.06
C VAL B 105 7.76 -4.76 -17.90
N SER B 106 7.26 -5.97 -18.07
CA SER B 106 6.06 -6.26 -18.85
C SER B 106 4.72 -5.96 -18.15
N GLY B 107 3.82 -5.31 -18.88
CA GLY B 107 2.42 -5.17 -18.51
C GLY B 107 1.67 -6.49 -18.54
N TRP B 108 2.05 -7.37 -19.47
CA TRP B 108 1.44 -8.71 -19.56
C TRP B 108 1.73 -9.50 -18.27
N GLN B 109 3.00 -9.55 -17.88
CA GLN B 109 3.37 -10.23 -16.64
C GLN B 109 2.75 -9.52 -15.43
N SER B 110 2.57 -8.20 -15.55
CA SER B 110 2.05 -7.42 -14.44
C SER B 110 0.55 -7.64 -14.28
N SER B 111 -0.13 -7.85 -15.40
CA SER B 111 -1.56 -8.13 -15.38
C SER B 111 -1.82 -9.44 -14.61
N SER B 112 -0.90 -10.40 -14.73
CA SER B 112 -1.11 -11.72 -14.13
C SER B 112 -0.35 -11.93 -12.81
N THR B 113 0.59 -11.04 -12.50
CA THR B 113 1.41 -11.23 -11.30
C THR B 113 1.60 -10.02 -10.38
N ALA B 114 1.12 -8.83 -10.76
CA ALA B 114 1.54 -7.63 -10.04
C ALA B 114 0.59 -6.41 -10.01
N SER B 115 -0.68 -6.61 -10.36
CA SER B 115 -1.71 -5.57 -10.25
C SER B 115 -1.77 -4.98 -8.83
N SER B 116 -1.88 -3.65 -8.77
CA SER B 116 -2.01 -2.91 -7.50
C SER B 116 -3.24 -3.30 -6.69
N SER B 117 -4.17 -4.03 -7.28
CA SER B 117 -5.39 -4.37 -6.57
C SER B 117 -5.41 -5.85 -6.22
N ASP B 118 -4.38 -6.55 -6.69
CA ASP B 118 -4.16 -8.00 -6.50
C ASP B 118 -5.11 -8.83 -7.36
N GLU B 119 -6.01 -8.15 -8.05
CA GLU B 119 -6.90 -8.83 -8.97
C GLU B 119 -6.18 -9.03 -10.31
N PRO B 120 -5.90 -10.29 -10.65
CA PRO B 120 -5.13 -10.65 -11.84
C PRO B 120 -6.04 -10.89 -13.02
N GLY B 121 -5.45 -11.15 -14.18
CA GLY B 121 -6.22 -11.38 -15.40
C GLY B 121 -5.41 -11.19 -16.67
N PRO B 122 -6.04 -11.44 -17.82
CA PRO B 122 -5.36 -11.29 -19.11
C PRO B 122 -4.91 -9.84 -19.37
N ASP B 123 -4.06 -9.70 -20.39
CA ASP B 123 -3.44 -8.43 -20.73
C ASP B 123 -4.42 -7.52 -21.49
N LEU B 124 -5.15 -6.70 -20.73
CA LEU B 124 -6.16 -5.77 -21.24
C LEU B 124 -5.92 -4.34 -20.78
N ALA B 125 -4.78 -4.12 -20.12
CA ALA B 125 -4.45 -2.86 -19.46
C ALA B 125 -5.60 -2.30 -18.60
N ASP B 126 -6.37 -3.22 -18.01
CA ASP B 126 -7.46 -2.86 -17.11
C ASP B 126 -7.09 -3.02 -15.62
N TYR B 127 -5.81 -3.23 -15.35
CA TYR B 127 -5.32 -3.05 -14.00
C TYR B 127 -5.21 -1.55 -13.73
N PRO B 128 -5.30 -1.14 -12.46
CA PRO B 128 -5.06 0.26 -12.12
C PRO B 128 -3.66 0.68 -12.54
N TYR B 129 -3.47 1.95 -12.88
CA TYR B 129 -2.26 2.31 -13.63
C TYR B 129 -1.05 2.55 -12.77
N THR B 130 -1.16 2.29 -11.48
CA THR B 130 -0.02 2.38 -10.59
C THR B 130 0.79 1.09 -10.69
N THR B 131 0.10 0.06 -11.18
CA THR B 131 0.63 -1.29 -11.35
C THR B 131 2.06 -1.35 -11.91
N VAL B 132 2.25 -0.99 -13.18
CA VAL B 132 3.57 -1.18 -13.76
C VAL B 132 4.62 -0.28 -13.10
N PRO B 133 4.31 1.00 -12.85
CA PRO B 133 5.30 1.79 -12.10
C PRO B 133 5.67 1.21 -10.73
N ASN B 134 4.69 0.72 -9.98
CA ASN B 134 4.98 0.09 -8.68
C ASN B 134 5.94 -1.10 -8.81
N LYS B 135 5.86 -1.83 -9.92
CA LYS B 135 6.77 -2.96 -10.20
C LYS B 135 8.19 -2.47 -10.53
N VAL B 136 8.28 -1.39 -11.30
CA VAL B 136 9.56 -0.76 -11.57
C VAL B 136 10.25 -0.38 -10.27
N SER B 137 9.49 0.11 -9.29
CA SER B 137 10.10 0.53 -8.03
C SER B 137 10.59 -0.69 -7.22
N HIS B 138 9.72 -1.70 -7.13
CA HIS B 138 10.03 -3.02 -6.58
C HIS B 138 11.39 -3.55 -7.05
N LEU B 139 11.70 -3.40 -8.34
CA LEU B 139 12.98 -3.85 -8.88
C LEU B 139 14.09 -2.84 -8.63
N PHE B 140 13.81 -1.57 -8.86
CA PHE B 140 14.83 -0.56 -8.71
C PHE B 140 15.35 -0.47 -7.27
N MET B 141 14.45 -0.51 -6.30
CA MET B 141 14.83 -0.51 -4.87
C MET B 141 15.62 -1.78 -4.47
N ALA B 142 15.37 -2.88 -5.16
CA ALA B 142 16.17 -4.08 -4.95
C ALA B 142 17.55 -3.96 -5.63
N GLN B 143 17.59 -3.38 -6.82
CA GLN B 143 18.86 -3.07 -7.49
C GLN B 143 19.72 -2.16 -6.61
N LEU B 144 19.11 -1.08 -6.17
CA LEU B 144 19.78 -0.10 -5.33
C LEU B 144 20.40 -0.71 -4.08
N PHE B 145 19.66 -1.63 -3.48
CA PHE B 145 20.02 -2.24 -2.21
C PHE B 145 21.22 -3.16 -2.37
N HIS B 146 21.16 -4.01 -3.38
CA HIS B 146 22.23 -4.97 -3.62
C HIS B 146 23.51 -4.27 -4.04
N ASP B 147 23.36 -3.12 -4.70
CA ASP B 147 24.51 -2.27 -5.01
C ASP B 147 25.21 -1.85 -3.70
N ARG B 148 24.44 -1.33 -2.75
CA ARG B 148 24.96 -0.94 -1.43
C ARG B 148 25.64 -2.12 -0.70
N LYS B 149 24.98 -3.26 -0.70
CA LYS B 149 25.50 -4.48 -0.06
C LYS B 149 26.85 -4.90 -0.61
N GLN B 150 26.93 -4.93 -1.94
CA GLN B 150 28.14 -5.35 -2.63
C GLN B 150 29.28 -4.36 -2.46
N ARG B 151 28.96 -3.06 -2.58
CA ARG B 151 29.99 -2.03 -2.45
C ARG B 151 30.68 -2.17 -1.11
N HIS B 152 29.87 -2.40 -0.09
CA HIS B 152 30.34 -2.50 1.28
C HIS B 152 31.25 -3.70 1.46
N GLU B 153 30.86 -4.82 0.88
CA GLU B 153 31.67 -6.04 0.98
C GLU B 153 33.02 -5.81 0.32
N ARG B 154 33.02 -5.09 -0.81
CA ARG B 154 34.24 -4.83 -1.56
C ARG B 154 35.17 -3.89 -0.79
N LEU B 155 34.69 -2.69 -0.52
CA LEU B 155 35.45 -1.68 0.20
C LEU B 155 35.90 -2.12 1.60
N SER B 156 35.23 -3.09 2.18
CA SER B 156 35.59 -3.56 3.52
C SER B 156 36.82 -4.44 3.47
N ALA B 157 36.96 -5.18 2.39
CA ALA B 157 38.10 -6.07 2.21
C ALA B 157 39.28 -5.30 1.63
N PRO B 158 40.51 -5.83 1.81
CA PRO B 158 41.72 -5.28 1.18
C PRO B 158 41.65 -5.28 -0.35
N LYS B 159 42.13 -4.23 -1.00
CA LYS B 159 42.15 -4.15 -2.46
C LYS B 159 42.65 -5.43 -3.16
N SER B 160 43.67 -6.04 -2.57
CA SER B 160 44.27 -7.23 -3.13
C SER B 160 43.27 -8.38 -3.17
N GLU B 161 42.35 -8.38 -2.20
CA GLU B 161 41.38 -9.46 -2.02
C GLU B 161 40.06 -9.31 -2.79
N ARG B 162 39.85 -8.15 -3.41
CA ARG B 162 38.56 -7.87 -4.03
C ARG B 162 38.38 -8.69 -5.33
N SER B 163 39.48 -9.23 -5.83
CA SER B 163 39.48 -10.08 -7.02
C SER B 163 38.68 -11.37 -6.81
N LYS B 164 38.57 -11.79 -5.53
CA LYS B 164 37.86 -13.01 -5.17
C LYS B 164 36.37 -12.74 -4.91
N LEU B 165 36.02 -11.46 -4.81
CA LEU B 165 34.65 -11.05 -4.53
C LEU B 165 33.89 -10.80 -5.81
N GLN B 166 32.57 -10.92 -5.74
CA GLN B 166 31.73 -10.63 -6.89
C GLN B 166 31.68 -9.11 -7.19
N ASN B 167 31.63 -8.77 -8.48
CA ASN B 167 31.45 -7.38 -8.88
C ASN B 167 30.31 -7.19 -9.90
N ILE B 168 29.08 -7.40 -9.43
CA ILE B 168 27.89 -7.32 -10.26
C ILE B 168 27.34 -5.90 -10.43
N ASP B 169 27.00 -5.55 -11.67
CA ASP B 169 26.31 -4.29 -11.97
C ASP B 169 24.82 -4.47 -11.78
N TYR B 170 24.33 -4.08 -10.61
CA TYR B 170 22.92 -4.25 -10.31
C TYR B 170 22.04 -3.12 -10.90
N LEU B 171 22.68 -1.99 -11.16
CA LEU B 171 22.00 -0.81 -11.67
C LEU B 171 21.75 -0.87 -13.19
N ARG B 172 21.01 -1.89 -13.60
CA ARG B 172 20.64 -2.08 -14.98
C ARG B 172 19.36 -1.32 -15.29
N PRO B 173 19.43 -0.42 -16.29
CA PRO B 173 18.30 0.49 -16.54
C PRO B 173 17.06 -0.25 -16.97
N ILE B 174 15.92 0.24 -16.49
CA ILE B 174 14.64 -0.45 -16.64
C ILE B 174 13.78 0.19 -17.71
N ILE B 175 13.24 -0.63 -18.59
CA ILE B 175 12.23 -0.16 -19.53
C ILE B 175 10.89 -0.80 -19.21
N ALA B 176 9.85 0.02 -19.13
CA ALA B 176 8.55 -0.51 -18.77
C ALA B 176 7.42 -0.14 -19.75
N ASP B 177 6.32 -0.89 -19.62
CA ASP B 177 5.13 -0.79 -20.43
C ASP B 177 4.13 0.25 -19.84
N ALA B 178 3.92 1.34 -20.58
CA ALA B 178 2.91 2.35 -20.20
C ALA B 178 1.59 2.07 -20.90
N ASP B 179 1.50 0.88 -21.48
CA ASP B 179 0.37 0.48 -22.32
C ASP B 179 -0.03 1.53 -23.34
N THR B 180 -1.24 1.99 -23.20
CA THR B 180 -1.87 2.95 -24.10
C THR B 180 -1.73 4.36 -23.52
N GLY B 181 -1.33 4.40 -22.24
CA GLY B 181 -1.25 5.64 -21.49
C GLY B 181 -2.31 5.76 -20.40
N HIS B 182 -3.17 4.74 -20.32
CA HIS B 182 -4.28 4.67 -19.36
C HIS B 182 -5.16 5.93 -19.31
N GLY B 183 -5.69 6.32 -20.46
CA GLY B 183 -6.63 7.42 -20.50
C GLY B 183 -6.32 8.52 -21.53
N GLY B 184 -6.76 9.72 -21.20
CA GLY B 184 -6.41 10.89 -21.95
C GLY B 184 -5.01 11.39 -21.67
N LEU B 185 -4.69 12.57 -22.18
CA LEU B 185 -3.33 13.10 -22.11
C LEU B 185 -2.99 13.67 -20.73
N THR B 186 -3.99 13.88 -19.90
CA THR B 186 -3.74 14.19 -18.49
C THR B 186 -3.27 12.94 -17.74
N ALA B 187 -3.84 11.80 -18.09
CA ALA B 187 -3.42 10.54 -17.49
C ALA B 187 -2.01 10.17 -17.97
N VAL B 188 -1.73 10.41 -19.24
CA VAL B 188 -0.43 10.05 -19.80
C VAL B 188 0.70 10.74 -19.04
N MET B 189 0.50 12.02 -18.74
CA MET B 189 1.51 12.82 -18.03
C MET B 189 1.67 12.35 -16.58
N LYS B 190 0.55 11.98 -15.96
CA LYS B 190 0.56 11.46 -14.59
C LYS B 190 1.27 10.12 -14.51
N LEU B 191 0.93 9.23 -15.43
CA LEU B 191 1.59 7.93 -15.54
C LEU B 191 3.10 8.07 -15.74
N THR B 192 3.46 8.94 -16.66
CA THR B 192 4.84 9.28 -16.96
C THR B 192 5.53 9.78 -15.68
N LYS B 193 4.81 10.60 -14.93
CA LYS B 193 5.32 11.16 -13.68
C LYS B 193 5.65 10.05 -12.65
N LEU B 194 4.79 9.05 -12.56
CA LEU B 194 5.06 7.90 -11.70
C LEU B 194 6.27 7.10 -12.17
N PHE B 195 6.33 6.79 -13.47
CA PHE B 195 7.48 6.08 -14.02
C PHE B 195 8.80 6.78 -13.69
N ILE B 196 8.81 8.11 -13.76
CA ILE B 196 10.03 8.85 -13.45
C ILE B 196 10.29 8.91 -11.93
N GLU B 197 9.26 9.20 -11.14
CA GLU B 197 9.38 9.16 -9.66
C GLU B 197 9.82 7.78 -9.15
N LYS B 198 9.56 6.72 -9.92
CA LYS B 198 9.81 5.37 -9.44
C LYS B 198 11.06 4.68 -10.04
N GLY B 199 11.81 5.38 -10.88
CA GLY B 199 13.08 4.84 -11.35
C GLY B 199 13.20 4.36 -12.79
N ALA B 200 12.14 4.47 -13.58
CA ALA B 200 12.19 3.97 -14.95
C ALA B 200 13.17 4.77 -15.81
N ALA B 201 13.92 4.07 -16.65
CA ALA B 201 14.88 4.72 -17.54
C ALA B 201 14.24 5.00 -18.90
N GLY B 202 13.20 4.23 -19.21
CA GLY B 202 12.44 4.47 -20.42
C GLY B 202 11.13 3.70 -20.46
N ILE B 203 10.18 4.22 -21.22
CA ILE B 203 8.88 3.59 -21.35
C ILE B 203 8.43 3.47 -22.80
N HIS B 204 7.53 2.53 -23.06
CA HIS B 204 6.92 2.39 -24.38
C HIS B 204 5.40 2.53 -24.34
N ILE B 205 4.85 3.17 -25.37
CA ILE B 205 3.41 3.44 -25.44
C ILE B 205 2.90 3.11 -26.85
N GLU B 206 1.69 2.56 -26.92
CA GLU B 206 1.21 1.90 -28.14
C GLU B 206 -0.04 2.56 -28.70
N ASP B 207 -0.26 2.42 -30.00
CA ASP B 207 -1.24 3.21 -30.72
C ASP B 207 -2.63 2.58 -30.72
N GLN B 208 -2.89 1.67 -29.78
CA GLN B 208 -4.24 1.17 -29.61
C GLN B 208 -5.11 2.11 -28.76
N ALA B 209 -6.39 1.79 -28.72
CA ALA B 209 -7.33 2.44 -27.83
C ALA B 209 -7.43 1.65 -26.53
N PRO B 210 -7.60 2.35 -25.40
CA PRO B 210 -7.80 1.61 -24.15
C PRO B 210 -9.26 1.21 -24.03
N GLY B 211 -9.57 0.15 -23.32
CA GLY B 211 -10.95 -0.27 -23.20
C GLY B 211 -11.44 -1.10 -24.38
N THR B 212 -10.51 -1.49 -25.25
CA THR B 212 -10.83 -2.34 -26.42
C THR B 212 -9.79 -3.46 -26.59
N GLY B 220 -9.93 -8.75 -32.90
CA GLY B 220 -8.96 -7.83 -33.46
C GLY B 220 -8.70 -6.57 -32.63
N LYS B 221 -7.55 -5.96 -32.87
CA LYS B 221 -7.15 -4.73 -32.18
C LYS B 221 -7.71 -3.46 -32.85
N VAL B 222 -8.02 -2.49 -32.00
CA VAL B 222 -8.59 -1.21 -32.40
C VAL B 222 -7.53 -0.12 -32.24
N LEU B 223 -7.24 0.60 -33.31
CA LEU B 223 -6.24 1.65 -33.22
C LEU B 223 -6.85 3.00 -32.85
N VAL B 224 -5.98 3.93 -32.45
CA VAL B 224 -6.38 5.33 -32.41
C VAL B 224 -5.76 6.01 -33.65
N PRO B 225 -6.36 7.11 -34.11
CA PRO B 225 -5.73 7.93 -35.16
C PRO B 225 -4.31 8.35 -34.80
N ILE B 226 -3.45 8.37 -35.81
CA ILE B 226 -2.06 8.78 -35.66
C ILE B 226 -1.86 10.06 -34.83
N SER B 227 -2.73 11.03 -35.05
CA SER B 227 -2.72 12.30 -34.32
C SER B 227 -2.85 12.08 -32.81
N GLU B 228 -3.68 11.13 -32.42
CA GLU B 228 -3.90 10.86 -31.01
C GLU B 228 -2.67 10.26 -30.36
N HIS B 229 -1.94 9.43 -31.11
CA HIS B 229 -0.76 8.79 -30.55
C HIS B 229 0.45 9.72 -30.50
N ILE B 230 0.56 10.60 -31.48
CA ILE B 230 1.62 11.60 -31.45
C ILE B 230 1.51 12.47 -30.20
N ASN B 231 0.27 12.86 -29.92
CA ASN B 231 -0.04 13.67 -28.75
C ASN B 231 0.42 13.00 -27.47
N ARG B 232 0.16 11.70 -27.38
CA ARG B 232 0.66 10.89 -26.28
C ARG B 232 2.17 11.04 -26.16
N LEU B 233 2.90 10.71 -27.23
CA LEU B 233 4.35 10.81 -27.26
C LEU B 233 4.86 12.21 -26.90
N VAL B 234 4.10 13.24 -27.25
CA VAL B 234 4.46 14.61 -26.89
C VAL B 234 4.23 14.84 -25.39
N ALA B 235 3.13 14.28 -24.88
CA ALA B 235 2.76 14.39 -23.46
C ALA B 235 3.80 13.76 -22.53
N ILE B 236 4.32 12.61 -22.93
CA ILE B 236 5.42 11.98 -22.21
C ILE B 236 6.62 12.91 -22.15
N ARG B 237 6.97 13.45 -23.30
CA ARG B 237 8.14 14.33 -23.42
C ARG B 237 7.91 15.60 -22.63
N ALA B 238 6.67 16.08 -22.69
CA ALA B 238 6.28 17.29 -21.96
C ALA B 238 6.42 17.09 -20.44
N GLN B 239 6.26 15.86 -19.96
CA GLN B 239 6.33 15.59 -18.53
C GLN B 239 7.77 15.32 -18.08
N ALA B 240 8.58 14.78 -18.97
CA ALA B 240 9.99 14.56 -18.66
C ALA B 240 10.74 15.91 -18.61
N ASP B 241 10.55 16.72 -19.67
CA ASP B 241 10.75 18.17 -19.62
C ASP B 241 9.78 18.60 -18.53
N ILE B 242 10.09 19.61 -17.72
CA ILE B 242 9.27 20.00 -16.53
C ILE B 242 9.89 19.34 -15.30
N MET B 243 10.04 18.02 -15.35
CA MET B 243 10.76 17.27 -14.30
C MET B 243 12.29 17.20 -14.55
N GLY B 244 12.74 17.66 -15.71
CA GLY B 244 14.16 17.77 -16.01
C GLY B 244 14.92 16.48 -16.27
N VAL B 245 14.26 15.50 -16.88
CA VAL B 245 14.86 14.17 -17.00
C VAL B 245 14.98 13.70 -18.46
N ASP B 246 15.87 12.72 -18.70
CA ASP B 246 16.17 12.26 -20.06
C ASP B 246 15.47 10.96 -20.43
N LEU B 247 14.27 10.77 -19.88
CA LEU B 247 13.50 9.55 -20.08
C LEU B 247 13.27 9.20 -21.55
N LEU B 248 13.89 8.12 -21.99
CA LEU B 248 13.59 7.56 -23.30
C LEU B 248 12.10 7.29 -23.47
N ALA B 249 11.56 7.61 -24.64
CA ALA B 249 10.19 7.24 -24.99
C ALA B 249 10.17 6.35 -26.23
N ILE B 250 9.37 5.30 -26.17
CA ILE B 250 9.34 4.30 -27.20
C ILE B 250 7.93 4.17 -27.76
N ALA B 251 7.84 4.21 -29.09
CA ALA B 251 6.55 4.14 -29.75
C ALA B 251 6.37 2.78 -30.35
N ARG B 252 5.27 2.15 -29.97
CA ARG B 252 4.89 0.85 -30.51
C ARG B 252 3.66 0.97 -31.42
N THR B 253 3.72 0.38 -32.62
CA THR B 253 2.51 0.35 -33.45
C THR B 253 1.94 -1.06 -33.53
N ASP B 254 0.62 -1.15 -33.36
CA ASP B 254 -0.09 -2.42 -33.40
C ASP B 254 -0.90 -2.47 -34.70
N ALA B 255 -0.36 -1.85 -35.74
CA ALA B 255 -1.08 -1.71 -37.00
C ALA B 255 -0.93 -2.91 -37.95
N GLU B 256 -0.04 -3.84 -37.63
CA GLU B 256 0.21 -4.97 -38.51
C GLU B 256 -0.97 -5.92 -38.49
N ALA B 257 -1.59 -6.06 -37.33
CA ALA B 257 -2.69 -7.00 -37.15
C ALA B 257 -3.93 -6.31 -36.56
N ALA B 258 -3.92 -4.98 -36.53
CA ALA B 258 -5.11 -4.25 -36.14
C ALA B 258 -6.17 -4.34 -37.24
N THR B 259 -7.44 -4.39 -36.83
CA THR B 259 -8.55 -4.55 -37.77
C THR B 259 -9.59 -3.44 -37.64
N LEU B 260 -9.40 -2.57 -36.66
CA LEU B 260 -10.34 -1.50 -36.40
C LEU B 260 -9.65 -0.20 -36.01
N ILE B 261 -10.33 0.92 -36.25
CA ILE B 261 -9.85 2.23 -35.83
C ILE B 261 -11.02 3.06 -35.28
N THR B 262 -10.78 3.90 -34.27
CA THR B 262 -11.86 4.60 -33.58
C THR B 262 -12.55 5.66 -34.47
N THR B 263 -11.76 6.37 -35.25
CA THR B 263 -12.32 7.41 -36.07
C THR B 263 -11.58 7.49 -37.41
N SER B 264 -12.15 8.22 -38.35
CA SER B 264 -11.61 8.33 -39.70
C SER B 264 -11.07 9.71 -39.96
N ILE B 265 -10.94 10.48 -38.89
CA ILE B 265 -10.66 11.91 -38.93
C ILE B 265 -9.24 12.30 -39.40
N ASP B 266 -8.27 11.39 -39.31
CA ASP B 266 -6.88 11.67 -39.73
C ASP B 266 -6.60 11.12 -41.12
N PRO B 267 -6.40 12.01 -42.11
CA PRO B 267 -6.21 11.56 -43.50
C PRO B 267 -4.98 10.68 -43.74
N ARG B 268 -4.02 10.68 -42.82
CA ARG B 268 -2.90 9.76 -42.93
C ARG B 268 -3.40 8.30 -42.79
N ASP B 269 -4.55 8.13 -42.16
CA ASP B 269 -5.11 6.79 -41.91
C ASP B 269 -6.07 6.34 -43.01
N HIS B 270 -6.45 7.27 -43.86
CA HIS B 270 -7.44 7.01 -44.92
C HIS B 270 -7.05 5.88 -45.88
N ALA B 271 -5.82 5.89 -46.35
CA ALA B 271 -5.38 4.90 -47.31
C ALA B 271 -5.61 3.44 -46.87
N PHE B 272 -5.99 3.23 -45.62
CA PHE B 272 -6.10 1.86 -45.08
C PHE B 272 -7.52 1.52 -44.60
N ILE B 273 -8.33 2.56 -44.40
CA ILE B 273 -9.70 2.36 -43.96
C ILE B 273 -10.52 1.70 -45.07
N LEU B 274 -11.15 0.58 -44.73
CA LEU B 274 -11.94 -0.20 -45.67
C LEU B 274 -13.34 0.36 -45.87
N GLY B 275 -13.80 0.33 -47.12
CA GLY B 275 -15.15 0.73 -47.42
C GLY B 275 -15.95 -0.30 -48.18
N CYS B 276 -17.26 -0.29 -47.94
CA CYS B 276 -18.24 -1.08 -48.67
C CYS B 276 -18.41 -0.54 -50.09
N THR B 277 -18.38 -1.45 -51.05
CA THR B 277 -18.46 -1.11 -52.46
C THR B 277 -19.75 -1.62 -53.11
N ASN B 278 -20.72 -1.93 -52.25
CA ASN B 278 -22.03 -2.42 -52.66
C ASN B 278 -23.12 -1.39 -52.32
N PRO B 279 -23.61 -0.68 -53.35
CA PRO B 279 -24.54 0.46 -53.20
C PRO B 279 -25.95 0.07 -52.77
N SER B 280 -26.28 -1.21 -52.96
CA SER B 280 -27.60 -1.71 -52.64
C SER B 280 -27.75 -2.01 -51.15
N LEU B 281 -26.62 -2.32 -50.49
CA LEU B 281 -26.57 -2.61 -49.06
C LEU B 281 -26.92 -1.45 -48.12
N GLN B 282 -27.75 -1.74 -47.11
CA GLN B 282 -27.99 -0.82 -45.99
C GLN B 282 -26.81 -0.87 -45.01
N PRO B 283 -26.81 0.00 -43.98
CA PRO B 283 -25.75 -0.11 -42.98
C PRO B 283 -25.78 -1.40 -42.19
N LEU B 284 -24.57 -1.88 -41.85
CA LEU B 284 -24.38 -3.06 -41.04
C LEU B 284 -25.01 -2.95 -39.64
N ALA B 285 -24.74 -1.82 -38.98
CA ALA B 285 -25.29 -1.58 -37.67
C ALA B 285 -26.82 -1.57 -37.69
N ASP B 286 -27.40 -0.89 -38.69
CA ASP B 286 -28.86 -0.90 -38.89
C ASP B 286 -29.37 -2.34 -38.94
N LEU B 287 -28.71 -3.16 -39.74
CA LEU B 287 -29.12 -4.55 -39.98
C LEU B 287 -28.98 -5.43 -38.75
N MET B 288 -27.85 -5.28 -38.07
CA MET B 288 -27.53 -6.05 -36.88
C MET B 288 -28.49 -5.76 -35.72
N ASN B 289 -28.79 -4.48 -35.50
CA ASN B 289 -29.78 -4.09 -34.52
C ASN B 289 -31.14 -4.62 -34.97
N THR B 290 -31.65 -4.09 -36.09
CA THR B 290 -32.95 -4.51 -36.65
C THR B 290 -32.97 -5.98 -37.07
N ALA B 291 -32.28 -6.80 -36.28
CA ALA B 291 -32.32 -8.24 -36.35
C ALA B 291 -32.69 -8.71 -34.95
N GLU B 292 -33.26 -7.78 -34.22
CA GLU B 292 -33.95 -7.90 -32.93
C GLU B 292 -34.45 -9.21 -32.30
N GLN B 293 -34.38 -10.34 -33.00
CA GLN B 293 -35.05 -11.57 -32.54
C GLN B 293 -34.10 -12.77 -32.35
N SER B 294 -32.79 -12.58 -32.47
CA SER B 294 -31.89 -13.60 -33.02
C SER B 294 -30.52 -13.68 -32.30
N GLY B 295 -29.88 -14.84 -32.33
CA GLY B 295 -28.61 -14.99 -31.63
C GLY B 295 -27.63 -16.04 -32.11
N LYS B 296 -26.36 -15.65 -32.21
CA LYS B 296 -25.24 -16.57 -32.42
C LYS B 296 -25.25 -17.33 -33.75
N ILE B 304 -24.57 -14.17 -40.65
CA ILE B 304 -25.38 -12.99 -40.96
C ILE B 304 -24.59 -11.69 -40.97
N GLU B 305 -23.76 -11.49 -39.96
CA GLU B 305 -22.77 -10.43 -40.08
C GLU B 305 -21.77 -10.89 -41.13
N ASP B 306 -21.48 -12.19 -41.14
CA ASP B 306 -20.52 -12.74 -42.08
C ASP B 306 -20.90 -12.49 -43.55
N GLU B 307 -22.20 -12.39 -43.83
CA GLU B 307 -22.62 -12.25 -45.23
C GLU B 307 -22.79 -10.82 -45.63
N TRP B 308 -23.12 -9.97 -44.68
CA TRP B 308 -23.11 -8.56 -44.97
C TRP B 308 -21.68 -8.19 -45.34
N MET B 309 -20.72 -8.75 -44.63
CA MET B 309 -19.31 -8.50 -44.91
C MET B 309 -18.96 -8.84 -46.35
N ALA B 310 -19.19 -10.09 -46.71
CA ALA B 310 -18.82 -10.57 -48.04
C ALA B 310 -19.58 -9.81 -49.12
N LYS B 311 -20.89 -9.72 -48.97
CA LYS B 311 -21.71 -9.06 -49.97
C LYS B 311 -21.44 -7.52 -50.02
N ALA B 312 -20.55 -7.03 -49.17
CA ALA B 312 -20.18 -5.62 -49.19
C ALA B 312 -18.83 -5.42 -49.87
N ASN B 313 -18.09 -6.53 -50.02
CA ASN B 313 -16.82 -6.52 -50.74
C ASN B 313 -15.91 -5.37 -50.29
N LEU B 314 -15.55 -5.41 -49.01
CA LEU B 314 -14.73 -4.36 -48.40
C LEU B 314 -13.36 -4.22 -49.02
N LYS B 315 -13.05 -3.02 -49.49
CA LYS B 315 -11.74 -2.74 -50.03
C LYS B 315 -11.13 -1.46 -49.47
N ARG B 316 -9.80 -1.38 -49.54
CA ARG B 316 -9.10 -0.11 -49.47
C ARG B 316 -9.52 0.66 -50.70
N PHE B 317 -9.44 1.99 -50.63
CA PHE B 317 -9.91 2.80 -51.74
C PHE B 317 -8.99 2.64 -52.95
N ASP B 318 -7.69 2.52 -52.73
CA ASP B 318 -6.77 2.31 -53.83
C ASP B 318 -7.13 1.04 -54.62
N ASP B 319 -7.39 -0.05 -53.89
CA ASP B 319 -7.74 -1.32 -54.51
C ASP B 319 -9.06 -1.20 -55.25
N ALA B 320 -10.01 -0.51 -54.63
CA ALA B 320 -11.30 -0.25 -55.25
C ALA B 320 -11.19 0.52 -56.57
N VAL B 321 -10.29 1.49 -56.62
CA VAL B 321 -10.03 2.26 -57.83
C VAL B 321 -9.44 1.41 -58.96
N VAL B 322 -8.39 0.67 -58.62
CA VAL B 322 -7.72 -0.25 -59.54
C VAL B 322 -8.66 -1.30 -60.11
N ASP B 323 -9.48 -1.89 -59.25
CA ASP B 323 -10.42 -2.94 -59.65
C ASP B 323 -11.45 -2.41 -60.66
N VAL B 324 -11.81 -1.12 -60.52
CA VAL B 324 -12.70 -0.49 -61.46
C VAL B 324 -12.03 -0.29 -62.81
N ILE B 325 -10.79 0.21 -62.77
CA ILE B 325 -9.97 0.37 -63.96
C ILE B 325 -9.90 -0.93 -64.74
N ASN B 326 -9.57 -2.01 -64.05
CA ASN B 326 -9.60 -3.32 -64.69
C ASN B 326 -11.06 -3.75 -64.87
N VAL B 337 -2.85 3.69 -66.31
CA VAL B 337 -3.71 4.56 -65.50
C VAL B 337 -3.66 4.18 -64.02
N ALA B 338 -3.76 2.87 -63.78
CA ALA B 338 -3.62 2.32 -62.44
C ALA B 338 -2.33 2.76 -61.79
N ALA B 339 -1.23 2.58 -62.51
CA ALA B 339 0.09 2.88 -61.96
C ALA B 339 0.23 4.38 -61.71
N LYS B 340 -0.20 5.17 -62.68
CA LYS B 340 -0.19 6.61 -62.53
C LYS B 340 -1.09 7.00 -61.34
N TYR B 341 -2.14 6.22 -61.10
CA TYR B 341 -3.03 6.50 -59.96
C TYR B 341 -2.32 6.26 -58.63
N LEU B 342 -1.75 5.07 -58.47
CA LEU B 342 -1.08 4.71 -57.24
C LEU B 342 0.07 5.68 -56.93
N GLN B 343 0.80 6.12 -57.94
CA GLN B 343 1.95 7.01 -57.70
C GLN B 343 1.51 8.35 -57.14
N ALA B 344 0.37 8.86 -57.62
CA ALA B 344 -0.10 10.18 -57.24
C ALA B 344 -0.94 10.15 -55.96
N ALA B 345 -1.49 8.98 -55.65
CA ALA B 345 -2.44 8.85 -54.54
C ALA B 345 -1.77 8.48 -53.21
N LYS B 346 -0.51 8.06 -53.26
CA LYS B 346 0.19 7.60 -52.07
C LYS B 346 0.28 8.67 -50.97
N GLY B 347 -0.38 8.40 -49.84
CA GLY B 347 -0.38 9.29 -48.70
C GLY B 347 -1.55 10.27 -48.67
N LYS B 348 -2.44 10.18 -49.65
CA LYS B 348 -3.43 11.21 -49.81
C LYS B 348 -4.73 10.89 -49.08
N SER B 349 -5.39 11.93 -48.62
CA SER B 349 -6.76 11.85 -48.09
C SER B 349 -7.69 11.21 -49.09
N ASN B 350 -8.85 10.79 -48.60
CA ASN B 350 -9.86 10.16 -49.45
C ASN B 350 -10.35 11.13 -50.51
N ARG B 351 -10.56 12.39 -50.14
CA ARG B 351 -11.08 13.39 -51.08
C ARG B 351 -10.09 13.61 -52.23
N GLU B 352 -8.81 13.76 -51.93
CA GLU B 352 -7.82 13.99 -53.01
C GLU B 352 -7.38 12.70 -53.71
N ALA B 353 -8.01 11.57 -53.39
CA ALA B 353 -7.65 10.33 -54.05
C ALA B 353 -8.76 10.00 -55.05
N ARG B 354 -9.98 10.34 -54.67
CA ARG B 354 -11.10 10.35 -55.58
C ARG B 354 -10.85 11.32 -56.73
N ALA B 355 -10.36 12.50 -56.35
CA ALA B 355 -10.17 13.58 -57.28
C ALA B 355 -9.07 13.23 -58.28
N ILE B 356 -7.97 12.70 -57.78
CA ILE B 356 -6.88 12.26 -58.64
C ILE B 356 -7.41 11.29 -59.70
N ALA B 357 -8.16 10.30 -59.23
CA ALA B 357 -8.68 9.24 -60.07
C ALA B 357 -9.62 9.76 -61.16
N SER B 358 -10.58 10.58 -60.79
CA SER B 358 -11.55 11.06 -61.76
C SER B 358 -10.91 12.09 -62.72
N SER B 359 -9.70 12.53 -62.39
CA SER B 359 -8.94 13.38 -63.29
C SER B 359 -8.13 12.53 -64.26
N LEU B 360 -8.10 11.23 -64.02
CA LEU B 360 -7.44 10.31 -64.93
C LEU B 360 -8.48 9.49 -65.72
N GLY B 361 -9.71 9.97 -65.73
CA GLY B 361 -10.77 9.36 -66.53
C GLY B 361 -11.48 8.17 -65.89
N VAL B 362 -11.46 8.14 -64.57
CA VAL B 362 -12.02 7.02 -63.84
C VAL B 362 -13.45 7.36 -63.40
N PRO B 363 -14.39 6.42 -63.58
CA PRO B 363 -15.79 6.68 -63.21
C PRO B 363 -15.94 6.95 -61.70
N GLU B 364 -17.09 7.43 -61.25
CA GLU B 364 -17.30 7.61 -59.81
C GLU B 364 -17.41 6.24 -59.15
N ILE B 365 -16.49 5.98 -58.23
CA ILE B 365 -16.49 4.73 -57.48
C ILE B 365 -17.38 4.85 -56.24
N PHE B 366 -18.18 3.82 -55.99
CA PHE B 366 -18.93 3.77 -54.74
C PHE B 366 -18.02 3.33 -53.60
N PHE B 367 -17.86 4.21 -52.62
CA PHE B 367 -17.02 3.92 -51.46
C PHE B 367 -17.60 4.50 -50.18
N ASP B 368 -18.31 3.67 -49.42
CA ASP B 368 -18.84 4.06 -48.12
C ASP B 368 -18.07 3.36 -46.97
N TRP B 369 -17.56 4.15 -46.03
CA TRP B 369 -16.80 3.59 -44.90
C TRP B 369 -17.52 3.81 -43.56
N ASP B 370 -18.70 4.44 -43.61
CA ASP B 370 -19.58 4.48 -42.46
C ASP B 370 -20.35 3.16 -42.25
N SER B 371 -20.91 2.63 -43.32
CA SER B 371 -21.73 1.42 -43.27
C SER B 371 -21.08 0.19 -42.58
N PRO B 372 -19.77 -0.04 -42.79
CA PRO B 372 -19.31 -1.27 -42.13
C PRO B 372 -18.77 -1.03 -40.71
N ARG B 373 -19.19 0.07 -40.09
CA ARG B 373 -18.83 0.37 -38.71
C ARG B 373 -19.44 -0.64 -37.72
N THR B 374 -18.66 -0.99 -36.70
CA THR B 374 -19.12 -1.88 -35.63
C THR B 374 -20.12 -1.19 -34.72
N ARG B 375 -20.85 -1.98 -33.94
CA ARG B 375 -21.90 -1.45 -33.08
C ARG B 375 -21.35 -0.57 -31.94
N GLU B 376 -20.02 -0.44 -31.88
CA GLU B 376 -19.36 0.45 -30.93
C GLU B 376 -19.07 1.78 -31.60
N GLY B 377 -19.15 1.78 -32.93
CA GLY B 377 -18.93 2.97 -33.74
C GLY B 377 -17.60 2.97 -34.48
N TYR B 378 -16.87 1.88 -34.36
CA TYR B 378 -15.52 1.80 -34.89
C TYR B 378 -15.49 1.54 -36.40
N PHE B 379 -14.39 1.96 -37.02
CA PHE B 379 -14.20 1.78 -38.45
C PHE B 379 -13.36 0.54 -38.74
N ARG B 380 -13.71 -0.14 -39.83
CA ARG B 380 -12.90 -1.24 -40.36
C ARG B 380 -11.59 -0.77 -40.93
N ILE B 381 -10.54 -1.55 -40.71
CA ILE B 381 -9.23 -1.25 -41.24
C ILE B 381 -8.57 -2.49 -41.78
N LYS B 382 -7.80 -2.31 -42.84
CA LYS B 382 -6.88 -3.35 -43.26
C LYS B 382 -5.48 -2.85 -43.00
N GLY B 383 -4.85 -3.42 -41.98
CA GLY B 383 -3.53 -3.01 -41.60
C GLY B 383 -2.47 -3.67 -42.45
N GLY B 384 -1.44 -4.19 -41.79
CA GLY B 384 -0.37 -4.86 -42.48
C GLY B 384 0.92 -4.11 -42.33
N CYS B 385 1.98 -4.63 -42.94
CA CYS B 385 3.30 -4.05 -42.79
C CYS B 385 3.41 -2.63 -43.37
N ASP B 386 2.61 -2.34 -44.40
CA ASP B 386 2.61 -1.01 -45.01
C ASP B 386 2.01 0.05 -44.08
N CYS B 387 0.86 -0.27 -43.48
CA CYS B 387 0.21 0.60 -42.51
C CYS B 387 1.13 0.87 -41.31
N ALA B 388 1.99 -0.10 -41.00
CA ALA B 388 2.90 -0.01 -39.86
C ALA B 388 4.11 0.86 -40.13
N ILE B 389 4.57 0.87 -41.37
CA ILE B 389 5.66 1.74 -41.75
C ILE B 389 5.18 3.21 -41.75
N ASN B 390 3.95 3.40 -42.20
CA ASN B 390 3.35 4.71 -42.25
C ASN B 390 3.31 5.29 -40.83
N ARG B 391 2.73 4.52 -39.90
CA ARG B 391 2.61 4.94 -38.51
C ARG B 391 3.95 5.18 -37.80
N ALA B 392 4.92 4.28 -37.98
CA ALA B 392 6.25 4.48 -37.39
C ALA B 392 6.91 5.78 -37.85
N ILE B 393 6.86 6.05 -39.16
CA ILE B 393 7.44 7.28 -39.72
C ILE B 393 6.73 8.54 -39.21
N ALA B 394 5.41 8.46 -39.08
CA ALA B 394 4.66 9.50 -38.42
C ALA B 394 5.13 9.71 -36.95
N TYR B 395 5.46 8.62 -36.25
CA TYR B 395 5.79 8.68 -34.82
C TYR B 395 7.27 9.02 -34.51
N ALA B 396 8.13 8.85 -35.50
CA ALA B 396 9.58 8.90 -35.30
C ALA B 396 10.16 10.21 -34.74
N PRO B 397 9.62 11.37 -35.15
CA PRO B 397 10.22 12.59 -34.60
C PRO B 397 10.02 12.71 -33.09
N TYR B 398 9.03 12.00 -32.58
CA TYR B 398 8.62 12.12 -31.20
C TYR B 398 9.05 10.90 -30.34
N ALA B 399 9.75 9.95 -30.98
CA ALA B 399 10.13 8.68 -30.37
C ALA B 399 11.63 8.32 -30.47
N ASP B 400 12.23 8.04 -29.32
CA ASP B 400 13.64 7.66 -29.24
C ASP B 400 13.94 6.27 -29.85
N ALA B 401 12.87 5.50 -30.06
CA ALA B 401 12.95 4.14 -30.62
C ALA B 401 11.55 3.65 -31.00
N ILE B 402 11.49 2.69 -31.92
CA ILE B 402 10.19 2.20 -32.42
C ILE B 402 10.09 0.67 -32.50
N TRP B 403 8.90 0.13 -32.27
CA TRP B 403 8.66 -1.23 -32.74
C TRP B 403 7.29 -1.57 -33.30
N MET B 404 7.31 -2.56 -34.18
CA MET B 404 6.14 -3.08 -34.86
C MET B 404 5.87 -4.49 -34.38
N GLU B 405 4.83 -4.66 -33.56
CA GLU B 405 4.39 -5.98 -33.19
C GLU B 405 4.10 -6.73 -34.47
N SER B 406 4.45 -8.01 -34.47
CA SER B 406 4.29 -8.85 -35.66
C SER B 406 3.85 -10.25 -35.24
N LYS B 407 3.19 -10.94 -36.17
CA LYS B 407 2.58 -12.24 -35.92
C LYS B 407 3.56 -13.41 -36.01
N LEU B 408 4.72 -13.18 -36.64
CA LEU B 408 5.73 -14.23 -36.78
C LEU B 408 7.12 -13.65 -36.62
N PRO B 409 8.08 -14.51 -36.24
CA PRO B 409 9.49 -14.10 -36.20
C PRO B 409 10.17 -14.27 -37.57
N ASP B 410 9.58 -13.64 -38.58
CA ASP B 410 10.08 -13.65 -39.96
C ASP B 410 11.10 -12.54 -40.22
N TYR B 411 12.35 -12.93 -40.46
CA TYR B 411 13.44 -11.98 -40.66
C TYR B 411 13.20 -11.00 -41.79
N GLU B 412 12.59 -11.46 -42.87
CA GLU B 412 12.36 -10.61 -44.05
C GLU B 412 11.36 -9.51 -43.77
N GLN B 413 10.27 -9.83 -43.07
CA GLN B 413 9.30 -8.81 -42.70
C GLN B 413 9.98 -7.75 -41.87
N ALA B 414 10.90 -8.20 -41.02
CA ALA B 414 11.66 -7.29 -40.19
C ALA B 414 12.53 -6.38 -41.03
N LYS B 415 13.09 -6.90 -42.13
CA LYS B 415 13.95 -6.06 -42.97
C LYS B 415 13.09 -5.11 -43.77
N GLU B 416 11.89 -5.54 -44.14
CA GLU B 416 11.00 -4.68 -44.91
C GLU B 416 10.68 -3.45 -44.05
N PHE B 417 10.13 -3.69 -42.86
CA PHE B 417 9.78 -2.63 -41.92
C PHE B 417 10.96 -1.67 -41.65
N ALA B 418 12.14 -2.22 -41.42
CA ALA B 418 13.30 -1.42 -41.04
C ALA B 418 13.85 -0.59 -42.19
N GLU B 419 13.81 -1.12 -43.40
CA GLU B 419 14.23 -0.36 -44.57
C GLU B 419 13.19 0.69 -44.87
N GLY B 420 11.94 0.31 -44.66
CA GLY B 420 10.83 1.22 -44.81
C GLY B 420 10.94 2.44 -43.93
N VAL B 421 11.31 2.25 -42.66
CA VAL B 421 11.45 3.39 -41.76
C VAL B 421 12.74 4.14 -42.07
N HIS B 422 13.83 3.41 -42.27
CA HIS B 422 15.14 4.04 -42.50
C HIS B 422 15.28 4.76 -43.85
N ALA B 423 14.29 4.58 -44.73
CA ALA B 423 14.25 5.34 -45.98
C ALA B 423 14.13 6.84 -45.71
N VAL B 424 13.24 7.18 -44.79
CA VAL B 424 13.03 8.56 -44.36
C VAL B 424 13.98 8.95 -43.20
N TYR B 425 14.11 8.08 -42.20
CA TYR B 425 14.93 8.41 -41.03
C TYR B 425 15.98 7.35 -40.71
N PRO B 426 17.12 7.38 -41.42
CA PRO B 426 18.11 6.29 -41.33
C PRO B 426 18.87 6.21 -40.00
N GLU B 427 18.66 7.14 -39.07
CA GLU B 427 19.33 7.09 -37.76
C GLU B 427 18.40 6.61 -36.62
N GLN B 428 17.13 6.44 -36.96
CA GLN B 428 16.11 6.02 -36.01
C GLN B 428 16.40 4.64 -35.41
N LYS B 429 16.48 4.58 -34.08
CA LYS B 429 16.70 3.30 -33.38
C LYS B 429 15.43 2.47 -33.45
N LEU B 430 15.59 1.16 -33.53
CA LEU B 430 14.45 0.25 -33.56
C LEU B 430 14.55 -0.78 -32.45
N ALA B 431 13.40 -1.35 -32.10
CA ALA B 431 13.34 -2.33 -31.01
C ALA B 431 12.51 -3.56 -31.43
N TYR B 432 12.86 -4.74 -30.93
CA TYR B 432 12.16 -5.96 -31.36
C TYR B 432 11.66 -6.81 -30.19
N ASN B 433 10.42 -7.28 -30.32
CA ASN B 433 9.85 -8.21 -29.36
C ASN B 433 10.08 -9.65 -29.81
N LEU B 434 11.06 -10.30 -29.17
CA LEU B 434 11.34 -11.73 -29.38
C LEU B 434 10.32 -12.55 -28.59
N SER B 435 9.13 -12.71 -29.17
CA SER B 435 7.99 -13.19 -28.41
C SER B 435 7.97 -14.70 -28.20
N PRO B 436 7.46 -15.14 -27.05
CA PRO B 436 7.16 -16.53 -26.72
C PRO B 436 5.78 -16.98 -27.23
N SER B 437 4.95 -16.03 -27.67
CA SER B 437 3.71 -16.36 -28.38
C SER B 437 4.04 -17.10 -29.69
N PHE B 438 5.31 -17.00 -30.08
CA PHE B 438 5.88 -17.75 -31.19
C PHE B 438 6.31 -19.14 -30.72
N ASN B 439 6.13 -20.16 -31.55
CA ASN B 439 6.71 -21.48 -31.28
C ASN B 439 8.04 -21.58 -32.04
N TRP B 440 9.14 -21.32 -31.33
CA TRP B 440 10.43 -21.16 -31.98
C TRP B 440 11.06 -22.45 -32.51
N LYS B 441 10.37 -23.57 -32.34
CA LYS B 441 10.85 -24.82 -32.93
C LYS B 441 10.28 -24.97 -34.35
N THR B 442 9.00 -24.62 -34.50
CA THR B 442 8.29 -24.77 -35.76
C THR B 442 8.26 -23.46 -36.54
N ALA B 443 9.15 -22.54 -36.17
CA ALA B 443 9.26 -21.26 -36.85
C ALA B 443 10.66 -21.07 -37.43
N MET B 444 11.60 -21.82 -36.88
CA MET B 444 13.00 -21.53 -37.11
C MET B 444 13.88 -22.68 -36.66
N PRO B 445 14.87 -23.04 -37.48
CA PRO B 445 15.86 -24.04 -37.06
C PRO B 445 16.74 -23.52 -35.92
N ARG B 446 17.28 -24.45 -35.15
CA ARG B 446 18.14 -24.12 -34.01
C ARG B 446 19.32 -23.21 -34.36
N ASP B 447 19.96 -23.46 -35.50
CA ASP B 447 21.15 -22.70 -35.89
C ASP B 447 20.79 -21.24 -36.10
N GLU B 448 19.52 -20.99 -36.41
CA GLU B 448 19.07 -19.66 -36.75
C GLU B 448 18.50 -18.93 -35.52
N GLN B 449 17.95 -19.69 -34.57
CA GLN B 449 17.53 -19.15 -33.28
C GLN B 449 18.72 -18.48 -32.62
N GLU B 450 19.85 -19.15 -32.77
CA GLU B 450 21.12 -18.68 -32.23
C GLU B 450 21.57 -17.36 -32.87
N THR B 451 21.23 -17.16 -34.14
CA THR B 451 21.70 -15.99 -34.92
C THR B 451 20.66 -14.88 -35.05
N TYR B 452 19.43 -15.16 -34.65
CA TYR B 452 18.32 -14.23 -34.85
C TYR B 452 18.51 -12.84 -34.22
N ILE B 453 19.12 -12.76 -33.04
CA ILE B 453 19.37 -11.44 -32.44
C ILE B 453 20.49 -10.68 -33.17
N ARG B 454 21.59 -11.37 -33.49
CA ARG B 454 22.70 -10.74 -34.23
C ARG B 454 22.26 -10.22 -35.59
N ARG B 455 21.50 -11.02 -36.35
CA ARG B 455 21.05 -10.51 -37.65
C ARG B 455 20.17 -9.27 -37.45
N LEU B 456 19.09 -9.41 -36.68
CA LEU B 456 18.20 -8.27 -36.40
C LEU B 456 18.94 -7.01 -35.96
N ALA B 457 20.01 -7.21 -35.20
CA ALA B 457 20.78 -6.07 -34.72
C ALA B 457 21.37 -5.35 -35.91
N GLY B 458 21.77 -6.13 -36.91
CA GLY B 458 22.30 -5.60 -38.17
C GLY B 458 21.34 -4.69 -38.92
N LEU B 459 20.05 -4.89 -38.72
CA LEU B 459 19.01 -4.04 -39.30
C LEU B 459 18.74 -2.75 -38.51
N GLY B 460 19.26 -2.70 -37.28
CA GLY B 460 19.06 -1.52 -36.44
C GLY B 460 18.12 -1.76 -35.27
N TYR B 461 17.94 -3.03 -34.91
CA TYR B 461 17.19 -3.39 -33.71
C TYR B 461 18.14 -3.51 -32.54
N CYS B 462 18.49 -2.36 -31.97
CA CYS B 462 19.53 -2.27 -30.94
C CYS B 462 19.02 -2.65 -29.56
N TRP B 463 17.71 -2.80 -29.44
CA TRP B 463 17.13 -3.33 -28.23
C TRP B 463 16.10 -4.41 -28.56
N GLN B 464 16.31 -5.58 -27.97
CA GLN B 464 15.42 -6.72 -28.16
C GLN B 464 15.05 -7.31 -26.81
N PHE B 465 13.95 -8.05 -26.76
CA PHE B 465 13.49 -8.56 -25.48
C PHE B 465 12.43 -9.65 -25.59
N ILE B 466 12.46 -10.55 -24.60
CA ILE B 466 11.43 -11.57 -24.49
C ILE B 466 10.46 -11.17 -23.40
N THR B 467 9.25 -10.82 -23.81
CA THR B 467 8.26 -10.26 -22.91
C THR B 467 7.99 -11.12 -21.69
N LEU B 468 7.82 -12.42 -21.93
CA LEU B 468 7.29 -13.30 -20.91
C LEU B 468 8.25 -14.41 -20.40
N ALA B 469 9.56 -14.26 -20.54
CA ALA B 469 10.47 -15.34 -20.08
C ALA B 469 10.39 -15.54 -18.56
N GLY B 470 10.34 -14.43 -17.83
CA GLY B 470 10.23 -14.49 -16.38
C GLY B 470 9.07 -15.36 -15.93
N LEU B 471 7.94 -15.19 -16.61
CA LEU B 471 6.74 -15.96 -16.28
C LEU B 471 6.99 -17.43 -16.53
N HIS B 472 7.59 -17.73 -17.67
CA HIS B 472 7.71 -19.09 -18.11
C HIS B 472 8.82 -19.85 -17.36
N THR B 473 9.97 -19.20 -17.15
CA THR B 473 11.06 -19.80 -16.40
C THR B 473 10.55 -20.24 -15.04
N THR B 474 9.78 -19.35 -14.43
CA THR B 474 9.23 -19.53 -13.10
C THR B 474 8.20 -20.63 -13.09
N ALA B 475 7.35 -20.65 -14.09
CA ALA B 475 6.30 -21.64 -14.14
C ALA B 475 6.93 -23.00 -14.39
N LEU B 476 7.97 -23.02 -15.22
CA LEU B 476 8.66 -24.25 -15.56
C LEU B 476 9.33 -24.91 -14.34
N ILE B 477 10.25 -24.20 -13.68
CA ILE B 477 10.92 -24.81 -12.53
C ILE B 477 9.99 -25.07 -11.35
N SER B 478 8.86 -24.35 -11.27
CA SER B 478 7.95 -24.57 -10.15
C SER B 478 7.17 -25.83 -10.45
N ASP B 479 6.95 -26.10 -11.73
CA ASP B 479 6.22 -27.29 -12.12
C ASP B 479 7.14 -28.48 -11.93
N ARG B 480 8.38 -28.34 -12.40
CA ARG B 480 9.37 -29.39 -12.25
C ARG B 480 9.51 -29.77 -10.79
N PHE B 481 9.85 -28.78 -9.99
CA PHE B 481 10.16 -29.03 -8.59
C PHE B 481 8.97 -29.46 -7.74
N ALA B 482 7.80 -28.85 -7.93
CA ALA B 482 6.67 -29.18 -7.07
C ALA B 482 6.22 -30.62 -7.30
N ARG B 483 6.30 -31.05 -8.55
CA ARG B 483 6.09 -32.45 -8.92
C ARG B 483 7.10 -33.41 -8.22
N ALA B 484 8.38 -33.18 -8.49
CA ALA B 484 9.46 -33.96 -7.90
C ALA B 484 9.38 -33.97 -6.38
N TYR B 485 9.20 -32.79 -5.81
CA TYR B 485 9.06 -32.66 -4.38
C TYR B 485 7.86 -33.46 -3.85
N SER B 486 6.77 -33.50 -4.61
CA SER B 486 5.60 -34.28 -4.21
C SER B 486 5.85 -35.79 -4.24
N GLU B 487 6.64 -36.23 -5.21
CA GLU B 487 6.92 -37.65 -5.40
C GLU B 487 8.00 -38.21 -4.46
N VAL B 488 9.09 -37.47 -4.29
CA VAL B 488 10.27 -37.99 -3.60
C VAL B 488 10.80 -37.09 -2.47
N GLY B 489 10.09 -36.01 -2.18
CA GLY B 489 10.43 -35.15 -1.06
C GLY B 489 11.80 -34.49 -1.13
N MET B 490 12.52 -34.50 0.00
CA MET B 490 13.75 -33.72 0.13
C MET B 490 14.88 -34.17 -0.81
N ARG B 491 14.73 -35.34 -1.43
CA ARG B 491 15.62 -35.73 -2.52
C ARG B 491 15.52 -34.72 -3.67
N ALA B 492 14.32 -34.21 -3.89
CA ALA B 492 14.07 -33.29 -4.98
C ALA B 492 14.74 -31.95 -4.72
N TYR B 493 14.80 -31.52 -3.46
CA TYR B 493 15.41 -30.22 -3.15
C TYR B 493 16.92 -30.29 -3.29
N GLY B 494 17.52 -31.42 -2.91
CA GLY B 494 18.95 -31.60 -3.09
C GLY B 494 19.34 -31.72 -4.55
N GLU B 495 18.61 -32.55 -5.29
CA GLU B 495 18.97 -32.92 -6.65
C GLU B 495 18.64 -31.85 -7.70
N LEU B 496 17.46 -31.24 -7.59
CA LEU B 496 17.01 -30.27 -8.61
C LEU B 496 17.23 -28.79 -8.25
N VAL B 497 17.64 -28.52 -7.02
CA VAL B 497 17.78 -27.14 -6.57
C VAL B 497 19.15 -26.87 -5.90
N GLN B 498 19.33 -27.41 -4.69
CA GLN B 498 20.46 -26.99 -3.85
C GLN B 498 21.82 -27.42 -4.38
N GLU B 499 21.90 -28.57 -5.02
CA GLU B 499 23.19 -29.01 -5.57
C GLU B 499 23.52 -28.35 -6.93
N PRO B 500 22.54 -28.24 -7.85
CA PRO B 500 22.85 -27.43 -9.03
C PRO B 500 23.29 -26.00 -8.71
N GLU B 501 22.71 -25.39 -7.68
CA GLU B 501 23.06 -24.03 -7.28
C GLU B 501 24.56 -23.92 -6.95
N MET B 502 25.02 -24.80 -6.06
CA MET B 502 26.42 -24.94 -5.67
C MET B 502 27.39 -24.98 -6.85
N GLU B 503 27.20 -26.00 -7.68
CA GLU B 503 28.03 -26.22 -8.86
C GLU B 503 28.04 -25.03 -9.84
N LEU B 504 26.94 -24.28 -9.88
CA LEU B 504 26.87 -23.13 -10.76
C LEU B 504 27.47 -21.91 -10.08
N GLY B 505 27.52 -21.94 -8.76
CA GLY B 505 28.10 -20.86 -7.99
C GLY B 505 27.12 -19.75 -7.68
N VAL B 506 25.83 -20.09 -7.71
CA VAL B 506 24.78 -19.09 -7.48
C VAL B 506 24.90 -18.52 -6.07
N ASP B 507 25.08 -17.20 -6.00
CA ASP B 507 25.29 -16.53 -4.72
C ASP B 507 24.14 -16.77 -3.73
N VAL B 508 22.93 -16.87 -4.26
CA VAL B 508 21.74 -16.99 -3.43
C VAL B 508 21.71 -18.25 -2.55
N VAL B 509 22.51 -19.26 -2.89
CA VAL B 509 22.49 -20.50 -2.10
C VAL B 509 22.99 -20.19 -0.70
N LYS B 510 23.87 -19.21 -0.63
CA LYS B 510 24.27 -18.63 0.62
C LYS B 510 23.34 -17.43 0.86
N HIS B 511 22.09 -17.76 1.18
CA HIS B 511 21.00 -16.81 1.22
C HIS B 511 21.13 -15.68 2.26
N GLN B 512 21.70 -15.98 3.42
CA GLN B 512 21.90 -14.93 4.44
C GLN B 512 22.82 -13.83 3.96
N LYS B 513 23.96 -14.24 3.41
CA LYS B 513 24.96 -13.31 2.87
C LYS B 513 24.38 -12.55 1.70
N TRP B 514 23.55 -13.22 0.91
CA TRP B 514 22.94 -12.60 -0.26
C TRP B 514 21.94 -11.54 0.14
N SER B 515 21.21 -11.79 1.24
CA SER B 515 20.11 -10.91 1.67
C SER B 515 20.63 -9.64 2.29
N GLY B 516 21.91 -9.62 2.62
CA GLY B 516 22.56 -8.45 3.18
C GLY B 516 22.73 -8.52 4.68
N ALA B 517 22.82 -9.75 5.22
CA ALA B 517 22.94 -9.96 6.67
C ALA B 517 24.26 -9.47 7.25
N THR B 518 25.29 -9.45 6.42
CA THR B 518 26.60 -8.99 6.85
C THR B 518 26.66 -7.48 6.69
N TYR B 519 25.96 -6.98 5.68
CA TYR B 519 25.86 -5.53 5.47
C TYR B 519 25.15 -4.84 6.65
N VAL B 520 24.03 -5.40 7.09
CA VAL B 520 23.22 -4.84 8.16
C VAL B 520 23.83 -5.08 9.55
N ASP B 521 24.61 -6.14 9.68
CA ASP B 521 25.33 -6.37 10.91
C ASP B 521 26.37 -5.26 11.12
N GLU B 522 27.03 -4.82 10.04
CA GLU B 522 28.01 -3.75 10.14
C GLU B 522 27.36 -2.38 10.40
N LEU B 523 26.17 -2.17 9.83
CA LEU B 523 25.38 -0.99 10.16
C LEU B 523 25.10 -0.94 11.65
N GLN B 524 24.62 -2.07 12.16
CA GLN B 524 24.21 -2.20 13.54
C GLN B 524 25.35 -1.83 14.49
N LYS B 525 26.55 -2.31 14.16
CA LYS B 525 27.73 -2.09 15.02
C LYS B 525 28.26 -0.65 14.86
N MET B 526 28.15 -0.10 13.65
CA MET B 526 28.56 1.30 13.40
C MET B 526 27.79 2.29 14.28
N VAL B 527 26.53 1.98 14.52
CA VAL B 527 25.67 2.79 15.38
C VAL B 527 25.92 2.47 16.87
N THR B 528 26.53 1.32 17.17
CA THR B 528 26.78 0.91 18.55
C THR B 528 28.25 0.54 18.83
N LYS C 4 30.67 -12.10 -25.03
CA LYS C 4 30.02 -11.63 -23.80
C LYS C 4 29.96 -10.10 -23.75
N ASN C 5 28.94 -9.54 -24.39
CA ASN C 5 28.89 -8.11 -24.70
C ASN C 5 28.15 -7.24 -23.67
N MET C 6 27.37 -7.88 -22.80
CA MET C 6 26.57 -7.14 -21.81
C MET C 6 27.13 -7.18 -20.39
N VAL C 7 28.20 -7.94 -20.13
CA VAL C 7 28.70 -7.98 -18.76
C VAL C 7 29.84 -6.99 -18.53
N ASN C 8 29.77 -6.37 -17.36
CA ASN C 8 30.64 -5.28 -16.95
C ASN C 8 30.52 -5.16 -15.42
N PRO C 9 31.53 -4.57 -14.76
CA PRO C 9 31.60 -4.67 -13.30
C PRO C 9 30.76 -3.70 -12.44
N ALA C 10 30.35 -2.53 -12.95
CA ALA C 10 29.88 -1.44 -12.07
C ALA C 10 30.97 -1.00 -11.14
N VAL C 11 31.65 0.09 -11.52
CA VAL C 11 32.89 0.57 -10.92
C VAL C 11 34.07 -0.38 -11.21
N GLU C 12 35.03 0.13 -11.99
CA GLU C 12 36.30 -0.54 -12.28
C GLU C 12 37.21 -0.55 -11.05
N PRO C 13 37.84 -1.71 -10.77
CA PRO C 13 38.66 -1.91 -9.56
C PRO C 13 39.76 -0.85 -9.39
N SER C 14 40.17 -0.23 -10.50
CA SER C 14 41.22 0.77 -10.50
C SER C 14 40.74 2.13 -10.01
N MET C 15 39.44 2.35 -10.03
CA MET C 15 38.86 3.60 -9.56
C MET C 15 38.23 3.55 -8.15
N GLU C 16 38.03 2.35 -7.61
CA GLU C 16 37.32 2.17 -6.34
C GLU C 16 37.93 2.96 -5.18
N ASP C 17 39.26 2.85 -5.02
CA ASP C 17 39.96 3.52 -3.93
C ASP C 17 39.95 5.03 -4.07
N ASP C 18 40.01 5.51 -5.30
CA ASP C 18 39.99 6.94 -5.58
C ASP C 18 38.61 7.54 -5.33
N LEU C 19 37.57 6.87 -5.84
CA LEU C 19 36.20 7.34 -5.67
C LEU C 19 35.81 7.37 -4.19
N PHE C 20 36.20 6.33 -3.47
CA PHE C 20 35.97 6.28 -2.03
C PHE C 20 36.60 7.48 -1.34
N ALA C 21 37.85 7.77 -1.71
CA ALA C 21 38.61 8.82 -1.03
C ALA C 21 38.01 10.19 -1.30
N ARG C 22 37.51 10.39 -2.51
CA ARG C 22 36.93 11.68 -2.89
C ARG C 22 35.57 11.90 -2.21
N GLU C 23 34.79 10.84 -2.03
CA GLU C 23 33.46 10.93 -1.41
C GLU C 23 33.57 11.15 0.10
N VAL C 24 34.49 10.41 0.74
CA VAL C 24 34.82 10.60 2.14
C VAL C 24 35.32 12.03 2.37
N ALA C 25 35.93 12.60 1.33
CA ALA C 25 36.37 13.99 1.37
C ALA C 25 35.18 14.94 1.37
N GLU C 26 34.20 14.67 0.53
CA GLU C 26 32.97 15.45 0.45
C GLU C 26 32.18 15.41 1.76
N VAL C 27 32.10 14.24 2.38
CA VAL C 27 31.42 14.09 3.67
C VAL C 27 32.08 14.91 4.78
N LYS C 28 33.41 14.87 4.88
CA LYS C 28 34.08 15.63 5.94
C LYS C 28 33.92 17.14 5.75
N GLN C 29 33.99 17.60 4.51
CA GLN C 29 33.71 18.98 4.20
C GLN C 29 32.28 19.33 4.62
N TRP C 30 31.33 18.46 4.25
CA TRP C 30 29.93 18.64 4.58
C TRP C 30 29.66 18.71 6.10
N TRP C 31 30.35 17.85 6.84
CA TRP C 31 30.18 17.74 8.30
C TRP C 31 30.75 18.95 9.07
N SER C 32 31.46 19.82 8.38
CA SER C 32 32.03 21.01 9.00
C SER C 32 31.12 22.23 8.89
N ASP C 33 30.04 22.09 8.13
CA ASP C 33 29.06 23.18 8.00
C ASP C 33 28.53 23.57 9.38
N PRO C 34 28.24 24.87 9.56
CA PRO C 34 27.66 25.37 10.81
C PRO C 34 26.46 24.56 11.30
N ARG C 35 25.75 23.94 10.37
CA ARG C 35 24.59 23.10 10.70
C ARG C 35 24.92 21.99 11.70
N TRP C 36 26.16 21.51 11.67
CA TRP C 36 26.58 20.37 12.46
C TRP C 36 27.44 20.72 13.68
N ARG C 37 27.47 22.01 14.03
CA ARG C 37 28.34 22.54 15.09
C ARG C 37 27.96 22.12 16.51
N TYR C 38 26.73 21.62 16.65
CA TYR C 38 26.19 21.17 17.93
C TYR C 38 26.10 19.64 17.97
N THR C 39 26.60 18.99 16.93
CA THR C 39 26.22 17.61 16.66
C THR C 39 27.34 16.58 16.86
N LYS C 40 27.13 15.67 17.80
CA LYS C 40 28.07 14.57 18.06
C LYS C 40 27.82 13.37 17.15
N ARG C 41 28.88 12.93 16.49
CA ARG C 41 28.79 11.81 15.58
C ARG C 41 29.77 10.70 15.94
N PRO C 42 29.30 9.67 16.66
CA PRO C 42 30.12 8.52 17.10
C PRO C 42 30.44 7.56 15.97
N PHE C 43 30.70 8.09 14.79
CA PHE C 43 31.10 7.27 13.65
C PHE C 43 31.82 8.17 12.68
N THR C 44 32.61 7.56 11.80
CA THR C 44 33.51 8.30 10.92
C THR C 44 32.97 8.36 9.50
N ALA C 45 33.37 9.40 8.77
CA ALA C 45 33.00 9.56 7.36
C ALA C 45 33.32 8.29 6.56
N GLU C 46 34.44 7.66 6.90
CA GLU C 46 34.82 6.43 6.24
C GLU C 46 33.80 5.32 6.49
N GLN C 47 33.30 5.21 7.72
CA GLN C 47 32.29 4.19 8.07
C GLN C 47 30.97 4.44 7.34
N ILE C 48 30.59 5.71 7.21
CA ILE C 48 29.35 6.08 6.53
C ILE C 48 29.39 5.81 5.02
N VAL C 49 30.38 6.35 4.33
CA VAL C 49 30.46 6.17 2.88
C VAL C 49 30.59 4.69 2.50
N SER C 50 31.15 3.89 3.43
CA SER C 50 31.26 2.44 3.23
C SER C 50 29.91 1.74 3.20
N LYS C 51 28.87 2.46 3.59
CA LYS C 51 27.53 1.88 3.56
C LYS C 51 26.79 2.34 2.31
N ARG C 52 27.37 3.28 1.58
CA ARG C 52 26.69 3.90 0.43
C ARG C 52 26.81 3.06 -0.82
N GLY C 53 25.92 3.36 -1.76
CA GLY C 53 25.94 2.72 -3.06
C GLY C 53 26.67 3.57 -4.08
N ASN C 54 26.58 3.17 -5.33
CA ASN C 54 27.30 3.86 -6.37
C ASN C 54 26.45 4.99 -6.94
N LEU C 55 25.16 4.97 -6.67
CA LEU C 55 24.28 5.98 -7.23
C LEU C 55 23.83 6.99 -6.19
N LYS C 56 24.15 8.25 -6.47
CA LYS C 56 23.85 9.35 -5.57
C LYS C 56 22.44 9.84 -5.85
N ILE C 57 21.69 10.05 -4.76
CA ILE C 57 20.29 10.41 -4.82
C ILE C 57 20.08 11.73 -4.06
N GLU C 58 19.36 12.66 -4.69
CA GLU C 58 19.04 13.94 -4.07
C GLU C 58 17.57 13.96 -3.64
N TYR C 59 17.29 14.44 -2.43
CA TYR C 59 15.92 14.38 -1.91
C TYR C 59 15.42 15.79 -1.62
N PRO C 60 14.18 16.08 -2.03
CA PRO C 60 13.51 17.33 -1.69
C PRO C 60 13.45 17.56 -0.17
N SER C 61 13.33 16.47 0.58
CA SER C 61 13.47 16.49 2.03
C SER C 61 14.60 17.42 2.45
N ASN C 62 15.76 17.24 1.82
CA ASN C 62 16.95 18.01 2.18
C ASN C 62 16.72 19.51 2.11
N ALA C 63 15.98 19.93 1.10
CA ALA C 63 15.78 21.34 0.86
C ALA C 63 14.89 21.90 1.96
N GLN C 64 13.93 21.08 2.38
CA GLN C 64 13.00 21.48 3.41
C GLN C 64 13.64 21.38 4.81
N SER C 65 14.55 20.40 4.97
CA SER C 65 15.40 20.35 6.16
C SER C 65 16.18 21.66 6.35
N LYS C 66 16.73 22.15 5.24
CA LYS C 66 17.58 23.34 5.24
C LYS C 66 16.75 24.61 5.44
N LYS C 67 15.53 24.58 4.94
CA LYS C 67 14.61 25.69 5.13
C LYS C 67 14.22 25.73 6.60
N LEU C 68 13.88 24.57 7.14
CA LEU C 68 13.43 24.45 8.54
C LEU C 68 14.52 24.96 9.49
N TRP C 69 15.71 24.43 9.31
CA TRP C 69 16.84 24.78 10.16
C TRP C 69 17.08 26.29 10.18
N LYS C 70 17.04 26.91 9.00
CA LYS C 70 17.22 28.35 8.86
C LYS C 70 16.10 29.15 9.54
N ILE C 71 14.90 28.58 9.59
CA ILE C 71 13.80 29.19 10.32
C ILE C 71 14.00 29.12 11.83
N LEU C 72 14.30 27.92 12.32
CA LEU C 72 14.43 27.70 13.76
C LEU C 72 15.69 28.30 14.36
N GLU C 73 16.81 28.27 13.63
CA GLU C 73 18.01 29.03 14.03
C GLU C 73 17.64 30.48 14.39
N GLY C 74 16.83 31.11 13.56
CA GLY C 74 16.48 32.49 13.77
C GLY C 74 15.52 32.68 14.92
N ARG C 75 14.54 31.79 15.02
CA ARG C 75 13.63 31.80 16.16
C ARG C 75 14.40 31.79 17.50
N PHE C 76 15.35 30.87 17.64
CA PHE C 76 16.10 30.70 18.88
C PHE C 76 17.05 31.87 19.22
N GLN C 77 17.73 32.43 18.22
CA GLN C 77 18.59 33.60 18.44
C GLN C 77 17.75 34.79 18.86
N LYS C 78 16.54 34.84 18.32
CA LYS C 78 15.65 35.99 18.50
C LYS C 78 14.74 35.74 19.69
N ARG C 79 14.91 34.55 20.26
CA ARG C 79 14.03 34.03 21.29
C ARG C 79 12.57 34.29 20.94
N ASP C 80 12.22 33.89 19.72
CA ASP C 80 10.84 33.76 19.28
C ASP C 80 10.53 32.31 19.03
N ALA C 81 9.35 32.08 18.46
CA ALA C 81 8.89 30.73 18.21
C ALA C 81 8.13 30.58 16.89
N SER C 82 8.40 29.50 16.18
CA SER C 82 7.53 29.08 15.11
C SER C 82 6.46 28.21 15.76
N TYR C 83 5.19 28.43 15.40
CA TYR C 83 4.15 27.51 15.86
C TYR C 83 3.23 27.03 14.72
N THR C 84 2.59 25.89 14.97
CA THR C 84 1.74 25.23 13.99
C THR C 84 0.85 24.21 14.70
N TYR C 85 0.22 23.34 13.92
CA TYR C 85 -0.58 22.30 14.53
C TYR C 85 -0.69 21.07 13.66
N GLY C 86 -1.34 20.06 14.22
CA GLY C 86 -1.40 18.75 13.61
C GLY C 86 -2.30 18.74 12.42
N CYS C 87 -1.70 18.75 11.24
CA CYS C 87 -2.47 18.76 10.02
C CYS C 87 -2.91 17.36 9.64
N LEU C 88 -4.01 17.31 8.90
CA LEU C 88 -4.84 16.13 8.75
C LEU C 88 -4.89 15.60 7.32
N GLU C 89 -4.71 16.50 6.35
CA GLU C 89 -5.21 16.28 5.00
C GLU C 89 -4.95 17.53 4.07
N PRO C 90 -4.84 17.35 2.74
CA PRO C 90 -4.39 18.48 1.89
C PRO C 90 -5.25 19.76 1.86
N THR C 91 -6.56 19.65 2.06
CA THR C 91 -7.42 20.84 2.07
C THR C 91 -7.00 21.77 3.21
N MET C 92 -6.72 21.15 4.36
CA MET C 92 -6.23 21.84 5.54
C MET C 92 -4.84 22.46 5.35
N VAL C 93 -3.93 21.74 4.69
CA VAL C 93 -2.55 22.18 4.58
C VAL C 93 -2.40 23.40 3.65
N THR C 94 -3.29 23.51 2.67
CA THR C 94 -3.32 24.66 1.77
C THR C 94 -3.86 25.91 2.47
N GLN C 95 -4.57 25.71 3.58
CA GLN C 95 -5.14 26.84 4.31
C GLN C 95 -4.16 27.30 5.39
N MET C 96 -3.58 26.33 6.10
CA MET C 96 -2.51 26.60 7.06
C MET C 96 -1.33 27.36 6.42
N ALA C 97 -1.04 27.05 5.17
CA ALA C 97 0.15 27.58 4.49
C ALA C 97 0.18 29.10 4.47
N LYS C 98 -1.00 29.70 4.51
CA LYS C 98 -1.15 31.15 4.43
C LYS C 98 -0.57 31.87 5.63
N TYR C 99 -0.71 31.26 6.80
CA TYR C 99 -0.42 31.94 8.06
C TYR C 99 0.64 31.25 8.95
N LEU C 100 0.94 29.98 8.67
CA LEU C 100 1.87 29.23 9.50
C LEU C 100 3.06 28.74 8.69
N ASP C 101 4.25 28.79 9.27
CA ASP C 101 5.44 28.49 8.49
C ASP C 101 5.95 27.03 8.60
N THR C 102 5.35 26.22 9.47
CA THR C 102 5.70 24.79 9.56
C THR C 102 4.45 23.96 9.66
N VAL C 103 4.58 22.69 9.40
CA VAL C 103 3.43 21.80 9.44
C VAL C 103 3.77 20.60 10.31
N TYR C 104 2.81 20.18 11.13
CA TYR C 104 3.02 19.04 12.01
C TYR C 104 2.19 17.84 11.62
N VAL C 105 2.84 16.68 11.54
CA VAL C 105 2.12 15.43 11.33
C VAL C 105 2.15 14.52 12.57
N SER C 106 0.95 14.32 13.12
CA SER C 106 0.70 13.63 14.37
C SER C 106 0.44 12.13 14.24
N GLY C 107 1.04 11.36 15.14
CA GLY C 107 0.80 9.93 15.22
C GLY C 107 -0.59 9.67 15.77
N TRP C 108 -0.97 10.46 16.77
CA TRP C 108 -2.27 10.32 17.40
C TRP C 108 -3.39 10.49 16.34
N GLN C 109 -3.33 11.59 15.59
CA GLN C 109 -4.31 11.79 14.51
C GLN C 109 -4.23 10.67 13.47
N SER C 110 -3.04 10.16 13.20
CA SER C 110 -2.88 9.17 12.15
C SER C 110 -3.41 7.80 12.60
N SER C 111 -3.37 7.58 13.90
CA SER C 111 -3.87 6.34 14.45
C SER C 111 -5.39 6.31 14.35
N SER C 112 -6.01 7.49 14.29
CA SER C 112 -7.47 7.57 14.29
C SER C 112 -8.04 7.90 12.89
N THR C 113 -7.19 8.39 12.00
CA THR C 113 -7.65 8.82 10.70
C THR C 113 -6.78 8.42 9.50
N ALA C 114 -5.60 7.85 9.70
CA ALA C 114 -4.71 7.65 8.56
C ALA C 114 -3.79 6.40 8.55
N SER C 115 -4.15 5.35 9.24
CA SER C 115 -3.36 4.11 9.17
C SER C 115 -3.28 3.53 7.75
N SER C 116 -2.12 2.96 7.42
CA SER C 116 -1.91 2.31 6.14
C SER C 116 -2.74 1.03 5.99
N SER C 117 -3.45 0.61 7.04
CA SER C 117 -4.27 -0.59 6.94
C SER C 117 -5.77 -0.26 7.02
N ASP C 118 -6.06 1.02 7.29
CA ASP C 118 -7.41 1.56 7.44
C ASP C 118 -8.06 1.15 8.76
N GLU C 119 -7.30 0.47 9.62
CA GLU C 119 -7.83 0.07 10.92
C GLU C 119 -7.45 1.04 12.05
N PRO C 120 -8.44 1.79 12.52
CA PRO C 120 -8.20 2.89 13.46
C PRO C 120 -8.04 2.38 14.87
N GLY C 121 -7.82 3.30 15.79
CA GLY C 121 -7.43 2.91 17.12
C GLY C 121 -6.74 4.04 17.86
N PRO C 122 -6.68 3.93 19.19
CA PRO C 122 -6.03 4.90 20.06
C PRO C 122 -4.49 4.86 19.92
N ASP C 123 -3.84 5.95 20.33
CA ASP C 123 -2.41 6.14 20.08
C ASP C 123 -1.55 5.18 20.89
N LEU C 124 -1.25 4.05 20.29
CA LEU C 124 -0.34 3.05 20.83
C LEU C 124 0.80 2.77 19.84
N ALA C 125 0.83 3.57 18.77
CA ALA C 125 1.81 3.40 17.70
C ALA C 125 1.88 1.92 17.21
N ASP C 126 0.69 1.37 16.98
CA ASP C 126 0.54 -0.05 16.67
C ASP C 126 -0.09 -0.20 15.27
N TYR C 127 -0.03 0.89 14.52
CA TYR C 127 -0.27 0.87 13.09
C TYR C 127 1.03 0.46 12.40
N PRO C 128 0.96 0.10 11.12
CA PRO C 128 2.20 -0.17 10.37
C PRO C 128 3.02 1.11 10.25
N TYR C 129 4.34 0.99 10.21
CA TYR C 129 5.16 2.18 10.37
C TYR C 129 5.24 3.01 9.09
N THR C 130 4.60 2.49 8.03
CA THR C 130 4.40 3.24 6.79
C THR C 130 3.39 4.40 6.97
N THR C 131 2.60 4.30 8.04
CA THR C 131 1.48 5.21 8.31
C THR C 131 1.86 6.71 8.29
N VAL C 132 2.73 7.15 9.20
CA VAL C 132 3.08 8.55 9.30
C VAL C 132 3.95 9.12 8.16
N PRO C 133 4.92 8.33 7.61
CA PRO C 133 5.61 8.82 6.41
C PRO C 133 4.67 8.92 5.20
N ASN C 134 3.70 8.02 5.12
CA ASN C 134 2.74 8.10 4.04
C ASN C 134 1.88 9.38 4.13
N LYS C 135 1.48 9.77 5.33
CA LYS C 135 0.74 11.02 5.52
C LYS C 135 1.62 12.23 5.15
N VAL C 136 2.89 12.18 5.54
CA VAL C 136 3.84 13.22 5.14
C VAL C 136 3.77 13.46 3.63
N SER C 137 3.91 12.38 2.86
CA SER C 137 3.87 12.39 1.40
C SER C 137 2.54 12.93 0.88
N HIS C 138 1.47 12.55 1.55
CA HIS C 138 0.12 12.98 1.20
C HIS C 138 0.06 14.51 1.15
N LEU C 139 0.58 15.11 2.21
CA LEU C 139 0.61 16.54 2.38
C LEU C 139 1.63 17.20 1.43
N PHE C 140 2.82 16.62 1.38
CA PHE C 140 3.95 17.20 0.66
C PHE C 140 3.76 17.17 -0.87
N MET C 141 3.14 16.13 -1.38
CA MET C 141 2.79 16.11 -2.80
C MET C 141 1.72 17.17 -3.08
N ALA C 142 0.83 17.40 -2.11
CA ALA C 142 -0.17 18.45 -2.25
C ALA C 142 0.48 19.84 -2.27
N GLN C 143 1.53 20.02 -1.48
CA GLN C 143 2.22 21.31 -1.44
C GLN C 143 2.92 21.59 -2.76
N LEU C 144 3.52 20.56 -3.35
CA LEU C 144 4.29 20.70 -4.59
C LEU C 144 3.39 21.10 -5.77
N PHE C 145 2.17 20.58 -5.77
CA PHE C 145 1.21 20.84 -6.84
C PHE C 145 0.67 22.26 -6.81
N HIS C 146 0.16 22.66 -5.64
CA HIS C 146 -0.32 24.00 -5.42
C HIS C 146 0.78 25.08 -5.58
N ASP C 147 2.01 24.73 -5.25
CA ASP C 147 3.15 25.57 -5.57
C ASP C 147 3.26 25.80 -7.10
N ARG C 148 3.22 24.70 -7.84
CA ARG C 148 3.21 24.67 -9.30
C ARG C 148 2.03 25.46 -9.90
N LYS C 149 0.83 25.13 -9.42
CA LYS C 149 -0.40 25.80 -9.85
C LYS C 149 -0.36 27.31 -9.68
N GLN C 150 0.22 27.76 -8.55
CA GLN C 150 0.27 29.18 -8.23
C GLN C 150 1.42 29.87 -8.95
N ARG C 151 2.51 29.15 -9.19
CA ARG C 151 3.60 29.73 -9.98
C ARG C 151 3.14 30.00 -11.40
N HIS C 152 2.39 29.05 -11.93
CA HIS C 152 1.85 29.15 -13.27
C HIS C 152 0.86 30.31 -13.37
N GLU C 153 -0.05 30.42 -12.42
CA GLU C 153 -1.01 31.51 -12.44
C GLU C 153 -0.33 32.89 -12.39
N ARG C 154 0.73 32.98 -11.60
CA ARG C 154 1.44 34.24 -11.41
C ARG C 154 2.29 34.61 -12.62
N LEU C 155 3.05 33.66 -13.13
CA LEU C 155 3.87 33.90 -14.32
C LEU C 155 3.03 34.12 -15.59
N SER C 156 1.81 33.59 -15.59
CA SER C 156 0.90 33.73 -16.73
C SER C 156 0.19 35.08 -16.71
N ALA C 157 0.65 35.98 -15.85
CA ALA C 157 0.04 37.31 -15.70
C ALA C 157 1.11 38.40 -15.76
N PRO C 158 0.77 39.56 -16.34
CA PRO C 158 1.78 40.62 -16.47
C PRO C 158 2.22 41.08 -15.09
N LYS C 159 3.50 41.39 -14.90
CA LYS C 159 3.99 41.79 -13.59
C LYS C 159 3.11 42.88 -12.93
N SER C 160 2.69 43.85 -13.73
CA SER C 160 1.87 44.97 -13.24
C SER C 160 0.53 44.54 -12.61
N GLU C 161 0.31 43.24 -12.48
CA GLU C 161 -1.02 42.75 -12.14
C GLU C 161 -0.98 41.65 -11.07
N ARG C 162 0.23 41.27 -10.69
CA ARG C 162 0.45 40.12 -9.84
C ARG C 162 0.08 40.39 -8.36
N SER C 163 0.17 41.64 -7.92
CA SER C 163 -0.13 42.04 -6.54
C SER C 163 -1.59 41.83 -6.16
N LYS C 164 -2.42 41.57 -7.16
CA LYS C 164 -3.82 41.24 -6.95
C LYS C 164 -3.98 39.73 -6.84
N LEU C 165 -2.89 39.01 -7.11
CA LEU C 165 -2.86 37.57 -6.99
C LEU C 165 -2.25 37.13 -5.66
N GLN C 166 -2.62 35.93 -5.24
CA GLN C 166 -2.09 35.32 -4.02
C GLN C 166 -0.64 34.92 -4.20
N ASN C 167 0.06 34.78 -3.10
CA ASN C 167 1.46 34.39 -3.11
C ASN C 167 1.76 33.58 -1.83
N ILE C 168 1.24 32.37 -1.81
CA ILE C 168 1.31 31.51 -0.64
C ILE C 168 2.57 30.65 -0.66
N ASP C 169 3.22 30.47 0.48
CA ASP C 169 4.32 29.50 0.59
C ASP C 169 3.80 28.12 0.98
N TYR C 170 3.55 27.28 -0.01
CA TYR C 170 2.97 25.98 0.21
C TYR C 170 4.04 25.02 0.68
N LEU C 171 5.28 25.34 0.35
CA LEU C 171 6.39 24.51 0.78
C LEU C 171 6.78 24.81 2.25
N ARG C 172 5.80 24.73 3.13
CA ARG C 172 6.06 24.82 4.56
C ARG C 172 6.63 23.49 5.05
N PRO C 173 7.84 23.54 5.63
CA PRO C 173 8.58 22.36 6.12
C PRO C 173 7.79 21.52 7.12
N ILE C 174 7.79 20.22 6.91
CA ILE C 174 6.99 19.27 7.67
C ILE C 174 7.81 18.56 8.73
N ILE C 175 7.31 18.58 9.97
CA ILE C 175 7.86 17.80 11.06
C ILE C 175 6.87 16.71 11.46
N ALA C 176 7.36 15.46 11.55
CA ALA C 176 6.46 14.34 11.86
C ALA C 176 6.92 13.39 13.01
N ASP C 177 5.98 12.52 13.40
CA ASP C 177 6.07 11.63 14.55
C ASP C 177 6.66 10.25 14.19
N ALA C 178 7.84 9.94 14.71
CA ALA C 178 8.47 8.67 14.41
C ALA C 178 8.26 7.73 15.58
N ASP C 179 7.40 8.19 16.48
CA ASP C 179 7.02 7.44 17.68
C ASP C 179 8.24 6.98 18.47
N THR C 180 8.45 5.68 18.44
CA THR C 180 9.54 5.01 19.12
C THR C 180 10.64 4.59 18.14
N GLY C 181 10.29 4.51 16.87
CA GLY C 181 11.15 3.92 15.86
C GLY C 181 10.56 2.64 15.27
N HIS C 182 9.55 2.11 15.94
CA HIS C 182 8.86 0.89 15.54
C HIS C 182 9.80 -0.32 15.50
N GLY C 183 10.55 -0.49 16.59
CA GLY C 183 11.35 -1.68 16.82
C GLY C 183 12.82 -1.42 17.06
N GLY C 184 13.64 -2.37 16.63
CA GLY C 184 15.07 -2.28 16.78
C GLY C 184 15.65 -1.17 15.93
N LEU C 185 16.98 -1.06 15.97
CA LEU C 185 17.67 0.03 15.31
C LEU C 185 17.60 -0.06 13.77
N THR C 186 17.48 -1.28 13.25
CA THR C 186 17.31 -1.46 11.81
C THR C 186 15.96 -0.92 11.32
N ALA C 187 14.94 -1.08 12.16
CA ALA C 187 13.63 -0.49 11.96
C ALA C 187 13.70 1.05 11.95
N VAL C 188 14.50 1.60 12.85
CA VAL C 188 14.68 3.04 12.95
C VAL C 188 15.25 3.65 11.67
N MET C 189 16.26 2.99 11.14
CA MET C 189 16.95 3.48 9.96
C MET C 189 16.06 3.32 8.73
N LYS C 190 15.38 2.18 8.66
CA LYS C 190 14.38 1.98 7.63
C LYS C 190 13.20 3.00 7.72
N LEU C 191 12.77 3.34 8.95
CA LEU C 191 11.68 4.31 9.13
C LEU C 191 12.18 5.72 8.87
N THR C 192 13.41 6.00 9.28
CA THR C 192 14.01 7.28 8.97
C THR C 192 14.16 7.40 7.45
N LYS C 193 14.56 6.30 6.83
CA LYS C 193 14.74 6.29 5.39
C LYS C 193 13.45 6.66 4.67
N LEU C 194 12.31 6.21 5.21
CA LEU C 194 11.04 6.54 4.56
C LEU C 194 10.72 8.02 4.68
N PHE C 195 10.77 8.55 5.90
CA PHE C 195 10.51 9.96 6.14
C PHE C 195 11.28 10.86 5.15
N ILE C 196 12.54 10.51 4.90
CA ILE C 196 13.38 11.30 4.00
C ILE C 196 12.95 11.20 2.52
N GLU C 197 12.64 9.98 2.08
CA GLU C 197 12.07 9.75 0.76
C GLU C 197 10.69 10.43 0.52
N LYS C 198 9.94 10.65 1.59
CA LYS C 198 8.55 11.05 1.48
C LYS C 198 8.30 12.56 1.61
N GLY C 199 9.29 13.28 2.16
CA GLY C 199 9.22 14.73 2.30
C GLY C 199 9.53 15.39 3.65
N ALA C 200 9.79 14.59 4.68
CA ALA C 200 9.96 15.14 6.02
C ALA C 200 11.20 16.04 6.16
N ALA C 201 11.02 17.14 6.89
CA ALA C 201 12.11 18.08 7.14
C ALA C 201 12.73 17.73 8.46
N GLY C 202 11.87 17.25 9.34
CA GLY C 202 12.26 16.81 10.65
C GLY C 202 11.37 15.71 11.21
N ILE C 203 11.92 14.94 12.14
CA ILE C 203 11.15 13.94 12.85
C ILE C 203 11.50 13.93 14.33
N HIS C 204 10.56 13.49 15.15
CA HIS C 204 10.85 13.34 16.56
C HIS C 204 10.70 11.89 17.01
N ILE C 205 11.51 11.49 17.99
CA ILE C 205 11.49 10.11 18.49
C ILE C 205 11.56 10.05 20.05
N GLU C 206 10.94 9.03 20.66
CA GLU C 206 10.70 9.01 22.12
C GLU C 206 11.46 7.93 22.90
N ASP C 207 11.66 8.16 24.19
CA ASP C 207 12.38 7.20 25.04
C ASP C 207 11.45 6.19 25.68
N GLN C 208 10.35 5.90 25.01
CA GLN C 208 9.44 4.87 25.50
C GLN C 208 9.84 3.53 24.91
N ALA C 209 9.44 2.48 25.61
CA ALA C 209 9.48 1.13 25.07
C ALA C 209 8.26 0.88 24.19
N PRO C 210 8.46 0.44 22.96
CA PRO C 210 7.30 0.18 22.11
C PRO C 210 6.53 -1.05 22.58
N GLY C 211 5.23 -1.09 22.35
CA GLY C 211 4.45 -2.25 22.72
C GLY C 211 3.99 -2.28 24.16
N THR C 212 4.22 -1.18 24.88
CA THR C 212 3.94 -1.10 26.33
C THR C 212 3.04 0.08 26.71
N GLY C 220 0.53 4.06 33.56
CA GLY C 220 1.89 4.58 33.53
C GLY C 220 2.61 4.27 32.22
N LYS C 221 3.63 5.07 31.92
CA LYS C 221 4.47 4.83 30.75
C LYS C 221 5.74 4.04 31.12
N VAL C 222 6.25 3.26 30.16
CA VAL C 222 7.47 2.49 30.36
C VAL C 222 8.64 3.06 29.58
N LEU C 223 9.71 3.43 30.28
CA LEU C 223 10.88 3.98 29.61
C LEU C 223 11.90 2.93 29.13
N VAL C 224 12.67 3.30 28.12
CA VAL C 224 13.88 2.54 27.79
C VAL C 224 15.05 3.19 28.51
N PRO C 225 16.13 2.43 28.71
CA PRO C 225 17.36 3.03 29.23
C PRO C 225 17.88 4.11 28.30
N ILE C 226 18.64 5.02 28.88
CA ILE C 226 19.19 6.16 28.17
C ILE C 226 20.04 5.75 26.98
N SER C 227 20.88 4.73 27.18
CA SER C 227 21.76 4.26 26.10
C SER C 227 20.94 3.85 24.86
N GLU C 228 19.81 3.19 25.11
CA GLU C 228 18.98 2.67 24.05
C GLU C 228 18.38 3.79 23.19
N HIS C 229 17.91 4.86 23.82
CA HIS C 229 17.34 5.96 23.05
C HIS C 229 18.41 6.78 22.30
N ILE C 230 19.55 6.95 22.93
CA ILE C 230 20.71 7.57 22.30
C ILE C 230 21.05 6.83 21.01
N ASN C 231 21.02 5.50 21.09
CA ASN C 231 21.27 4.68 19.92
C ASN C 231 20.30 4.93 18.79
N ARG C 232 19.04 5.18 19.14
CA ARG C 232 18.01 5.51 18.18
C ARG C 232 18.33 6.81 17.42
N LEU C 233 18.72 7.82 18.20
CA LEU C 233 19.11 9.12 17.66
C LEU C 233 20.29 8.99 16.69
N VAL C 234 21.33 8.30 17.12
CA VAL C 234 22.50 8.04 16.29
C VAL C 234 22.12 7.28 15.03
N ALA C 235 21.16 6.38 15.18
CA ALA C 235 20.70 5.57 14.08
C ALA C 235 19.91 6.40 13.06
N ILE C 236 19.18 7.40 13.55
CA ILE C 236 18.54 8.34 12.65
C ILE C 236 19.60 9.14 11.87
N ARG C 237 20.56 9.71 12.61
CA ARG C 237 21.57 10.58 12.01
C ARG C 237 22.46 9.83 11.03
N ALA C 238 22.67 8.54 11.29
CA ALA C 238 23.53 7.77 10.41
C ALA C 238 22.80 7.49 9.10
N GLN C 239 21.52 7.15 9.21
CA GLN C 239 20.69 6.99 8.03
C GLN C 239 20.66 8.26 7.20
N ALA C 240 20.51 9.40 7.85
CA ALA C 240 20.48 10.66 7.14
C ALA C 240 21.81 10.98 6.50
N ASP C 241 22.90 10.62 7.17
CA ASP C 241 24.26 10.88 6.67
C ASP C 241 24.68 9.92 5.53
N ILE C 242 23.81 8.98 5.19
CA ILE C 242 24.09 8.04 4.12
C ILE C 242 23.39 8.52 2.84
N MET C 243 22.21 9.07 3.01
CA MET C 243 21.45 9.66 1.92
C MET C 243 21.89 11.09 1.70
N GLY C 244 22.71 11.59 2.62
CA GLY C 244 23.30 12.91 2.51
C GLY C 244 22.33 14.05 2.74
N VAL C 245 21.47 13.90 3.74
CA VAL C 245 20.49 14.94 4.02
C VAL C 245 20.61 15.57 5.41
N ASP C 246 20.11 16.80 5.51
CA ASP C 246 20.18 17.58 6.73
C ASP C 246 18.95 17.41 7.64
N LEU C 247 18.33 16.23 7.57
CA LEU C 247 17.13 15.93 8.34
C LEU C 247 17.25 16.27 9.83
N LEU C 248 16.25 16.97 10.36
CA LEU C 248 16.24 17.34 11.76
C LEU C 248 15.73 16.20 12.61
N ALA C 249 16.45 15.94 13.71
CA ALA C 249 16.12 14.86 14.60
C ALA C 249 15.80 15.44 15.97
N ILE C 250 14.55 15.25 16.39
CA ILE C 250 14.06 15.78 17.63
C ILE C 250 13.93 14.70 18.72
N ALA C 251 14.53 14.94 19.88
CA ALA C 251 14.48 13.97 20.96
C ALA C 251 13.40 14.31 21.97
N ARG C 252 12.46 13.38 22.14
CA ARG C 252 11.39 13.54 23.12
C ARG C 252 11.60 12.65 24.35
N THR C 253 11.47 13.23 25.56
CA THR C 253 11.47 12.40 26.75
C THR C 253 10.11 12.41 27.44
N ASP C 254 9.71 11.23 27.87
CA ASP C 254 8.43 11.00 28.51
C ASP C 254 8.61 10.75 30.02
N ALA C 255 9.69 11.29 30.57
CA ALA C 255 10.11 10.96 31.93
C ALA C 255 9.24 11.54 33.04
N GLU C 256 8.66 12.70 32.79
CA GLU C 256 7.93 13.45 33.80
C GLU C 256 6.69 12.71 34.30
N ALA C 257 6.20 11.73 33.55
CA ALA C 257 5.03 10.99 33.98
C ALA C 257 5.27 9.49 33.96
N ALA C 258 6.51 9.11 33.74
CA ALA C 258 6.88 7.70 33.60
C ALA C 258 7.02 7.05 34.97
N THR C 259 6.70 5.77 35.03
CA THR C 259 6.69 5.05 36.29
C THR C 259 7.45 3.73 36.16
N LEU C 260 7.70 3.34 34.91
CA LEU C 260 8.40 2.09 34.65
C LEU C 260 9.60 2.29 33.72
N ILE C 261 10.54 1.36 33.80
CA ILE C 261 11.67 1.31 32.88
C ILE C 261 11.98 -0.17 32.63
N THR C 262 12.55 -0.49 31.47
CA THR C 262 12.69 -1.90 31.09
C THR C 262 13.84 -2.62 31.83
N THR C 263 14.85 -1.86 32.20
CA THR C 263 16.03 -2.42 32.82
C THR C 263 16.85 -1.39 33.56
N SER C 264 17.79 -1.90 34.33
CA SER C 264 18.57 -1.12 35.29
C SER C 264 20.03 -1.16 34.90
N ILE C 265 20.30 -1.57 33.67
CA ILE C 265 21.66 -1.78 33.21
C ILE C 265 22.41 -0.47 32.95
N ASP C 266 21.67 0.61 32.72
CA ASP C 266 22.29 1.89 32.47
C ASP C 266 22.44 2.65 33.78
N PRO C 267 23.69 2.91 34.17
CA PRO C 267 24.11 3.65 35.37
C PRO C 267 23.45 5.02 35.53
N ARG C 268 23.26 5.72 34.41
CA ARG C 268 22.66 7.05 34.45
C ARG C 268 21.19 7.02 34.87
N ASP C 269 20.59 5.83 34.86
CA ASP C 269 19.20 5.65 35.28
C ASP C 269 19.08 5.33 36.76
N HIS C 270 20.19 4.85 37.33
CA HIS C 270 20.23 4.34 38.70
C HIS C 270 19.67 5.30 39.78
N ALA C 271 19.85 6.60 39.59
CA ALA C 271 19.40 7.61 40.55
C ALA C 271 17.89 7.70 40.71
N PHE C 272 17.13 7.06 39.82
CA PHE C 272 15.69 7.24 39.84
C PHE C 272 14.95 5.93 39.99
N ILE C 273 15.68 4.83 39.86
CA ILE C 273 15.05 3.53 40.00
C ILE C 273 14.70 3.31 41.47
N LEU C 274 13.45 2.92 41.71
CA LEU C 274 13.00 2.73 43.07
C LEU C 274 13.33 1.32 43.52
N GLY C 275 13.77 1.22 44.78
CA GLY C 275 14.04 -0.06 45.39
C GLY C 275 13.23 -0.26 46.64
N CYS C 276 13.18 -1.51 47.07
CA CYS C 276 12.56 -1.91 48.34
C CYS C 276 13.49 -1.63 49.53
N THR C 277 12.91 -1.17 50.63
CA THR C 277 13.71 -0.84 51.82
C THR C 277 13.30 -1.71 53.01
N ASN C 278 12.70 -2.84 52.68
CA ASN C 278 12.17 -3.77 53.66
C ASN C 278 12.83 -5.13 53.48
N PRO C 279 13.66 -5.54 54.46
CA PRO C 279 14.39 -6.81 54.36
C PRO C 279 13.52 -8.01 54.68
N SER C 280 12.29 -7.76 55.11
CA SER C 280 11.40 -8.83 55.56
C SER C 280 10.55 -9.38 54.43
N LEU C 281 10.51 -8.66 53.31
CA LEU C 281 9.59 -8.98 52.22
C LEU C 281 10.18 -9.86 51.13
N GLN C 282 9.37 -10.78 50.63
CA GLN C 282 9.73 -11.60 49.50
C GLN C 282 9.49 -10.82 48.22
N PRO C 283 10.19 -11.18 47.12
CA PRO C 283 9.95 -10.56 45.81
C PRO C 283 8.47 -10.56 45.41
N LEU C 284 7.96 -9.39 45.02
CA LEU C 284 6.57 -9.22 44.61
C LEU C 284 6.06 -10.25 43.61
N ALA C 285 6.85 -10.53 42.58
CA ALA C 285 6.43 -11.46 41.55
C ALA C 285 6.31 -12.86 42.13
N ASP C 286 7.20 -13.19 43.08
CA ASP C 286 7.18 -14.50 43.77
C ASP C 286 5.85 -14.65 44.49
N LEU C 287 5.42 -13.56 45.11
CA LEU C 287 4.19 -13.51 45.89
C LEU C 287 2.95 -13.63 45.02
N MET C 288 2.83 -12.72 44.06
CA MET C 288 1.70 -12.67 43.14
C MET C 288 1.46 -14.00 42.44
N ASN C 289 2.54 -14.74 42.22
CA ASN C 289 2.43 -16.01 41.55
C ASN C 289 1.87 -17.08 42.50
N THR C 290 2.40 -17.15 43.72
CA THR C 290 1.95 -18.15 44.69
C THR C 290 0.47 -17.97 44.99
N ALA C 291 0.03 -16.72 45.05
CA ALA C 291 -1.36 -16.39 45.34
C ALA C 291 -2.29 -16.77 44.17
N GLU C 292 -1.81 -16.63 42.94
CA GLU C 292 -2.58 -17.02 41.76
C GLU C 292 -2.39 -18.50 41.46
N ILE C 304 -3.57 -7.26 46.60
CA ILE C 304 -2.46 -7.63 47.49
C ILE C 304 -1.18 -6.90 47.09
N GLU C 305 -1.07 -6.55 45.82
CA GLU C 305 0.08 -5.84 45.33
C GLU C 305 0.20 -4.47 46.01
N ASP C 306 -0.92 -3.75 46.08
CA ASP C 306 -0.90 -2.40 46.64
C ASP C 306 -0.44 -2.40 48.10
N GLU C 307 -0.75 -3.49 48.82
CA GLU C 307 -0.31 -3.66 50.20
C GLU C 307 1.21 -3.79 50.28
N TRP C 308 1.74 -4.67 49.43
CA TRP C 308 3.18 -4.92 49.30
C TRP C 308 3.92 -3.64 48.93
N MET C 309 3.36 -2.91 47.97
CA MET C 309 3.98 -1.68 47.50
C MET C 309 4.12 -0.70 48.67
N ALA C 310 3.10 -0.67 49.54
CA ALA C 310 3.15 0.18 50.72
C ALA C 310 4.16 -0.35 51.74
N LYS C 311 4.07 -1.63 52.06
CA LYS C 311 4.94 -2.25 53.06
C LYS C 311 6.41 -2.39 52.60
N ALA C 312 6.67 -2.14 51.32
CA ALA C 312 8.03 -2.20 50.78
C ALA C 312 8.75 -0.87 50.97
N ASN C 313 7.96 0.18 51.13
CA ASN C 313 8.45 1.54 51.34
C ASN C 313 9.51 1.90 50.31
N LEU C 314 9.08 2.17 49.09
CA LEU C 314 9.99 2.36 47.96
C LEU C 314 10.54 3.77 47.91
N LYS C 315 11.85 3.87 47.83
CA LYS C 315 12.46 5.16 47.60
C LYS C 315 13.64 5.07 46.62
N ARG C 316 13.93 6.18 45.95
CA ARG C 316 15.13 6.28 45.11
C ARG C 316 16.33 6.16 46.05
N PHE C 317 17.45 5.65 45.55
CA PHE C 317 18.59 5.27 46.41
C PHE C 317 18.99 6.38 47.37
N ASP C 318 19.20 7.59 46.84
CA ASP C 318 19.70 8.71 47.63
C ASP C 318 18.82 9.02 48.85
N ASP C 319 17.51 8.79 48.73
CA ASP C 319 16.59 8.99 49.85
C ASP C 319 16.72 7.88 50.91
N ALA C 320 17.00 6.66 50.48
CA ALA C 320 17.10 5.54 51.41
C ALA C 320 18.41 5.61 52.19
N VAL C 321 19.36 6.35 51.65
CA VAL C 321 20.66 6.56 52.26
C VAL C 321 20.60 7.65 53.33
N VAL C 322 19.96 8.77 53.00
CA VAL C 322 19.66 9.83 53.96
C VAL C 322 18.93 9.28 55.17
N ASP C 323 17.85 8.55 54.92
CA ASP C 323 17.06 7.97 56.01
C ASP C 323 17.88 7.06 56.91
N VAL C 324 18.93 6.45 56.36
CA VAL C 324 19.81 5.58 57.13
C VAL C 324 20.73 6.40 58.02
N ILE C 325 21.31 7.44 57.43
CA ILE C 325 22.13 8.39 58.19
C ILE C 325 21.34 8.90 59.41
N ASN C 326 20.10 9.30 59.17
CA ASN C 326 19.21 9.68 60.25
C ASN C 326 18.67 8.44 60.97
N ALA C 338 25.80 13.97 55.44
CA ALA C 338 24.76 13.70 54.44
C ALA C 338 24.92 14.62 53.23
N ALA C 339 25.13 15.91 53.47
CA ALA C 339 25.31 16.87 52.39
C ALA C 339 26.50 16.51 51.52
N LYS C 340 27.53 15.94 52.13
CA LYS C 340 28.74 15.56 51.41
C LYS C 340 28.48 14.34 50.53
N TYR C 341 27.46 13.57 50.87
CA TYR C 341 27.07 12.40 50.09
C TYR C 341 26.37 12.81 48.81
N LEU C 342 25.27 13.54 48.96
CA LEU C 342 24.48 14.02 47.83
C LEU C 342 25.30 14.83 46.84
N GLN C 343 26.37 15.46 47.31
CA GLN C 343 27.23 16.26 46.45
C GLN C 343 28.12 15.36 45.60
N ALA C 344 28.51 14.22 46.14
CA ALA C 344 29.44 13.32 45.46
C ALA C 344 28.72 12.22 44.66
N ALA C 345 27.49 11.92 45.07
CA ALA C 345 26.73 10.79 44.53
C ALA C 345 25.97 11.11 43.24
N LYS C 346 25.93 12.38 42.87
CA LYS C 346 25.10 12.83 41.74
C LYS C 346 25.53 12.17 40.42
N GLY C 347 24.57 11.57 39.76
CA GLY C 347 24.82 10.81 38.54
C GLY C 347 25.91 9.77 38.69
N LYS C 348 25.76 8.90 39.69
CA LYS C 348 26.74 7.84 39.89
C LYS C 348 26.07 6.47 39.95
N SER C 349 26.85 5.44 39.69
CA SER C 349 26.34 4.11 39.39
C SER C 349 26.02 3.19 40.57
N ASN C 350 25.34 3.70 41.60
CA ASN C 350 24.94 2.88 42.75
C ASN C 350 26.05 2.01 43.37
N ARG C 351 26.71 1.16 42.58
CA ARG C 351 27.89 0.43 43.09
C ARG C 351 28.97 1.44 43.47
N GLU C 352 28.95 2.59 42.80
CA GLU C 352 29.81 3.70 43.19
C GLU C 352 29.19 4.45 44.37
N ALA C 353 27.92 4.80 44.25
CA ALA C 353 27.22 5.56 45.28
C ALA C 353 27.20 4.84 46.62
N ARG C 354 27.19 3.50 46.58
CA ARG C 354 27.21 2.69 47.79
C ARG C 354 28.58 2.79 48.46
N ALA C 355 29.62 2.69 47.63
CA ALA C 355 30.98 2.89 48.09
C ALA C 355 31.21 4.33 48.57
N ILE C 356 30.46 5.29 48.01
CA ILE C 356 30.57 6.68 48.46
C ILE C 356 30.10 6.78 49.91
N ALA C 357 29.03 6.05 50.23
CA ALA C 357 28.52 5.99 51.60
C ALA C 357 29.48 5.20 52.50
N SER C 358 29.95 4.06 52.03
CA SER C 358 30.92 3.26 52.77
C SER C 358 32.17 4.07 53.15
N SER C 359 32.48 5.09 52.36
CA SER C 359 33.66 5.92 52.61
C SER C 359 33.36 6.97 53.66
N LEU C 360 32.09 7.32 53.82
CA LEU C 360 31.71 8.36 54.77
C LEU C 360 31.21 7.75 56.08
N GLY C 361 31.62 6.52 56.35
CA GLY C 361 31.18 5.80 57.54
C GLY C 361 29.68 5.65 57.61
N VAL C 362 29.08 5.15 56.54
CA VAL C 362 27.64 4.95 56.49
C VAL C 362 27.32 3.48 56.42
N PRO C 363 26.46 3.00 57.33
CA PRO C 363 26.07 1.59 57.47
C PRO C 363 25.60 0.96 56.16
N GLU C 364 25.44 -0.36 56.16
CA GLU C 364 24.95 -1.03 54.98
C GLU C 364 23.51 -0.61 54.72
N ILE C 365 23.29 -0.02 53.54
CA ILE C 365 21.94 0.30 53.09
C ILE C 365 21.35 -0.94 52.41
N PHE C 366 20.08 -1.22 52.70
CA PHE C 366 19.40 -2.32 52.04
C PHE C 366 18.46 -1.78 50.95
N PHE C 367 18.89 -1.91 49.69
CA PHE C 367 18.08 -1.50 48.53
C PHE C 367 17.95 -2.64 47.53
N ASP C 368 16.71 -2.98 47.18
CA ASP C 368 16.49 -4.04 46.20
C ASP C 368 15.59 -3.56 45.05
N TRP C 369 16.18 -3.49 43.86
CA TRP C 369 15.57 -3.03 42.61
C TRP C 369 14.67 -4.03 41.94
N ASP C 370 14.96 -5.30 42.20
CA ASP C 370 14.36 -6.37 41.43
C ASP C 370 13.07 -6.84 42.06
N SER C 371 12.93 -6.61 43.37
CA SER C 371 11.71 -6.98 44.10
C SER C 371 10.47 -6.33 43.47
N PRO C 372 10.44 -4.98 43.38
CA PRO C 372 9.20 -4.34 42.93
C PRO C 372 8.90 -4.55 41.44
N ARG C 373 9.69 -5.36 40.75
CA ARG C 373 9.46 -5.60 39.33
C ARG C 373 8.05 -6.11 39.05
N THR C 374 7.44 -5.58 38.00
CA THR C 374 6.12 -6.02 37.59
C THR C 374 6.17 -7.45 37.03
N ARG C 375 4.99 -7.96 36.68
CA ARG C 375 4.86 -9.32 36.16
C ARG C 375 5.40 -9.44 34.72
N GLU C 376 5.58 -8.28 34.08
CA GLU C 376 6.18 -8.22 32.75
C GLU C 376 7.69 -8.11 32.85
N GLY C 377 8.17 -7.70 34.01
CA GLY C 377 9.59 -7.61 34.28
C GLY C 377 10.11 -6.19 34.37
N TYR C 378 9.23 -5.21 34.40
CA TYR C 378 9.67 -3.83 34.40
C TYR C 378 10.06 -3.34 35.80
N PHE C 379 11.07 -2.48 35.85
CA PHE C 379 11.49 -1.85 37.10
C PHE C 379 10.66 -0.63 37.36
N ARG C 380 10.43 -0.32 38.63
CA ARG C 380 9.73 0.89 39.02
C ARG C 380 10.71 2.06 39.00
N ILE C 381 10.20 3.24 38.70
CA ILE C 381 11.04 4.43 38.62
C ILE C 381 10.23 5.63 39.12
N LYS C 382 10.90 6.64 39.67
CA LYS C 382 10.22 7.89 40.02
C LYS C 382 10.73 9.00 39.12
N GLY C 383 9.90 9.36 38.14
CA GLY C 383 10.26 10.36 37.16
C GLY C 383 10.15 11.76 37.73
N GLY C 384 9.53 12.65 36.96
CA GLY C 384 9.41 14.03 37.38
C GLY C 384 10.49 14.88 36.75
N CYS C 385 10.48 16.17 37.12
CA CYS C 385 11.33 17.19 36.49
C CYS C 385 12.81 16.83 36.41
N ASP C 386 13.38 16.37 37.53
CA ASP C 386 14.81 16.11 37.61
C ASP C 386 15.25 14.92 36.73
N CYS C 387 14.32 13.99 36.47
CA CYS C 387 14.56 12.87 35.56
C CYS C 387 14.56 13.31 34.08
N ALA C 388 13.55 14.07 33.69
CA ALA C 388 13.46 14.58 32.32
C ALA C 388 14.67 15.44 31.95
N ILE C 389 15.10 16.26 32.90
CA ILE C 389 16.26 17.13 32.70
C ILE C 389 17.52 16.29 32.51
N ASN C 390 17.69 15.25 33.34
CA ASN C 390 18.83 14.35 33.22
C ASN C 390 18.87 13.63 31.87
N ARG C 391 17.72 13.14 31.43
CA ARG C 391 17.61 12.48 30.13
C ARG C 391 17.81 13.46 28.97
N ALA C 392 17.20 14.64 29.09
CA ALA C 392 17.36 15.67 28.06
C ALA C 392 18.84 16.02 27.83
N ILE C 393 19.58 16.18 28.92
CA ILE C 393 20.99 16.53 28.85
C ILE C 393 21.80 15.42 28.14
N ALA C 394 21.48 14.17 28.45
CA ALA C 394 22.16 13.02 27.85
C ALA C 394 21.81 12.83 26.37
N TYR C 395 20.66 13.36 25.93
CA TYR C 395 20.23 13.21 24.54
C TYR C 395 20.74 14.34 23.63
N ALA C 396 20.90 15.53 24.21
CA ALA C 396 21.13 16.77 23.44
C ALA C 396 22.24 16.70 22.38
N PRO C 397 23.38 16.09 22.72
CA PRO C 397 24.42 16.03 21.68
C PRO C 397 24.02 15.26 20.42
N TYR C 398 22.83 14.66 20.43
CA TYR C 398 22.36 13.79 19.36
C TYR C 398 21.02 14.29 18.83
N ALA C 399 20.69 15.50 19.24
CA ALA C 399 19.36 16.05 19.08
C ALA C 399 19.43 17.51 18.67
N ASP C 400 18.74 17.84 17.59
CA ASP C 400 18.74 19.19 17.07
C ASP C 400 17.73 20.04 17.85
N ALA C 401 16.85 19.36 18.57
CA ALA C 401 15.85 20.00 19.43
C ALA C 401 15.42 19.00 20.49
N ILE C 402 15.15 19.51 21.68
CA ILE C 402 14.79 18.64 22.78
C ILE C 402 13.38 19.00 23.21
N TRP C 403 12.57 18.01 23.53
CA TRP C 403 11.42 18.34 24.35
C TRP C 403 10.95 17.32 25.34
N MET C 404 10.46 17.88 26.43
CA MET C 404 9.86 17.12 27.52
C MET C 404 8.34 17.12 27.40
N GLU C 405 7.79 15.95 27.12
CA GLU C 405 6.36 15.73 27.16
C GLU C 405 5.74 16.31 28.42
N SER C 406 4.71 17.12 28.23
CA SER C 406 4.02 17.79 29.33
C SER C 406 2.54 17.48 29.26
N LYS C 407 1.87 17.41 30.39
CA LYS C 407 0.42 17.19 30.37
C LYS C 407 -0.34 18.45 30.81
N LEU C 408 0.41 19.51 31.05
CA LEU C 408 -0.12 20.66 31.75
C LEU C 408 0.57 21.93 31.32
N PRO C 409 -0.23 22.97 31.03
CA PRO C 409 0.29 24.28 30.58
C PRO C 409 0.86 25.11 31.74
N ASP C 410 1.86 24.55 32.41
CA ASP C 410 2.55 25.23 33.47
C ASP C 410 3.79 25.96 32.96
N TYR C 411 3.75 27.30 33.03
CA TYR C 411 4.88 28.11 32.58
C TYR C 411 6.09 27.93 33.46
N GLU C 412 5.87 27.77 34.77
CA GLU C 412 6.99 27.65 35.71
C GLU C 412 7.76 26.37 35.48
N GLN C 413 7.06 25.30 35.11
CA GLN C 413 7.73 24.04 34.85
C GLN C 413 8.55 24.12 33.57
N ALA C 414 8.00 24.81 32.58
CA ALA C 414 8.70 24.96 31.33
C ALA C 414 10.00 25.70 31.60
N LYS C 415 9.95 26.65 32.52
CA LYS C 415 11.12 27.42 32.92
C LYS C 415 12.18 26.53 33.59
N GLU C 416 11.73 25.73 34.56
CA GLU C 416 12.63 24.85 35.30
C GLU C 416 13.23 23.78 34.39
N PHE C 417 12.41 23.26 33.46
CA PHE C 417 12.90 22.30 32.49
C PHE C 417 13.97 22.95 31.62
N ALA C 418 13.68 24.15 31.15
CA ALA C 418 14.59 24.82 30.23
C ALA C 418 15.88 25.20 30.93
N GLU C 419 15.73 25.91 32.05
CA GLU C 419 16.89 26.44 32.77
C GLU C 419 17.85 25.32 33.11
N GLY C 420 17.30 24.14 33.40
CA GLY C 420 18.09 22.96 33.69
C GLY C 420 19.01 22.51 32.56
N VAL C 421 18.44 22.25 31.39
CA VAL C 421 19.22 21.88 30.19
C VAL C 421 20.14 23.02 29.78
N HIS C 422 19.75 24.24 30.14
CA HIS C 422 20.47 25.41 29.66
C HIS C 422 21.66 25.72 30.58
N ALA C 423 21.64 25.11 31.76
CA ALA C 423 22.78 25.13 32.66
C ALA C 423 23.99 24.46 32.02
N VAL C 424 23.72 23.42 31.23
CA VAL C 424 24.77 22.65 30.55
C VAL C 424 24.92 23.05 29.09
N TYR C 425 23.82 23.06 28.36
CA TYR C 425 23.85 23.34 26.93
C TYR C 425 22.93 24.51 26.57
N PRO C 426 23.41 25.75 26.79
CA PRO C 426 22.61 26.99 26.68
C PRO C 426 22.10 27.27 25.27
N GLU C 427 22.63 26.58 24.26
CA GLU C 427 22.17 26.84 22.89
C GLU C 427 21.29 25.73 22.29
N GLN C 428 20.88 24.79 23.14
CA GLN C 428 19.93 23.76 22.75
C GLN C 428 18.55 24.32 22.41
N LYS C 429 18.15 24.15 21.16
CA LYS C 429 16.79 24.41 20.79
C LYS C 429 15.87 23.53 21.63
N LEU C 430 14.71 24.06 21.97
CA LEU C 430 13.72 23.27 22.68
C LEU C 430 12.40 23.33 21.89
N ALA C 431 11.55 22.34 22.13
CA ALA C 431 10.26 22.29 21.46
C ALA C 431 9.17 22.09 22.51
N TYR C 432 7.95 22.48 22.19
CA TYR C 432 6.87 22.42 23.18
C TYR C 432 5.53 22.06 22.58
N ASN C 433 4.88 21.11 23.23
CA ASN C 433 3.56 20.64 22.86
C ASN C 433 2.47 21.40 23.63
N LEU C 434 1.73 22.25 22.92
CA LEU C 434 0.62 23.01 23.50
C LEU C 434 -0.60 22.11 23.65
N SER C 435 -1.13 22.04 24.86
CA SER C 435 -2.10 21.03 25.26
C SER C 435 -3.42 21.26 24.56
N PRO C 436 -3.93 20.23 23.89
CA PRO C 436 -5.27 20.31 23.30
C PRO C 436 -6.36 19.79 24.28
N SER C 437 -5.99 18.91 25.21
CA SER C 437 -6.95 18.27 26.12
C SER C 437 -7.36 19.17 27.27
N PHE C 438 -6.40 19.92 27.80
CA PHE C 438 -6.64 20.73 28.97
C PHE C 438 -7.67 21.81 28.74
N ASN C 439 -8.40 22.17 29.80
CA ASN C 439 -9.42 23.21 29.68
C ASN C 439 -8.82 24.61 29.72
N TRP C 440 -8.56 25.15 28.53
CA TRP C 440 -7.92 26.46 28.41
C TRP C 440 -8.78 27.61 28.96
N LYS C 441 -10.11 27.47 28.93
CA LYS C 441 -11.02 28.52 29.44
C LYS C 441 -10.81 28.83 30.94
N THR C 442 -10.24 27.88 31.67
CA THR C 442 -10.06 28.06 33.11
C THR C 442 -8.60 28.09 33.53
N ALA C 443 -7.73 27.51 32.71
CA ALA C 443 -6.31 27.35 33.06
C ALA C 443 -5.58 28.65 33.32
N MET C 444 -6.22 29.76 32.97
CA MET C 444 -5.50 30.93 32.52
C MET C 444 -6.48 32.00 32.05
N PRO C 445 -6.27 33.25 32.47
CA PRO C 445 -7.04 34.37 31.92
C PRO C 445 -6.84 34.48 30.40
N ARG C 446 -7.81 35.03 29.68
CA ARG C 446 -7.74 35.14 28.22
C ARG C 446 -6.42 35.77 27.80
N ASP C 447 -6.06 36.87 28.44
CA ASP C 447 -4.88 37.63 28.04
C ASP C 447 -3.63 36.77 28.21
N GLU C 448 -3.64 35.86 29.16
CA GLU C 448 -2.48 35.01 29.39
C GLU C 448 -2.45 33.88 28.35
N GLN C 449 -3.62 33.51 27.85
CA GLN C 449 -3.67 32.59 26.72
C GLN C 449 -2.95 33.23 25.51
N GLU C 450 -3.24 34.50 25.26
CA GLU C 450 -2.63 35.23 24.16
C GLU C 450 -1.11 35.30 24.27
N THR C 451 -0.59 35.33 25.49
CA THR C 451 0.85 35.52 25.69
C THR C 451 1.63 34.20 25.82
N TYR C 452 0.92 33.09 26.01
CA TYR C 452 1.56 31.82 26.41
C TYR C 452 2.70 31.37 25.52
N ILE C 453 2.46 31.41 24.21
CA ILE C 453 3.48 30.99 23.23
C ILE C 453 4.70 31.91 23.29
N ARG C 454 4.48 33.22 23.17
CA ARG C 454 5.56 34.20 23.36
C ARG C 454 6.36 33.99 24.69
N ARG C 455 5.65 33.76 25.80
CA ARG C 455 6.35 33.59 27.09
C ARG C 455 7.28 32.35 27.09
N LEU C 456 6.87 31.28 26.42
CA LEU C 456 7.70 30.07 26.35
C LEU C 456 8.85 30.25 25.38
N ALA C 457 8.58 30.96 24.29
CA ALA C 457 9.59 31.24 23.27
C ALA C 457 10.78 31.99 23.87
N GLY C 458 10.52 32.72 24.95
CA GLY C 458 11.59 33.39 25.66
C GLY C 458 12.46 32.47 26.48
N LEU C 459 12.03 31.22 26.65
CA LEU C 459 12.80 30.22 27.38
C LEU C 459 13.64 29.37 26.44
N GLY C 460 13.32 29.41 25.15
CA GLY C 460 14.06 28.65 24.16
C GLY C 460 13.19 27.67 23.40
N TYR C 461 11.90 27.66 23.72
CA TYR C 461 10.96 26.83 22.99
C TYR C 461 10.61 27.47 21.62
N CYS C 462 11.43 27.15 20.60
CA CYS C 462 11.38 27.85 19.31
C CYS C 462 10.43 27.21 18.30
N TRP C 463 10.00 26.00 18.58
CA TRP C 463 8.99 25.35 17.75
C TRP C 463 7.89 24.82 18.66
N GLN C 464 6.65 25.15 18.34
CA GLN C 464 5.53 24.84 19.21
C GLN C 464 4.35 24.36 18.39
N PHE C 465 3.60 23.40 18.93
CA PHE C 465 2.53 22.76 18.18
C PHE C 465 1.40 22.16 19.02
N ILE C 466 0.17 22.47 18.62
CA ILE C 466 -0.99 21.74 19.11
C ILE C 466 -1.15 20.47 18.27
N THR C 467 -0.99 19.32 18.91
CA THR C 467 -1.05 18.05 18.23
C THR C 467 -2.40 17.73 17.54
N LEU C 468 -3.50 17.94 18.23
CA LEU C 468 -4.79 17.43 17.79
C LEU C 468 -5.71 18.52 17.28
N ALA C 469 -5.15 19.68 16.99
CA ALA C 469 -5.96 20.81 16.61
C ALA C 469 -6.75 20.47 15.34
N GLY C 470 -6.11 19.75 14.41
CA GLY C 470 -6.72 19.43 13.14
C GLY C 470 -7.96 18.55 13.29
N LEU C 471 -7.80 17.51 14.09
CA LEU C 471 -8.91 16.65 14.46
C LEU C 471 -10.12 17.40 15.03
N HIS C 472 -9.83 18.36 15.92
CA HIS C 472 -10.91 19.06 16.64
C HIS C 472 -11.65 20.09 15.77
N THR C 473 -10.93 20.73 14.86
CA THR C 473 -11.53 21.71 13.97
C THR C 473 -12.49 21.00 13.00
N THR C 474 -12.05 19.86 12.49
CA THR C 474 -12.86 19.07 11.58
C THR C 474 -14.07 18.48 12.30
N ALA C 475 -13.88 18.12 13.55
CA ALA C 475 -14.95 17.53 14.33
C ALA C 475 -15.95 18.61 14.75
N LEU C 476 -15.47 19.83 14.94
CA LEU C 476 -16.36 20.95 15.30
C LEU C 476 -17.29 21.36 14.15
N ILE C 477 -16.74 21.70 12.98
CA ILE C 477 -17.61 22.03 11.84
C ILE C 477 -18.53 20.90 11.38
N SER C 478 -18.06 19.66 11.49
CA SER C 478 -18.82 18.54 10.96
C SER C 478 -20.08 18.33 11.81
N ASP C 479 -19.92 18.32 13.13
CA ASP C 479 -21.06 18.22 14.06
C ASP C 479 -21.99 19.41 13.87
N ARG C 480 -21.40 20.61 13.91
CA ARG C 480 -22.12 21.88 13.74
C ARG C 480 -22.93 21.89 12.43
N PHE C 481 -22.24 21.67 11.31
CA PHE C 481 -22.95 21.68 10.03
C PHE C 481 -23.86 20.47 9.75
N ALA C 482 -23.48 19.26 10.15
CA ALA C 482 -24.35 18.13 9.87
C ALA C 482 -25.68 18.28 10.59
N ARG C 483 -25.66 18.71 11.85
CA ARG C 483 -26.91 18.98 12.58
C ARG C 483 -27.77 20.05 11.87
N ALA C 484 -27.18 21.22 11.61
CA ALA C 484 -27.92 22.30 10.95
C ALA C 484 -28.51 21.87 9.61
N TYR C 485 -27.74 21.09 8.85
CA TYR C 485 -28.14 20.63 7.52
C TYR C 485 -29.27 19.58 7.62
N SER C 486 -29.25 18.79 8.68
CA SER C 486 -30.31 17.83 8.93
C SER C 486 -31.62 18.53 9.32
N GLU C 487 -31.51 19.81 9.71
CA GLU C 487 -32.61 20.52 10.35
C GLU C 487 -33.20 21.60 9.45
N VAL C 488 -32.36 22.40 8.80
CA VAL C 488 -32.85 23.42 7.89
C VAL C 488 -32.32 23.28 6.44
N GLY C 489 -31.77 22.12 6.12
CA GLY C 489 -31.37 21.81 4.77
C GLY C 489 -30.40 22.80 4.17
N MET C 490 -30.60 23.13 2.89
CA MET C 490 -29.71 24.00 2.14
C MET C 490 -29.52 25.39 2.73
N ARG C 491 -30.45 25.82 3.56
CA ARG C 491 -30.26 27.10 4.26
C ARG C 491 -28.96 27.07 5.08
N ALA C 492 -28.71 25.93 5.72
CA ALA C 492 -27.53 25.75 6.57
C ALA C 492 -26.23 25.80 5.78
N TYR C 493 -26.26 25.38 4.51
CA TYR C 493 -25.05 25.40 3.67
C TYR C 493 -24.70 26.82 3.22
N GLY C 494 -25.72 27.64 3.00
CA GLY C 494 -25.49 29.02 2.63
C GLY C 494 -25.13 29.84 3.86
N GLU C 495 -25.81 29.57 4.98
CA GLU C 495 -25.66 30.38 6.18
C GLU C 495 -24.37 30.09 6.95
N LEU C 496 -23.98 28.81 7.05
CA LEU C 496 -22.85 28.42 7.91
C LEU C 496 -21.59 28.01 7.13
N VAL C 497 -21.69 27.89 5.80
CA VAL C 497 -20.54 27.51 4.97
C VAL C 497 -20.28 28.44 3.75
N GLN C 498 -21.22 28.53 2.81
CA GLN C 498 -20.92 29.21 1.53
C GLN C 498 -20.75 30.75 1.64
N GLU C 499 -21.58 31.40 2.45
CA GLU C 499 -21.46 32.83 2.66
C GLU C 499 -20.20 33.22 3.49
N PRO C 500 -19.94 32.55 4.64
CA PRO C 500 -18.71 32.89 5.38
C PRO C 500 -17.44 32.66 4.55
N GLU C 501 -17.44 31.59 3.77
CA GLU C 501 -16.35 31.28 2.85
C GLU C 501 -16.11 32.44 1.87
N MET C 502 -17.20 33.03 1.38
CA MET C 502 -17.09 34.17 0.46
C MET C 502 -16.56 35.41 1.21
N GLU C 503 -17.22 35.75 2.31
CA GLU C 503 -16.88 36.92 3.11
C GLU C 503 -15.44 36.87 3.67
N LEU C 504 -14.91 35.67 3.83
CA LEU C 504 -13.55 35.55 4.33
C LEU C 504 -12.50 35.52 3.21
N GLY C 505 -12.95 35.41 1.97
CA GLY C 505 -12.03 35.36 0.85
C GLY C 505 -11.28 34.05 0.73
N VAL C 506 -11.97 32.97 1.04
CA VAL C 506 -11.40 31.64 0.98
C VAL C 506 -11.27 31.21 -0.48
N ASP C 507 -10.04 31.03 -0.96
CA ASP C 507 -9.79 30.64 -2.35
C ASP C 507 -10.47 29.33 -2.78
N VAL C 508 -10.91 28.54 -1.80
CA VAL C 508 -11.50 27.25 -2.09
C VAL C 508 -12.95 27.40 -2.56
N VAL C 509 -13.56 28.56 -2.31
CA VAL C 509 -14.96 28.75 -2.71
C VAL C 509 -15.06 28.74 -4.24
N LYS C 510 -14.00 29.17 -4.89
CA LYS C 510 -13.83 28.99 -6.33
C LYS C 510 -13.06 27.66 -6.55
N HIS C 511 -13.78 26.56 -6.31
CA HIS C 511 -13.17 25.24 -6.17
C HIS C 511 -12.45 24.74 -7.44
N GLN C 512 -13.04 24.95 -8.61
CA GLN C 512 -12.41 24.51 -9.86
C GLN C 512 -11.04 25.15 -10.05
N LYS C 513 -10.96 26.47 -9.91
CA LYS C 513 -9.67 27.17 -9.95
C LYS C 513 -8.71 26.72 -8.84
N TRP C 514 -9.23 26.58 -7.62
CA TRP C 514 -8.39 26.12 -6.51
C TRP C 514 -7.80 24.70 -6.75
N SER C 515 -8.60 23.82 -7.35
CA SER C 515 -8.15 22.47 -7.68
C SER C 515 -7.06 22.47 -8.76
N GLY C 516 -6.97 23.56 -9.50
CA GLY C 516 -5.95 23.70 -10.51
C GLY C 516 -6.48 23.37 -11.89
N ALA C 517 -7.74 23.71 -12.14
CA ALA C 517 -8.38 23.47 -13.44
C ALA C 517 -7.68 24.24 -14.56
N THR C 518 -7.37 25.50 -14.29
CA THR C 518 -6.74 26.40 -15.26
C THR C 518 -5.31 25.95 -15.55
N TYR C 519 -4.67 25.37 -14.55
CA TYR C 519 -3.29 24.90 -14.70
C TYR C 519 -3.21 23.67 -15.61
N VAL C 520 -4.24 22.83 -15.57
CA VAL C 520 -4.22 21.57 -16.30
C VAL C 520 -4.76 21.74 -17.73
N ASP C 521 -5.70 22.66 -17.94
CA ASP C 521 -6.21 22.86 -19.29
C ASP C 521 -5.20 23.65 -20.11
N GLU C 522 -4.34 24.39 -19.41
CA GLU C 522 -3.21 25.00 -20.07
C GLU C 522 -2.12 23.99 -20.36
N LEU C 523 -2.01 22.97 -19.52
CA LEU C 523 -1.10 21.86 -19.78
C LEU C 523 -1.48 21.19 -21.08
N GLN C 524 -2.74 20.78 -21.15
CA GLN C 524 -3.28 20.09 -22.31
C GLN C 524 -3.15 20.90 -23.60
N LYS C 525 -3.40 22.20 -23.51
CA LYS C 525 -3.34 23.04 -24.70
C LYS C 525 -1.88 23.18 -25.17
N MET C 526 -0.93 23.16 -24.24
CA MET C 526 0.48 23.20 -24.59
C MET C 526 0.88 21.97 -25.41
N VAL C 527 0.34 20.82 -25.02
CA VAL C 527 0.59 19.58 -25.72
C VAL C 527 -0.09 19.57 -27.10
N THR C 528 -1.39 19.79 -27.12
CA THR C 528 -2.18 19.79 -28.36
C THR C 528 -2.19 21.14 -29.08
N MET D 6 -2.07 -36.35 -1.53
CA MET D 6 -1.90 -34.90 -1.50
C MET D 6 -2.40 -34.17 -2.78
N VAL D 7 -2.71 -34.96 -3.81
CA VAL D 7 -3.35 -34.46 -5.03
C VAL D 7 -4.86 -34.70 -5.00
N ASN D 8 -5.65 -33.63 -4.95
CA ASN D 8 -7.11 -33.76 -5.04
C ASN D 8 -7.63 -32.78 -6.10
N PRO D 9 -8.86 -33.00 -6.58
CA PRO D 9 -9.30 -32.24 -7.76
C PRO D 9 -10.04 -30.91 -7.53
N ALA D 10 -10.48 -30.59 -6.32
CA ALA D 10 -11.42 -29.46 -6.14
C ALA D 10 -12.67 -29.65 -6.99
N VAL D 11 -13.68 -30.24 -6.37
CA VAL D 11 -14.93 -30.69 -7.00
C VAL D 11 -14.71 -31.94 -7.87
N GLU D 12 -15.22 -33.07 -7.36
CA GLU D 12 -15.29 -34.31 -8.12
C GLU D 12 -16.27 -34.17 -9.26
N PRO D 13 -15.92 -34.74 -10.42
CA PRO D 13 -16.73 -34.73 -11.66
C PRO D 13 -18.20 -35.16 -11.49
N SER D 14 -18.46 -36.07 -10.56
CA SER D 14 -19.83 -36.56 -10.32
C SER D 14 -20.75 -35.53 -9.64
N MET D 15 -20.17 -34.47 -9.08
CA MET D 15 -20.98 -33.48 -8.34
C MET D 15 -21.02 -32.11 -9.03
N GLU D 16 -20.22 -31.96 -10.08
CA GLU D 16 -20.13 -30.71 -10.80
C GLU D 16 -21.50 -30.23 -11.31
N ASP D 17 -22.24 -31.10 -11.97
CA ASP D 17 -23.50 -30.68 -12.60
C ASP D 17 -24.59 -30.39 -11.58
N ASP D 18 -24.70 -31.23 -10.54
CA ASP D 18 -25.74 -31.04 -9.55
C ASP D 18 -25.49 -29.77 -8.75
N LEU D 19 -24.22 -29.49 -8.47
CA LEU D 19 -23.86 -28.28 -7.73
C LEU D 19 -24.15 -27.03 -8.56
N PHE D 20 -23.91 -27.12 -9.87
CA PHE D 20 -24.25 -26.03 -10.79
C PHE D 20 -25.74 -25.83 -10.83
N ALA D 21 -26.47 -26.93 -10.78
CA ALA D 21 -27.93 -26.89 -10.79
C ALA D 21 -28.48 -26.20 -9.54
N ARG D 22 -28.04 -26.64 -8.37
CA ARG D 22 -28.50 -26.08 -7.11
C ARG D 22 -28.30 -24.56 -7.10
N GLU D 23 -27.15 -24.13 -7.63
CA GLU D 23 -26.74 -22.74 -7.56
C GLU D 23 -27.57 -21.86 -8.52
N VAL D 24 -27.84 -22.35 -9.74
CA VAL D 24 -28.70 -21.62 -10.67
C VAL D 24 -30.11 -21.42 -10.07
N ALA D 25 -30.64 -22.46 -9.43
CA ALA D 25 -31.93 -22.37 -8.75
C ALA D 25 -31.93 -21.32 -7.64
N GLU D 26 -30.79 -21.20 -6.95
CA GLU D 26 -30.67 -20.23 -5.86
C GLU D 26 -30.63 -18.78 -6.38
N VAL D 27 -29.90 -18.57 -7.48
CA VAL D 27 -29.86 -17.25 -8.09
C VAL D 27 -31.23 -16.82 -8.60
N LYS D 28 -31.98 -17.75 -9.19
CA LYS D 28 -33.33 -17.45 -9.68
C LYS D 28 -34.31 -17.13 -8.54
N GLN D 29 -34.20 -17.86 -7.44
CA GLN D 29 -35.03 -17.57 -6.27
C GLN D 29 -34.65 -16.22 -5.67
N TRP D 30 -33.37 -15.89 -5.78
CA TRP D 30 -32.85 -14.57 -5.39
C TRP D 30 -33.46 -13.45 -6.25
N TRP D 31 -33.41 -13.61 -7.58
CA TRP D 31 -33.84 -12.57 -8.53
C TRP D 31 -35.33 -12.33 -8.53
N SER D 32 -36.08 -13.28 -7.97
CA SER D 32 -37.52 -13.13 -7.82
C SER D 32 -37.89 -12.27 -6.59
N ASP D 33 -36.88 -11.83 -5.84
CA ASP D 33 -37.10 -10.93 -4.70
C ASP D 33 -37.45 -9.53 -5.19
N PRO D 34 -38.40 -8.87 -4.51
CA PRO D 34 -38.85 -7.49 -4.68
C PRO D 34 -37.77 -6.49 -5.07
N ARG D 35 -36.60 -6.59 -4.43
CA ARG D 35 -35.46 -5.71 -4.72
C ARG D 35 -35.12 -5.63 -6.22
N TRP D 36 -35.52 -6.66 -6.97
CA TRP D 36 -35.21 -6.74 -8.40
C TRP D 36 -36.44 -6.63 -9.29
N ARG D 37 -37.53 -6.07 -8.77
CA ARG D 37 -38.78 -6.00 -9.52
C ARG D 37 -38.80 -4.93 -10.64
N TYR D 38 -37.92 -3.94 -10.54
CA TYR D 38 -37.77 -2.92 -11.59
C TYR D 38 -36.59 -3.17 -12.49
N THR D 39 -35.89 -4.29 -12.28
CA THR D 39 -34.54 -4.44 -12.81
C THR D 39 -34.47 -5.37 -14.04
N LYS D 40 -33.85 -4.89 -15.11
CA LYS D 40 -33.74 -5.67 -16.34
C LYS D 40 -32.38 -6.31 -16.42
N ARG D 41 -32.37 -7.64 -16.41
CA ARG D 41 -31.14 -8.37 -16.63
C ARG D 41 -31.18 -9.02 -18.00
N PRO D 42 -30.29 -8.58 -18.88
CA PRO D 42 -30.05 -9.10 -20.24
C PRO D 42 -29.31 -10.43 -20.29
N PHE D 43 -29.15 -11.12 -19.16
CA PHE D 43 -28.44 -12.41 -19.10
C PHE D 43 -29.14 -13.37 -18.14
N THR D 44 -28.78 -14.65 -18.24
CA THR D 44 -29.41 -15.69 -17.41
C THR D 44 -28.61 -16.04 -16.14
N ALA D 45 -29.28 -16.67 -15.18
CA ALA D 45 -28.62 -17.19 -13.99
C ALA D 45 -27.53 -18.19 -14.37
N GLU D 46 -27.81 -19.00 -15.40
CA GLU D 46 -26.88 -20.01 -15.87
C GLU D 46 -25.57 -19.37 -16.31
N GLN D 47 -25.67 -18.27 -17.05
CA GLN D 47 -24.48 -17.55 -17.49
C GLN D 47 -23.69 -17.05 -16.28
N ILE D 48 -24.41 -16.43 -15.35
CA ILE D 48 -23.79 -15.79 -14.20
C ILE D 48 -23.02 -16.78 -13.33
N VAL D 49 -23.60 -17.95 -13.08
CA VAL D 49 -22.94 -18.96 -12.27
C VAL D 49 -21.67 -19.48 -12.95
N SER D 50 -21.71 -19.67 -14.27
CA SER D 50 -20.53 -20.04 -15.08
C SER D 50 -19.30 -19.18 -14.78
N LYS D 51 -19.51 -17.98 -14.23
CA LYS D 51 -18.41 -17.04 -14.02
C LYS D 51 -17.97 -17.05 -12.56
N ARG D 52 -18.66 -17.84 -11.76
CA ARG D 52 -18.30 -18.02 -10.37
C ARG D 52 -17.36 -19.20 -10.17
N GLY D 53 -16.59 -19.14 -9.10
CA GLY D 53 -15.79 -20.26 -8.66
C GLY D 53 -16.51 -21.10 -7.62
N ASN D 54 -15.72 -21.88 -6.89
CA ASN D 54 -16.23 -22.87 -5.94
C ASN D 54 -16.17 -22.42 -4.49
N LEU D 55 -15.86 -21.16 -4.23
CA LEU D 55 -15.92 -20.67 -2.85
C LEU D 55 -16.72 -19.38 -2.79
N LYS D 56 -17.89 -19.47 -2.17
CA LYS D 56 -18.77 -18.31 -2.05
C LYS D 56 -18.24 -17.36 -0.98
N ILE D 57 -18.16 -16.10 -1.33
CA ILE D 57 -17.71 -15.07 -0.41
C ILE D 57 -18.89 -14.15 -0.11
N GLU D 58 -19.07 -13.83 1.17
CA GLU D 58 -20.10 -12.90 1.57
C GLU D 58 -19.48 -11.58 2.03
N TYR D 59 -20.11 -10.48 1.64
CA TYR D 59 -19.53 -9.16 1.82
C TYR D 59 -20.42 -8.27 2.69
N PRO D 60 -19.81 -7.47 3.57
CA PRO D 60 -20.51 -6.49 4.41
C PRO D 60 -21.25 -5.46 3.57
N SER D 61 -20.72 -5.23 2.37
CA SER D 61 -21.37 -4.40 1.36
C SER D 61 -22.83 -4.76 1.19
N ASN D 62 -23.13 -6.06 1.20
CA ASN D 62 -24.48 -6.55 0.89
C ASN D 62 -25.48 -6.12 1.97
N ALA D 63 -25.04 -6.19 3.22
CA ALA D 63 -25.84 -5.71 4.33
C ALA D 63 -26.13 -4.22 4.16
N GLN D 64 -25.09 -3.43 3.89
CA GLN D 64 -25.34 -2.01 3.60
C GLN D 64 -26.20 -1.70 2.38
N SER D 65 -26.07 -2.46 1.29
CA SER D 65 -26.97 -2.28 0.15
C SER D 65 -28.42 -2.55 0.54
N LYS D 66 -28.62 -3.56 1.38
CA LYS D 66 -29.94 -3.96 1.85
C LYS D 66 -30.52 -2.92 2.78
N LYS D 67 -29.64 -2.35 3.60
CA LYS D 67 -30.02 -1.27 4.50
C LYS D 67 -30.42 -0.03 3.70
N LEU D 68 -29.65 0.26 2.64
CA LEU D 68 -29.90 1.43 1.79
C LEU D 68 -31.19 1.35 0.98
N TRP D 69 -31.44 0.18 0.39
CA TRP D 69 -32.70 -0.09 -0.28
C TRP D 69 -33.90 0.11 0.65
N LYS D 70 -33.80 -0.47 1.83
CA LYS D 70 -34.86 -0.37 2.82
C LYS D 70 -35.04 1.10 3.18
N ILE D 71 -33.94 1.84 3.23
CA ILE D 71 -34.03 3.28 3.46
C ILE D 71 -34.75 4.03 2.32
N LEU D 72 -34.29 3.87 1.09
CA LEU D 72 -34.83 4.67 -0.03
C LEU D 72 -36.23 4.26 -0.50
N GLU D 73 -36.59 3.00 -0.30
CA GLU D 73 -37.94 2.54 -0.62
C GLU D 73 -38.97 3.31 0.21
N GLY D 74 -38.74 3.37 1.52
CA GLY D 74 -39.67 4.04 2.41
C GLY D 74 -39.66 5.54 2.26
N ARG D 75 -38.66 6.07 1.56
CA ARG D 75 -38.53 7.51 1.37
C ARG D 75 -39.23 7.92 0.09
N PHE D 76 -39.17 7.04 -0.89
CA PHE D 76 -39.82 7.28 -2.17
C PHE D 76 -41.34 7.05 -2.05
N GLN D 77 -41.75 6.03 -1.30
CA GLN D 77 -43.17 5.75 -1.02
C GLN D 77 -43.89 6.87 -0.29
N LYS D 78 -43.12 7.77 0.33
CA LYS D 78 -43.74 8.84 1.10
C LYS D 78 -43.39 10.21 0.53
N ARG D 79 -42.83 10.20 -0.69
CA ARG D 79 -42.20 11.39 -1.28
C ARG D 79 -41.44 12.20 -0.24
N ASP D 80 -40.53 11.48 0.42
CA ASP D 80 -39.61 12.04 1.38
C ASP D 80 -38.21 11.94 0.81
N ALA D 81 -37.20 12.27 1.60
CA ALA D 81 -35.82 12.23 1.12
C ALA D 81 -34.77 12.06 2.19
N SER D 82 -33.80 11.18 1.91
CA SER D 82 -32.53 11.13 2.63
C SER D 82 -31.55 12.09 1.92
N TYR D 83 -30.90 12.95 2.71
CA TYR D 83 -29.91 13.86 2.17
C TYR D 83 -28.61 13.80 3.00
N THR D 84 -27.48 13.79 2.29
CA THR D 84 -26.14 13.72 2.88
C THR D 84 -25.16 14.65 2.14
N TYR D 85 -23.87 14.47 2.41
CA TYR D 85 -22.85 15.19 1.66
C TYR D 85 -21.55 14.40 1.58
N GLY D 86 -20.66 14.85 0.70
CA GLY D 86 -19.40 14.15 0.49
C GLY D 86 -18.50 14.23 1.70
N CYS D 87 -18.22 13.07 2.27
CA CYS D 87 -17.36 12.96 3.45
C CYS D 87 -15.90 12.75 3.07
N LEU D 88 -15.00 13.48 3.71
CA LEU D 88 -13.58 13.40 3.40
C LEU D 88 -12.80 12.28 4.10
N GLU D 89 -13.27 11.88 5.27
CA GLU D 89 -12.32 11.49 6.28
C GLU D 89 -13.04 11.05 7.59
N PRO D 90 -12.48 10.06 8.31
CA PRO D 90 -13.17 9.43 9.46
C PRO D 90 -13.69 10.36 10.59
N THR D 91 -12.93 11.39 11.00
CA THR D 91 -13.41 12.28 12.05
C THR D 91 -14.74 12.84 11.62
N MET D 92 -14.83 13.19 10.35
CA MET D 92 -16.03 13.76 9.76
C MET D 92 -17.20 12.76 9.70
N VAL D 93 -16.90 11.51 9.38
CA VAL D 93 -17.93 10.49 9.20
C VAL D 93 -18.55 10.07 10.56
N THR D 94 -17.80 10.24 11.64
CA THR D 94 -18.32 9.95 12.98
C THR D 94 -19.23 11.09 13.48
N GLN D 95 -19.25 12.20 12.75
CA GLN D 95 -20.04 13.35 13.15
C GLN D 95 -21.29 13.43 12.29
N MET D 96 -21.14 13.03 11.03
CA MET D 96 -22.24 12.87 10.11
C MET D 96 -23.21 11.82 10.61
N ALA D 97 -22.68 10.81 11.25
CA ALA D 97 -23.43 9.58 11.54
C ALA D 97 -24.56 9.80 12.51
N LYS D 98 -24.59 10.98 13.13
CA LYS D 98 -25.55 11.30 14.16
C LYS D 98 -26.83 11.92 13.59
N TYR D 99 -26.71 12.54 12.42
CA TYR D 99 -27.82 13.32 11.86
C TYR D 99 -28.19 12.95 10.42
N LEU D 100 -27.29 12.26 9.73
CA LEU D 100 -27.53 11.88 8.33
C LEU D 100 -27.38 10.36 8.16
N ASP D 101 -28.29 9.76 7.40
CA ASP D 101 -28.43 8.31 7.38
C ASP D 101 -27.70 7.61 6.20
N THR D 102 -27.19 8.38 5.26
CA THR D 102 -26.34 7.83 4.21
C THR D 102 -25.02 8.59 4.21
N VAL D 103 -24.03 8.08 3.47
CA VAL D 103 -22.77 8.78 3.31
C VAL D 103 -22.39 8.85 1.84
N TYR D 104 -21.90 10.02 1.39
CA TYR D 104 -21.45 10.19 0.02
C TYR D 104 -19.93 10.31 -0.09
N VAL D 105 -19.35 9.60 -1.05
CA VAL D 105 -17.92 9.70 -1.31
C VAL D 105 -17.74 10.23 -2.72
N SER D 106 -17.13 11.41 -2.80
CA SER D 106 -17.01 12.18 -4.02
C SER D 106 -15.74 11.90 -4.84
N GLY D 107 -15.89 11.67 -6.13
CA GLY D 107 -14.73 11.67 -7.00
C GLY D 107 -14.03 13.03 -7.05
N TRP D 108 -14.82 14.11 -6.99
CA TRP D 108 -14.26 15.46 -7.04
C TRP D 108 -13.35 15.66 -5.85
N GLN D 109 -13.92 15.52 -4.66
CA GLN D 109 -13.14 15.59 -3.42
C GLN D 109 -11.94 14.61 -3.40
N SER D 110 -12.07 13.46 -4.04
CA SER D 110 -10.98 12.49 -4.06
C SER D 110 -9.82 12.94 -4.96
N SER D 111 -10.14 13.41 -6.16
CA SER D 111 -9.12 13.93 -7.06
C SER D 111 -8.23 15.00 -6.42
N SER D 112 -8.78 15.77 -5.47
CA SER D 112 -8.03 16.86 -4.87
C SER D 112 -7.42 16.46 -3.53
N THR D 113 -7.91 15.39 -2.91
CA THR D 113 -7.41 15.00 -1.60
C THR D 113 -7.10 13.50 -1.33
N ALA D 114 -7.51 12.57 -2.21
CA ALA D 114 -7.39 11.15 -1.84
C ALA D 114 -6.97 10.16 -2.94
N SER D 115 -6.29 10.64 -3.99
CA SER D 115 -5.75 9.76 -5.04
C SER D 115 -4.72 8.75 -4.52
N SER D 116 -4.81 7.50 -5.00
CA SER D 116 -3.88 6.45 -4.57
C SER D 116 -2.40 6.75 -4.80
N SER D 117 -2.09 7.76 -5.61
CA SER D 117 -0.69 8.09 -5.93
C SER D 117 -0.25 9.36 -5.22
N ASP D 118 -1.17 9.93 -4.45
CA ASP D 118 -0.99 11.17 -3.72
C ASP D 118 -0.76 12.35 -4.64
N GLU D 119 -0.93 12.16 -5.95
CA GLU D 119 -0.85 13.28 -6.88
C GLU D 119 -2.23 13.85 -7.16
N PRO D 120 -2.44 15.08 -6.68
CA PRO D 120 -3.73 15.77 -6.77
C PRO D 120 -3.97 16.45 -8.14
N GLY D 121 -5.17 17.00 -8.29
CA GLY D 121 -5.55 17.66 -9.51
C GLY D 121 -7.04 17.75 -9.63
N PRO D 122 -7.52 18.53 -10.62
CA PRO D 122 -8.95 18.74 -10.88
C PRO D 122 -9.67 17.43 -11.20
N ASP D 123 -11.00 17.46 -11.15
CA ASP D 123 -11.82 16.27 -11.36
C ASP D 123 -11.89 15.95 -12.87
N LEU D 124 -10.95 15.13 -13.32
CA LEU D 124 -10.90 14.64 -14.69
C LEU D 124 -10.91 13.11 -14.71
N ALA D 125 -11.04 12.52 -13.52
CA ALA D 125 -10.97 11.07 -13.33
C ALA D 125 -9.72 10.42 -13.96
N ASP D 126 -8.60 11.15 -13.94
CA ASP D 126 -7.28 10.61 -14.32
C ASP D 126 -6.45 10.08 -13.11
N TYR D 127 -7.10 9.89 -11.98
CA TYR D 127 -6.43 9.26 -10.86
C TYR D 127 -6.56 7.73 -11.03
N PRO D 128 -5.71 6.95 -10.34
CA PRO D 128 -5.85 5.47 -10.37
C PRO D 128 -7.22 5.02 -9.84
N TYR D 129 -7.83 4.03 -10.46
CA TYR D 129 -9.23 3.73 -10.12
C TYR D 129 -9.35 2.99 -8.81
N THR D 130 -8.22 2.84 -8.14
CA THR D 130 -8.21 2.33 -6.78
C THR D 130 -8.55 3.47 -5.80
N THR D 131 -8.58 4.70 -6.32
CA THR D 131 -8.68 5.88 -5.47
C THR D 131 -9.94 5.93 -4.63
N VAL D 132 -11.10 5.91 -5.29
CA VAL D 132 -12.38 6.05 -4.60
C VAL D 132 -12.80 4.81 -3.80
N PRO D 133 -12.61 3.59 -4.35
CA PRO D 133 -12.91 2.43 -3.50
C PRO D 133 -12.02 2.35 -2.25
N ASN D 134 -10.79 2.83 -2.37
CA ASN D 134 -9.93 2.92 -1.20
C ASN D 134 -10.47 3.95 -0.18
N LYS D 135 -11.11 5.01 -0.67
CA LYS D 135 -11.72 6.00 0.23
C LYS D 135 -12.99 5.45 0.92
N VAL D 136 -13.67 4.51 0.25
CA VAL D 136 -14.82 3.86 0.86
C VAL D 136 -14.36 3.00 2.04
N SER D 137 -13.29 2.23 1.82
CA SER D 137 -12.70 1.41 2.89
C SER D 137 -12.27 2.25 4.09
N HIS D 138 -11.54 3.33 3.82
CA HIS D 138 -11.11 4.29 4.83
C HIS D 138 -12.25 4.66 5.79
N LEU D 139 -13.38 5.08 5.23
CA LEU D 139 -14.53 5.48 6.03
C LEU D 139 -15.24 4.28 6.64
N PHE D 140 -15.47 3.24 5.83
CA PHE D 140 -16.15 2.03 6.30
C PHE D 140 -15.41 1.36 7.46
N MET D 141 -14.10 1.19 7.31
CA MET D 141 -13.33 0.55 8.36
C MET D 141 -13.42 1.35 9.63
N ALA D 142 -13.50 2.66 9.50
CA ALA D 142 -13.68 3.55 10.63
C ALA D 142 -15.11 3.43 11.21
N GLN D 143 -16.10 3.29 10.34
CA GLN D 143 -17.47 3.02 10.77
C GLN D 143 -17.58 1.76 11.63
N LEU D 144 -17.03 0.67 11.14
CA LEU D 144 -17.09 -0.62 11.83
C LEU D 144 -16.37 -0.58 13.19
N PHE D 145 -15.35 0.27 13.30
CA PHE D 145 -14.63 0.41 14.56
C PHE D 145 -15.49 1.07 15.64
N HIS D 146 -15.95 2.28 15.32
CA HIS D 146 -16.72 3.08 16.26
C HIS D 146 -18.03 2.38 16.64
N ASP D 147 -18.51 1.51 15.75
CA ASP D 147 -19.63 0.63 16.07
C ASP D 147 -19.23 -0.38 17.18
N ARG D 148 -18.02 -0.93 17.09
CA ARG D 148 -17.54 -1.89 18.10
C ARG D 148 -17.20 -1.23 19.42
N LYS D 149 -16.62 -0.05 19.32
CA LYS D 149 -16.38 0.80 20.48
C LYS D 149 -17.66 1.13 21.26
N GLN D 150 -18.78 1.35 20.58
CA GLN D 150 -19.93 1.94 21.24
C GLN D 150 -20.69 0.73 21.83
N ARG D 151 -20.70 -0.37 21.08
CA ARG D 151 -21.39 -1.60 21.51
C ARG D 151 -20.79 -2.18 22.79
N HIS D 152 -19.48 -2.02 22.92
CA HIS D 152 -18.78 -2.41 24.12
C HIS D 152 -19.15 -1.51 25.29
N GLU D 153 -19.13 -0.20 25.06
CA GLU D 153 -19.45 0.77 26.10
C GLU D 153 -20.88 0.62 26.61
N ARG D 154 -21.81 0.44 25.68
CA ARG D 154 -23.20 0.27 26.05
C ARG D 154 -23.41 -1.03 26.80
N LEU D 155 -22.88 -2.14 26.25
CA LEU D 155 -23.01 -3.46 26.87
C LEU D 155 -22.16 -3.63 28.14
N SER D 156 -21.17 -2.76 28.36
CA SER D 156 -20.36 -2.81 29.59
C SER D 156 -21.10 -2.16 30.77
N ALA D 157 -22.00 -1.24 30.42
CA ALA D 157 -22.73 -0.47 31.41
C ALA D 157 -24.02 -1.19 31.83
N PRO D 158 -24.60 -0.77 32.97
CA PRO D 158 -25.90 -1.31 33.40
C PRO D 158 -27.08 -0.63 32.71
N LYS D 159 -28.03 -1.40 32.18
CA LYS D 159 -29.16 -0.87 31.41
C LYS D 159 -29.80 0.39 32.03
N SER D 160 -29.71 0.48 33.35
CA SER D 160 -30.18 1.64 34.12
C SER D 160 -29.49 2.94 33.72
N GLU D 161 -28.23 2.81 33.31
CA GLU D 161 -27.38 3.96 33.04
C GLU D 161 -27.18 4.22 31.54
N ARG D 162 -27.72 3.31 30.73
CA ARG D 162 -27.47 3.29 29.28
C ARG D 162 -28.05 4.49 28.54
N SER D 163 -29.24 4.93 28.91
CA SER D 163 -29.89 6.05 28.21
C SER D 163 -29.07 7.32 28.30
N LYS D 164 -28.11 7.32 29.23
CA LYS D 164 -27.22 8.45 29.44
C LYS D 164 -25.98 8.32 28.55
N LEU D 165 -26.01 7.36 27.63
CA LEU D 165 -24.89 7.09 26.74
C LEU D 165 -25.28 7.36 25.29
N GLN D 166 -24.29 7.59 24.43
CA GLN D 166 -24.57 7.81 23.02
C GLN D 166 -25.09 6.51 22.40
N ASN D 167 -25.85 6.65 21.33
CA ASN D 167 -26.30 5.49 20.57
C ASN D 167 -26.39 5.82 19.09
N ILE D 168 -25.24 6.14 18.50
CA ILE D 168 -25.13 6.49 17.09
C ILE D 168 -25.09 5.28 16.14
N ASP D 169 -25.86 5.37 15.07
CA ASP D 169 -25.77 4.42 13.97
C ASP D 169 -24.56 4.81 13.11
N TYR D 170 -23.42 4.13 13.29
CA TYR D 170 -22.23 4.51 12.52
C TYR D 170 -22.25 3.85 11.14
N LEU D 171 -22.92 2.71 11.06
CA LEU D 171 -23.06 2.00 9.82
C LEU D 171 -24.06 2.68 8.86
N ARG D 172 -23.75 3.93 8.51
CA ARG D 172 -24.52 4.67 7.51
C ARG D 172 -24.06 4.33 6.09
N PRO D 173 -24.98 3.74 5.28
CA PRO D 173 -24.67 3.22 3.94
C PRO D 173 -24.06 4.25 3.02
N ILE D 174 -23.04 3.80 2.29
CA ILE D 174 -22.15 4.66 1.51
C ILE D 174 -22.45 4.59 0.04
N ILE D 175 -22.57 5.75 -0.59
CA ILE D 175 -22.69 5.81 -2.04
C ILE D 175 -21.45 6.50 -2.64
N ALA D 176 -20.91 5.91 -3.70
CA ALA D 176 -19.60 6.34 -4.19
C ALA D 176 -19.55 6.57 -5.69
N ASP D 177 -18.63 7.45 -6.10
CA ASP D 177 -18.42 7.80 -7.49
C ASP D 177 -17.59 6.75 -8.25
N ALA D 178 -18.19 6.16 -9.28
CA ALA D 178 -17.47 5.22 -10.16
C ALA D 178 -17.09 5.92 -11.47
N ASP D 179 -17.17 7.24 -11.42
CA ASP D 179 -16.91 8.10 -12.57
C ASP D 179 -17.53 7.58 -13.87
N THR D 180 -16.68 7.15 -14.79
CA THR D 180 -17.11 6.69 -16.11
C THR D 180 -17.00 5.16 -16.20
N GLY D 181 -16.25 4.59 -15.25
CA GLY D 181 -15.92 3.18 -15.25
C GLY D 181 -14.42 2.95 -15.35
N HIS D 182 -13.69 4.04 -15.63
CA HIS D 182 -12.25 3.99 -15.76
C HIS D 182 -11.76 2.99 -16.80
N GLY D 183 -12.37 3.01 -17.99
CA GLY D 183 -11.95 2.11 -19.04
C GLY D 183 -13.11 1.40 -19.71
N GLY D 184 -12.79 0.36 -20.47
CA GLY D 184 -13.83 -0.46 -21.05
C GLY D 184 -14.53 -1.28 -20.00
N LEU D 185 -15.46 -2.12 -20.44
CA LEU D 185 -16.33 -2.89 -19.55
C LEU D 185 -15.59 -3.81 -18.55
N THR D 186 -14.42 -4.33 -18.94
CA THR D 186 -13.64 -5.18 -18.04
C THR D 186 -13.19 -4.39 -16.82
N ALA D 187 -12.75 -3.16 -17.05
CA ALA D 187 -12.34 -2.28 -15.96
C ALA D 187 -13.51 -1.91 -15.05
N VAL D 188 -14.67 -1.66 -15.66
CA VAL D 188 -15.89 -1.42 -14.93
C VAL D 188 -16.17 -2.54 -13.92
N MET D 189 -16.00 -3.79 -14.37
CA MET D 189 -16.26 -4.95 -13.53
C MET D 189 -15.17 -5.11 -12.46
N LYS D 190 -13.95 -4.72 -12.80
CA LYS D 190 -12.87 -4.72 -11.83
C LYS D 190 -13.12 -3.62 -10.79
N LEU D 191 -13.58 -2.46 -11.25
CA LEU D 191 -13.87 -1.33 -10.37
C LEU D 191 -15.06 -1.63 -9.46
N THR D 192 -16.13 -2.13 -10.07
CA THR D 192 -17.29 -2.62 -9.33
C THR D 192 -16.90 -3.69 -8.31
N LYS D 193 -15.95 -4.54 -8.67
CA LYS D 193 -15.47 -5.58 -7.77
C LYS D 193 -14.78 -4.98 -6.55
N LEU D 194 -14.01 -3.92 -6.76
CA LEU D 194 -13.36 -3.23 -5.64
C LEU D 194 -14.36 -2.56 -4.67
N PHE D 195 -15.36 -1.86 -5.21
CA PHE D 195 -16.32 -1.16 -4.33
C PHE D 195 -17.06 -2.14 -3.42
N ILE D 196 -17.45 -3.28 -3.99
CA ILE D 196 -18.20 -4.27 -3.25
C ILE D 196 -17.33 -4.88 -2.16
N GLU D 197 -16.03 -4.94 -2.40
CA GLU D 197 -15.14 -5.50 -1.41
C GLU D 197 -14.80 -4.48 -0.33
N LYS D 198 -14.75 -3.19 -0.68
CA LYS D 198 -14.42 -2.15 0.30
C LYS D 198 -15.63 -1.66 1.11
N GLY D 199 -16.84 -1.98 0.69
CA GLY D 199 -18.02 -1.69 1.50
C GLY D 199 -19.06 -0.72 0.95
N ALA D 200 -18.98 -0.40 -0.35
CA ALA D 200 -19.98 0.46 -0.99
C ALA D 200 -21.38 -0.15 -0.96
N ALA D 201 -22.36 0.69 -0.65
CA ALA D 201 -23.76 0.30 -0.72
C ALA D 201 -24.29 0.48 -2.13
N GLY D 202 -23.83 1.54 -2.79
CA GLY D 202 -24.23 1.80 -4.15
C GLY D 202 -23.20 2.67 -4.82
N ILE D 203 -23.05 2.52 -6.14
CA ILE D 203 -22.15 3.37 -6.90
C ILE D 203 -22.91 4.12 -8.01
N HIS D 204 -22.35 5.22 -8.50
CA HIS D 204 -22.95 5.92 -9.63
C HIS D 204 -21.96 6.07 -10.78
N ILE D 205 -22.48 6.19 -12.00
CA ILE D 205 -21.65 6.16 -13.19
C ILE D 205 -22.25 7.00 -14.34
N GLU D 206 -21.41 7.80 -15.00
CA GLU D 206 -21.86 8.83 -15.95
C GLU D 206 -21.76 8.42 -17.40
N ASP D 207 -22.62 9.00 -18.25
CA ASP D 207 -22.55 8.74 -19.69
C ASP D 207 -21.56 9.63 -20.44
N GLN D 208 -20.55 10.15 -19.76
CA GLN D 208 -19.46 10.84 -20.44
C GLN D 208 -18.47 9.86 -21.04
N ALA D 209 -17.56 10.37 -21.86
CA ALA D 209 -16.46 9.56 -22.36
C ALA D 209 -15.21 9.78 -21.51
N PRO D 210 -14.57 8.69 -21.08
CA PRO D 210 -13.31 8.87 -20.34
C PRO D 210 -12.25 9.48 -21.26
N GLY D 211 -11.39 10.32 -20.72
CA GLY D 211 -10.31 10.90 -21.49
C GLY D 211 -10.61 12.29 -22.02
N THR D 212 -11.87 12.71 -21.90
CA THR D 212 -12.32 14.02 -22.38
C THR D 212 -12.80 14.91 -21.23
N GLY D 220 -17.01 21.97 -22.54
CA GLY D 220 -17.78 21.10 -23.40
C GLY D 220 -17.63 19.62 -23.07
N LYS D 221 -18.60 19.09 -22.33
CA LYS D 221 -18.58 17.67 -21.95
C LYS D 221 -18.99 16.77 -23.13
N VAL D 222 -18.29 15.65 -23.29
CA VAL D 222 -18.50 14.75 -24.41
C VAL D 222 -19.28 13.51 -24.00
N LEU D 223 -20.21 13.08 -24.84
CA LEU D 223 -21.02 11.92 -24.48
C LEU D 223 -20.58 10.62 -25.14
N VAL D 224 -21.01 9.52 -24.56
CA VAL D 224 -20.94 8.24 -25.21
C VAL D 224 -22.36 7.91 -25.68
N PRO D 225 -22.48 7.01 -26.66
CA PRO D 225 -23.80 6.63 -27.13
C PRO D 225 -24.60 5.97 -26.04
N ILE D 226 -25.92 5.92 -26.21
CA ILE D 226 -26.77 5.30 -25.21
C ILE D 226 -26.36 3.84 -24.97
N SER D 227 -26.09 3.08 -26.02
CA SER D 227 -25.75 1.66 -25.88
C SER D 227 -24.46 1.41 -25.02
N GLU D 228 -23.45 2.25 -25.19
CA GLU D 228 -22.23 2.11 -24.40
C GLU D 228 -22.49 2.31 -22.91
N HIS D 229 -23.35 3.27 -22.55
CA HIS D 229 -23.61 3.51 -21.12
C HIS D 229 -24.61 2.54 -20.52
N ILE D 230 -25.37 1.83 -21.34
CA ILE D 230 -26.17 0.74 -20.80
C ILE D 230 -25.28 -0.44 -20.44
N ASN D 231 -24.30 -0.73 -21.30
CA ASN D 231 -23.37 -1.83 -21.06
C ASN D 231 -22.61 -1.66 -19.73
N ARG D 232 -22.21 -0.41 -19.46
CA ARG D 232 -21.59 -0.05 -18.19
C ARG D 232 -22.52 -0.46 -17.06
N LEU D 233 -23.79 -0.11 -17.22
CA LEU D 233 -24.78 -0.37 -16.17
C LEU D 233 -25.15 -1.85 -16.00
N VAL D 234 -24.82 -2.65 -17.01
CA VAL D 234 -25.13 -4.09 -16.99
C VAL D 234 -23.92 -4.86 -16.44
N ALA D 235 -22.75 -4.45 -16.89
CA ALA D 235 -21.47 -4.93 -16.34
C ALA D 235 -21.42 -4.81 -14.81
N ILE D 236 -21.77 -3.64 -14.31
CA ILE D 236 -21.98 -3.43 -12.88
C ILE D 236 -22.91 -4.45 -12.24
N ARG D 237 -24.15 -4.52 -12.70
CA ARG D 237 -25.13 -5.47 -12.17
C ARG D 237 -24.61 -6.91 -12.28
N ALA D 238 -23.96 -7.22 -13.39
CA ALA D 238 -23.47 -8.58 -13.66
C ALA D 238 -22.33 -8.95 -12.73
N GLN D 239 -21.61 -7.96 -12.24
CA GLN D 239 -20.53 -8.19 -11.30
C GLN D 239 -21.08 -8.30 -9.87
N ALA D 240 -22.24 -7.70 -9.63
CA ALA D 240 -22.89 -7.78 -8.32
C ALA D 240 -23.58 -9.14 -8.18
N ASP D 241 -24.41 -9.49 -9.17
CA ASP D 241 -24.68 -10.89 -9.44
C ASP D 241 -23.28 -11.43 -9.70
N ILE D 242 -23.02 -12.72 -9.48
CA ILE D 242 -21.66 -13.31 -9.46
C ILE D 242 -21.09 -13.23 -8.06
N MET D 243 -21.03 -12.02 -7.51
CA MET D 243 -20.60 -11.87 -6.12
C MET D 243 -21.74 -12.07 -5.13
N GLY D 244 -22.96 -12.17 -5.65
CA GLY D 244 -24.14 -12.45 -4.82
C GLY D 244 -24.63 -11.29 -3.99
N VAL D 245 -24.33 -10.06 -4.41
CA VAL D 245 -24.73 -8.88 -3.63
C VAL D 245 -25.78 -7.98 -4.32
N ASP D 246 -26.37 -7.10 -3.52
CA ASP D 246 -27.51 -6.28 -3.92
C ASP D 246 -27.13 -4.81 -4.14
N LEU D 247 -25.87 -4.59 -4.49
CA LEU D 247 -25.35 -3.26 -4.82
C LEU D 247 -26.34 -2.42 -5.60
N LEU D 248 -26.57 -1.18 -5.17
CA LEU D 248 -27.51 -0.32 -5.84
C LEU D 248 -26.72 0.41 -6.93
N ALA D 249 -27.31 0.53 -8.12
CA ALA D 249 -26.64 1.14 -9.26
C ALA D 249 -27.34 2.41 -9.70
N ILE D 250 -26.61 3.51 -9.63
CA ILE D 250 -27.16 4.83 -9.99
C ILE D 250 -26.60 5.29 -11.35
N ALA D 251 -27.50 5.54 -12.30
CA ALA D 251 -27.10 6.06 -13.61
C ALA D 251 -27.20 7.56 -13.62
N ARG D 252 -26.13 8.21 -14.04
CA ARG D 252 -26.14 9.66 -14.17
C ARG D 252 -25.93 10.11 -15.61
N THR D 253 -26.73 11.07 -16.06
CA THR D 253 -26.59 11.60 -17.41
C THR D 253 -26.20 13.09 -17.43
N ASP D 254 -25.11 13.38 -18.12
CA ASP D 254 -24.61 14.74 -18.27
C ASP D 254 -25.10 15.39 -19.57
N ALA D 255 -26.34 15.08 -19.94
CA ALA D 255 -26.85 15.45 -21.25
C ALA D 255 -27.38 16.88 -21.31
N GLU D 256 -27.81 17.43 -20.18
CA GLU D 256 -28.43 18.74 -20.17
C GLU D 256 -27.44 19.85 -20.58
N ALA D 257 -26.16 19.51 -20.64
CA ALA D 257 -25.11 20.51 -20.84
C ALA D 257 -24.03 19.99 -21.77
N ALA D 258 -24.28 18.83 -22.36
CA ALA D 258 -23.29 18.22 -23.25
C ALA D 258 -23.38 18.85 -24.62
N THR D 259 -22.25 18.92 -25.31
CA THR D 259 -22.21 19.55 -26.62
C THR D 259 -21.65 18.61 -27.67
N LEU D 260 -20.99 17.55 -27.24
CA LEU D 260 -20.35 16.60 -28.15
C LEU D 260 -20.76 15.16 -27.88
N ILE D 261 -20.56 14.30 -28.89
CA ILE D 261 -20.79 12.86 -28.75
C ILE D 261 -19.75 12.14 -29.61
N THR D 262 -19.32 10.95 -29.16
CA THR D 262 -18.16 10.26 -29.76
C THR D 262 -18.45 9.61 -31.12
N THR D 263 -19.67 9.10 -31.27
CA THR D 263 -20.07 8.50 -32.54
C THR D 263 -21.59 8.65 -32.75
N SER D 264 -22.01 8.43 -33.98
CA SER D 264 -23.41 8.55 -34.40
C SER D 264 -24.10 7.20 -34.54
N ILE D 265 -23.40 6.14 -34.18
CA ILE D 265 -23.81 4.78 -34.51
C ILE D 265 -25.15 4.33 -33.90
N ASP D 266 -25.51 4.87 -32.73
CA ASP D 266 -26.78 4.54 -32.07
C ASP D 266 -27.95 5.38 -32.62
N PRO D 267 -29.05 4.73 -33.03
CA PRO D 267 -30.22 5.43 -33.59
C PRO D 267 -30.98 6.32 -32.58
N ARG D 268 -30.88 6.01 -31.31
CA ARG D 268 -31.55 6.79 -30.27
C ARG D 268 -30.92 8.18 -30.05
N ASP D 269 -29.72 8.38 -30.60
CA ASP D 269 -29.01 9.65 -30.45
C ASP D 269 -29.20 10.55 -31.67
N HIS D 270 -29.67 9.94 -32.76
CA HIS D 270 -29.91 10.65 -34.03
C HIS D 270 -30.85 11.84 -33.87
N ALA D 271 -31.81 11.70 -32.95
CA ALA D 271 -32.84 12.72 -32.72
C ALA D 271 -32.27 13.99 -32.12
N PHE D 272 -30.99 13.98 -31.78
CA PHE D 272 -30.38 15.14 -31.13
C PHE D 272 -29.04 15.54 -31.74
N ILE D 273 -28.54 14.79 -32.72
CA ILE D 273 -27.25 15.10 -33.33
C ILE D 273 -27.40 16.29 -34.29
N LEU D 274 -26.64 17.34 -34.01
CA LEU D 274 -26.72 18.56 -34.78
C LEU D 274 -26.00 18.44 -36.12
N GLY D 275 -26.75 18.70 -37.20
CA GLY D 275 -26.18 18.73 -38.54
C GLY D 275 -26.16 20.11 -39.18
N CYS D 276 -25.19 20.29 -40.07
CA CYS D 276 -25.06 21.50 -40.87
C CYS D 276 -26.19 21.65 -41.90
N THR D 277 -26.44 22.88 -42.32
CA THR D 277 -27.49 23.19 -43.29
C THR D 277 -27.11 24.39 -44.19
N ASN D 278 -25.82 24.53 -44.51
CA ASN D 278 -25.40 25.39 -45.61
C ASN D 278 -24.68 24.53 -46.64
N PRO D 279 -25.38 24.20 -47.74
CA PRO D 279 -24.77 23.41 -48.82
C PRO D 279 -23.53 24.08 -49.39
N SER D 280 -23.49 25.40 -49.23
CA SER D 280 -22.35 26.21 -49.62
C SER D 280 -21.06 25.86 -48.88
N LEU D 281 -21.17 25.35 -47.66
CA LEU D 281 -20.00 25.20 -46.78
C LEU D 281 -19.48 23.76 -46.68
N GLN D 282 -18.28 23.60 -46.10
CA GLN D 282 -17.69 22.28 -45.92
C GLN D 282 -16.59 22.28 -44.84
N LEU D 314 -26.81 25.21 -38.00
CA LEU D 314 -26.84 23.88 -37.38
C LEU D 314 -28.16 23.62 -36.68
N LYS D 315 -28.74 22.45 -36.92
CA LYS D 315 -30.03 22.11 -36.37
C LYS D 315 -30.25 20.61 -36.26
N ARG D 316 -31.22 20.21 -35.43
CA ARG D 316 -31.62 18.81 -35.35
C ARG D 316 -32.61 18.51 -36.50
N PHE D 317 -32.70 17.24 -36.88
CA PHE D 317 -33.47 16.84 -38.05
C PHE D 317 -34.93 17.27 -37.99
N ASP D 318 -35.62 16.88 -36.92
CA ASP D 318 -37.02 17.24 -36.73
C ASP D 318 -37.17 18.75 -36.59
N GLY D 347 -38.67 9.28 -32.10
CA GLY D 347 -37.75 8.28 -31.59
C GLY D 347 -37.17 7.37 -32.66
N LYS D 348 -37.45 7.71 -33.91
CA LYS D 348 -37.00 6.89 -35.04
C LYS D 348 -35.56 7.25 -35.44
N SER D 349 -34.94 6.36 -36.21
CA SER D 349 -33.60 6.59 -36.75
C SER D 349 -33.60 7.71 -37.79
N ASN D 350 -32.44 8.00 -38.37
CA ASN D 350 -32.35 9.02 -39.41
C ASN D 350 -32.78 8.47 -40.76
N ARG D 351 -32.31 7.25 -41.09
CA ARG D 351 -32.75 6.59 -42.32
C ARG D 351 -34.26 6.36 -42.25
N GLU D 352 -34.74 6.08 -41.05
CA GLU D 352 -36.17 5.94 -40.83
C GLU D 352 -36.87 7.30 -40.79
N ALA D 353 -36.13 8.35 -40.42
CA ALA D 353 -36.70 9.70 -40.37
C ALA D 353 -36.90 10.26 -41.78
N ARG D 354 -35.88 10.16 -42.61
CA ARG D 354 -35.96 10.60 -44.00
C ARG D 354 -37.03 9.83 -44.77
N ALA D 355 -37.02 8.51 -44.61
CA ALA D 355 -37.99 7.64 -45.24
C ALA D 355 -39.42 8.00 -44.85
N ILE D 356 -39.59 8.53 -43.64
CA ILE D 356 -40.91 8.97 -43.17
C ILE D 356 -41.34 10.26 -43.88
N ALA D 357 -40.38 11.12 -44.17
CA ALA D 357 -40.65 12.42 -44.78
C ALA D 357 -40.91 12.32 -46.29
N SER D 358 -40.30 11.34 -46.95
CA SER D 358 -40.53 11.16 -48.37
C SER D 358 -41.55 10.04 -48.62
N SER D 359 -42.09 9.49 -47.55
CA SER D 359 -43.31 8.70 -47.61
C SER D 359 -44.47 9.67 -47.50
N LEU D 360 -44.14 10.92 -47.22
CA LEU D 360 -45.13 11.98 -47.05
C LEU D 360 -44.90 13.16 -48.02
N GLY D 361 -43.85 13.06 -48.82
CA GLY D 361 -43.53 14.11 -49.78
C GLY D 361 -42.17 14.74 -49.58
N PHE D 366 -32.00 17.76 -47.07
CA PHE D 366 -30.55 17.93 -46.87
C PHE D 366 -30.22 18.12 -45.39
N PHE D 367 -29.29 17.30 -44.90
CA PHE D 367 -28.92 17.23 -43.48
C PHE D 367 -27.55 16.54 -43.35
N ASP D 368 -26.54 17.26 -42.85
CA ASP D 368 -25.16 16.75 -42.81
C ASP D 368 -24.50 16.87 -41.42
N TRP D 369 -24.13 15.75 -40.81
CA TRP D 369 -23.50 15.80 -39.48
C TRP D 369 -22.03 15.31 -39.43
N ASP D 370 -21.43 15.05 -40.58
CA ASP D 370 -20.03 14.62 -40.62
C ASP D 370 -19.05 15.79 -40.77
N SER D 371 -19.57 16.97 -41.09
CA SER D 371 -18.69 18.11 -41.36
C SER D 371 -18.28 18.86 -40.08
N PRO D 372 -19.27 19.26 -39.24
CA PRO D 372 -18.83 20.01 -38.06
C PRO D 372 -18.18 19.12 -36.97
N ARG D 373 -17.68 17.96 -37.37
CA ARG D 373 -16.90 17.11 -36.49
C ARG D 373 -15.68 17.88 -36.00
N THR D 374 -15.31 17.63 -34.75
CA THR D 374 -14.12 18.22 -34.17
C THR D 374 -12.88 17.63 -34.81
N ARG D 375 -11.72 18.13 -34.41
CA ARG D 375 -10.46 17.64 -34.92
C ARG D 375 -10.19 16.25 -34.34
N GLU D 376 -10.99 15.88 -33.34
CA GLU D 376 -10.87 14.59 -32.66
C GLU D 376 -11.88 13.57 -33.19
N GLY D 377 -12.84 14.03 -34.00
CA GLY D 377 -13.79 13.15 -34.66
C GLY D 377 -15.16 13.16 -34.00
N TYR D 378 -15.37 14.09 -33.08
CA TYR D 378 -16.59 14.11 -32.28
C TYR D 378 -17.74 14.79 -33.02
N PHE D 379 -18.96 14.33 -32.75
CA PHE D 379 -20.15 14.91 -33.36
C PHE D 379 -20.74 16.02 -32.49
N ARG D 380 -21.30 17.03 -33.14
CA ARG D 380 -21.98 18.11 -32.45
C ARG D 380 -23.36 17.64 -32.00
N ILE D 381 -23.81 18.12 -30.85
CA ILE D 381 -25.10 17.67 -30.33
C ILE D 381 -25.77 18.76 -29.46
N LYS D 382 -27.10 18.69 -29.37
CA LYS D 382 -27.87 19.65 -28.58
C LYS D 382 -28.49 18.97 -27.36
N GLY D 383 -27.92 19.27 -26.20
CA GLY D 383 -28.35 18.63 -24.98
C GLY D 383 -29.68 19.14 -24.44
N GLY D 384 -29.69 19.43 -23.15
CA GLY D 384 -30.88 19.99 -22.53
C GLY D 384 -31.84 18.92 -22.06
N CYS D 385 -32.82 19.36 -21.28
CA CYS D 385 -33.77 18.47 -20.60
C CYS D 385 -34.33 17.41 -21.53
N ASP D 386 -34.65 17.78 -22.76
CA ASP D 386 -35.19 16.84 -23.76
C ASP D 386 -34.22 15.67 -24.00
N CYS D 387 -32.95 15.98 -24.29
CA CYS D 387 -31.92 14.97 -24.46
C CYS D 387 -31.71 14.09 -23.20
N ALA D 388 -31.87 14.68 -22.02
CA ALA D 388 -31.61 13.98 -20.78
C ALA D 388 -32.78 13.11 -20.34
N ILE D 389 -34.00 13.51 -20.69
CA ILE D 389 -35.17 12.68 -20.49
C ILE D 389 -35.13 11.47 -21.45
N ASN D 390 -34.56 11.67 -22.63
CA ASN D 390 -34.39 10.58 -23.58
C ASN D 390 -33.46 9.53 -23.01
N ARG D 391 -32.35 10.00 -22.45
CA ARG D 391 -31.32 9.10 -21.94
C ARG D 391 -31.74 8.40 -20.64
N ALA D 392 -32.29 9.16 -19.70
CA ALA D 392 -32.77 8.59 -18.44
C ALA D 392 -33.83 7.49 -18.62
N ILE D 393 -34.60 7.59 -19.69
CA ILE D 393 -35.65 6.62 -19.95
C ILE D 393 -35.04 5.33 -20.56
N ALA D 394 -33.91 5.49 -21.25
CA ALA D 394 -33.16 4.36 -21.79
C ALA D 394 -32.45 3.56 -20.68
N TYR D 395 -31.93 4.28 -19.68
CA TYR D 395 -31.15 3.67 -18.63
C TYR D 395 -32.03 3.05 -17.52
N ALA D 396 -33.23 3.59 -17.32
CA ALA D 396 -34.08 3.25 -16.17
C ALA D 396 -34.21 1.73 -15.84
N PRO D 397 -34.44 0.87 -16.86
CA PRO D 397 -34.59 -0.56 -16.54
C PRO D 397 -33.30 -1.17 -16.03
N TYR D 398 -32.19 -0.45 -16.24
CA TYR D 398 -30.87 -0.91 -15.84
C TYR D 398 -30.32 -0.18 -14.59
N ALA D 399 -31.16 0.67 -13.98
CA ALA D 399 -30.72 1.58 -12.92
C ALA D 399 -31.70 1.70 -11.75
N ASP D 400 -31.15 1.61 -10.55
CA ASP D 400 -31.95 1.73 -9.34
C ASP D 400 -32.28 3.20 -9.00
N ALA D 401 -31.54 4.12 -9.60
CA ALA D 401 -31.82 5.54 -9.45
C ALA D 401 -31.19 6.34 -10.60
N ILE D 402 -31.81 7.47 -10.92
CA ILE D 402 -31.40 8.31 -12.02
C ILE D 402 -31.02 9.68 -11.51
N TRP D 403 -29.97 10.28 -12.07
CA TRP D 403 -29.93 11.74 -12.02
C TRP D 403 -29.30 12.45 -13.19
N MET D 404 -29.82 13.67 -13.38
CA MET D 404 -29.43 14.60 -14.42
C MET D 404 -28.76 15.83 -13.85
N GLU D 405 -27.47 15.95 -14.09
CA GLU D 405 -26.70 17.07 -13.58
C GLU D 405 -27.14 18.34 -14.29
N SER D 406 -27.37 19.40 -13.51
CA SER D 406 -27.89 20.65 -14.04
C SER D 406 -26.94 21.82 -13.85
N LYS D 407 -27.13 22.86 -14.66
CA LYS D 407 -26.30 24.07 -14.57
C LYS D 407 -26.71 24.94 -13.39
N LEU D 408 -27.99 24.86 -13.01
CA LEU D 408 -28.54 25.66 -11.92
C LEU D 408 -29.55 24.86 -11.08
N PRO D 409 -29.77 25.27 -9.83
CA PRO D 409 -30.79 24.65 -8.97
C PRO D 409 -32.19 25.18 -9.26
N ASP D 410 -32.80 24.63 -10.30
CA ASP D 410 -34.05 25.16 -10.83
C ASP D 410 -35.21 24.19 -10.60
N TYR D 411 -36.07 24.51 -9.63
CA TYR D 411 -37.18 23.62 -9.29
C TYR D 411 -37.97 23.12 -10.49
N GLU D 412 -38.46 24.07 -11.30
CA GLU D 412 -39.29 23.73 -12.47
C GLU D 412 -38.53 22.83 -13.45
N GLN D 413 -37.23 23.08 -13.66
CA GLN D 413 -36.45 22.15 -14.48
C GLN D 413 -36.48 20.75 -13.87
N ALA D 414 -36.37 20.70 -12.54
CA ALA D 414 -36.39 19.43 -11.83
C ALA D 414 -37.76 18.79 -11.92
N LYS D 415 -38.79 19.62 -12.12
CA LYS D 415 -40.15 19.10 -12.26
C LYS D 415 -40.36 18.55 -13.67
N GLU D 416 -39.68 19.15 -14.64
CA GLU D 416 -39.85 18.70 -16.01
C GLU D 416 -39.17 17.37 -16.19
N PHE D 417 -38.00 17.22 -15.57
CA PHE D 417 -37.22 16.01 -15.69
C PHE D 417 -37.99 14.86 -15.06
N ALA D 418 -38.44 15.04 -13.82
CA ALA D 418 -39.15 14.00 -13.09
C ALA D 418 -40.39 13.55 -13.84
N GLU D 419 -41.10 14.52 -14.40
CA GLU D 419 -42.34 14.25 -15.10
C GLU D 419 -42.08 13.49 -16.40
N GLY D 420 -41.00 13.86 -17.10
CA GLY D 420 -40.64 13.19 -18.33
C GLY D 420 -40.32 11.70 -18.15
N VAL D 421 -39.72 11.36 -17.00
CA VAL D 421 -39.31 9.98 -16.69
C VAL D 421 -40.48 9.20 -16.11
N HIS D 422 -41.22 9.85 -15.21
CA HIS D 422 -42.36 9.20 -14.57
C HIS D 422 -43.54 9.02 -15.52
N ALA D 423 -43.48 9.70 -16.66
CA ALA D 423 -44.49 9.53 -17.71
C ALA D 423 -44.32 8.18 -18.41
N VAL D 424 -43.17 7.53 -18.20
CA VAL D 424 -42.92 6.17 -18.69
C VAL D 424 -42.70 5.21 -17.51
N TYR D 425 -41.93 5.67 -16.53
CA TYR D 425 -41.67 4.86 -15.35
C TYR D 425 -42.00 5.65 -14.06
N PRO D 426 -43.28 5.66 -13.68
CA PRO D 426 -43.81 6.34 -12.49
C PRO D 426 -43.05 6.01 -11.20
N GLU D 427 -42.32 4.90 -11.21
CA GLU D 427 -41.78 4.33 -9.99
C GLU D 427 -40.27 4.53 -9.86
N GLN D 428 -39.67 5.08 -10.90
CA GLN D 428 -38.22 5.25 -10.92
C GLN D 428 -37.77 6.26 -9.88
N LYS D 429 -36.96 5.80 -8.93
CA LYS D 429 -36.34 6.67 -7.93
C LYS D 429 -35.42 7.68 -8.62
N LEU D 430 -35.26 8.84 -7.98
CA LEU D 430 -34.42 9.90 -8.53
C LEU D 430 -33.43 10.44 -7.51
N ALA D 431 -32.29 10.92 -8.03
CA ALA D 431 -31.26 11.49 -7.20
C ALA D 431 -30.96 12.93 -7.64
N TYR D 432 -30.46 13.75 -6.71
CA TYR D 432 -30.22 15.16 -7.01
C TYR D 432 -28.94 15.70 -6.36
N ASN D 433 -28.14 16.38 -7.16
CA ASN D 433 -26.94 17.05 -6.68
C ASN D 433 -27.25 18.48 -6.27
N LEU D 434 -27.35 18.69 -4.97
CA LEU D 434 -27.40 20.03 -4.40
C LEU D 434 -26.03 20.68 -4.52
N SER D 435 -25.71 21.16 -5.71
CA SER D 435 -24.33 21.53 -6.05
C SER D 435 -23.85 22.76 -5.28
N PRO D 436 -22.59 22.73 -4.85
CA PRO D 436 -21.91 23.88 -4.24
C PRO D 436 -21.24 24.72 -5.31
N SER D 437 -21.29 24.25 -6.55
CA SER D 437 -20.88 25.03 -7.72
C SER D 437 -21.90 26.14 -7.95
N PHE D 438 -23.04 26.00 -7.28
CA PHE D 438 -24.11 27.00 -7.32
C PHE D 438 -23.82 28.16 -6.37
N ASN D 439 -24.52 29.27 -6.57
CA ASN D 439 -24.47 30.41 -5.67
C ASN D 439 -25.83 30.51 -4.96
N TRP D 440 -25.92 29.94 -3.77
CA TRP D 440 -27.21 29.77 -3.12
C TRP D 440 -27.80 31.05 -2.51
N LYS D 441 -27.05 32.15 -2.48
CA LYS D 441 -27.61 33.43 -2.01
C LYS D 441 -28.34 34.14 -3.14
N THR D 442 -27.75 34.03 -4.33
CA THR D 442 -28.24 34.68 -5.53
C THR D 442 -29.43 33.95 -6.16
N ALA D 443 -29.31 32.63 -6.26
CA ALA D 443 -30.30 31.82 -6.96
C ALA D 443 -31.57 31.57 -6.14
N MET D 444 -31.62 32.08 -4.92
CA MET D 444 -32.69 31.71 -3.99
C MET D 444 -32.67 32.49 -2.67
N PRO D 445 -33.85 32.71 -2.08
CA PRO D 445 -33.98 33.24 -0.71
C PRO D 445 -33.94 32.15 0.39
N ARG D 446 -33.66 32.55 1.63
CA ARG D 446 -33.40 31.65 2.75
C ARG D 446 -34.58 30.76 3.13
N ASP D 447 -35.80 31.25 2.92
CA ASP D 447 -37.00 30.47 3.21
C ASP D 447 -37.18 29.35 2.18
N GLU D 448 -36.85 29.66 0.93
CA GLU D 448 -36.95 28.72 -0.17
C GLU D 448 -35.78 27.72 -0.12
N GLN D 449 -34.65 28.20 0.39
CA GLN D 449 -33.52 27.32 0.73
C GLN D 449 -33.93 26.20 1.69
N GLU D 450 -34.69 26.54 2.72
CA GLU D 450 -35.04 25.56 3.73
C GLU D 450 -36.00 24.49 3.21
N THR D 451 -36.72 24.80 2.13
CA THR D 451 -37.79 23.92 1.64
C THR D 451 -37.40 23.17 0.36
N TYR D 452 -36.29 23.60 -0.23
CA TYR D 452 -35.87 23.11 -1.52
C TYR D 452 -35.80 21.58 -1.57
N ILE D 453 -35.15 21.00 -0.57
CA ILE D 453 -35.00 19.56 -0.50
C ILE D 453 -36.38 18.91 -0.40
N ARG D 454 -37.19 19.43 0.50
CA ARG D 454 -38.53 18.92 0.77
C ARG D 454 -39.41 18.91 -0.49
N ARG D 455 -39.29 19.97 -1.28
CA ARG D 455 -40.06 20.09 -2.51
C ARG D 455 -39.61 19.08 -3.55
N LEU D 456 -38.30 18.99 -3.77
CA LEU D 456 -37.73 17.98 -4.68
C LEU D 456 -38.10 16.56 -4.22
N ALA D 457 -38.22 16.36 -2.92
CA ALA D 457 -38.69 15.07 -2.41
C ALA D 457 -40.10 14.74 -2.89
N GLY D 458 -40.96 15.76 -3.02
CA GLY D 458 -42.29 15.57 -3.58
C GLY D 458 -42.26 15.06 -5.02
N LEU D 459 -41.28 15.54 -5.77
CA LEU D 459 -41.03 15.13 -7.16
C LEU D 459 -40.55 13.68 -7.31
N GLY D 460 -40.01 13.10 -6.26
CA GLY D 460 -39.44 11.76 -6.35
C GLY D 460 -37.92 11.68 -6.30
N TYR D 461 -37.26 12.80 -5.99
CA TYR D 461 -35.84 12.80 -5.67
C TYR D 461 -35.63 12.28 -4.22
N CYS D 462 -35.47 10.98 -4.06
CA CYS D 462 -35.46 10.40 -2.72
C CYS D 462 -34.07 10.37 -2.06
N TRP D 463 -33.04 10.73 -2.83
CA TRP D 463 -31.70 10.84 -2.27
C TRP D 463 -30.96 12.05 -2.84
N GLN D 464 -30.56 12.93 -1.95
CA GLN D 464 -30.00 14.22 -2.32
C GLN D 464 -28.70 14.44 -1.56
N PHE D 465 -27.79 15.22 -2.15
CA PHE D 465 -26.46 15.34 -1.58
C PHE D 465 -25.71 16.57 -2.08
N ILE D 466 -24.97 17.19 -1.17
CA ILE D 466 -24.04 18.26 -1.51
C ILE D 466 -22.66 17.63 -1.75
N THR D 467 -22.25 17.57 -3.01
CA THR D 467 -20.99 16.91 -3.36
C THR D 467 -19.78 17.35 -2.53
N LEU D 468 -19.58 18.66 -2.42
CA LEU D 468 -18.33 19.21 -1.89
C LEU D 468 -18.43 19.85 -0.52
N ALA D 469 -19.47 19.52 0.25
CA ALA D 469 -19.65 20.19 1.54
C ALA D 469 -18.49 19.88 2.49
N GLY D 470 -17.95 18.68 2.38
CA GLY D 470 -16.82 18.26 3.16
C GLY D 470 -15.58 19.09 2.88
N LEU D 471 -15.32 19.34 1.60
CA LEU D 471 -14.14 20.11 1.20
C LEU D 471 -14.25 21.53 1.73
N HIS D 472 -15.47 22.08 1.65
CA HIS D 472 -15.70 23.49 1.96
C HIS D 472 -15.78 23.78 3.46
N THR D 473 -16.30 22.85 4.24
CA THR D 473 -16.34 23.05 5.69
C THR D 473 -14.93 22.99 6.28
N THR D 474 -14.12 22.09 5.71
CA THR D 474 -12.75 21.84 6.14
C THR D 474 -11.83 23.01 5.79
N ALA D 475 -12.08 23.62 4.63
CA ALA D 475 -11.32 24.79 4.19
C ALA D 475 -11.69 26.07 4.99
N LEU D 476 -12.97 26.19 5.35
CA LEU D 476 -13.44 27.31 6.14
C LEU D 476 -12.82 27.36 7.54
N ILE D 477 -13.15 26.37 8.37
CA ILE D 477 -12.63 26.32 9.72
C ILE D 477 -11.08 26.30 9.76
N SER D 478 -10.44 25.73 8.73
CA SER D 478 -8.97 25.74 8.66
C SER D 478 -8.43 27.17 8.43
N ASP D 479 -9.00 27.87 7.46
CA ASP D 479 -8.62 29.26 7.22
C ASP D 479 -8.97 30.13 8.43
N ARG D 480 -10.19 29.94 8.95
CA ARG D 480 -10.66 30.69 10.11
C ARG D 480 -9.73 30.49 11.30
N PHE D 481 -9.42 29.23 11.61
CA PHE D 481 -8.61 28.93 12.79
C PHE D 481 -7.09 29.14 12.64
N ALA D 482 -6.53 28.78 11.49
CA ALA D 482 -5.09 29.00 11.28
C ALA D 482 -4.77 30.49 11.35
N ARG D 483 -5.68 31.32 10.83
CA ARG D 483 -5.51 32.77 10.87
C ARG D 483 -5.55 33.29 12.31
N ALA D 484 -6.62 32.98 13.03
CA ALA D 484 -6.78 33.43 14.40
C ALA D 484 -5.65 32.94 15.31
N TYR D 485 -5.28 31.66 15.15
CA TYR D 485 -4.17 31.05 15.88
C TYR D 485 -2.83 31.70 15.59
N SER D 486 -2.72 32.35 14.42
CA SER D 486 -1.48 33.01 14.05
C SER D 486 -1.41 34.38 14.70
N GLU D 487 -2.58 34.91 15.05
CA GLU D 487 -2.69 36.25 15.61
C GLU D 487 -2.69 36.29 17.15
N VAL D 488 -3.34 35.31 17.77
CA VAL D 488 -3.48 35.32 19.22
C VAL D 488 -3.19 33.98 19.92
N GLY D 489 -2.43 33.11 19.29
CA GLY D 489 -1.99 31.88 19.91
C GLY D 489 -3.12 31.05 20.50
N MET D 490 -2.91 30.54 21.72
CA MET D 490 -3.83 29.63 22.35
C MET D 490 -5.23 30.21 22.71
N ARG D 491 -5.38 31.54 22.70
CA ARG D 491 -6.70 32.17 22.86
C ARG D 491 -7.63 31.73 21.73
N ALA D 492 -7.06 31.56 20.54
CA ALA D 492 -7.87 31.11 19.41
C ALA D 492 -8.27 29.64 19.59
N TYR D 493 -7.37 28.81 20.08
CA TYR D 493 -7.73 27.41 20.26
C TYR D 493 -8.81 27.22 21.35
N GLY D 494 -8.74 28.02 22.41
CA GLY D 494 -9.77 27.98 23.43
C GLY D 494 -11.10 28.56 22.99
N GLU D 495 -11.04 29.71 22.31
CA GLU D 495 -12.23 30.45 21.90
C GLU D 495 -12.91 29.86 20.64
N LEU D 496 -12.12 29.55 19.62
CA LEU D 496 -12.68 29.14 18.33
C LEU D 496 -12.90 27.63 18.17
N VAL D 497 -12.33 26.82 19.08
CA VAL D 497 -12.40 25.37 18.92
C VAL D 497 -12.92 24.63 20.16
N GLN D 498 -12.13 24.71 21.23
CA GLN D 498 -12.40 23.98 22.47
C GLN D 498 -13.70 24.36 23.16
N GLU D 499 -13.91 25.65 23.39
CA GLU D 499 -15.14 26.12 24.02
C GLU D 499 -16.41 25.74 23.23
N PRO D 500 -16.44 25.96 21.89
CA PRO D 500 -17.68 25.55 21.23
C PRO D 500 -17.86 24.05 21.16
N GLU D 501 -16.75 23.32 21.12
CA GLU D 501 -16.78 21.87 21.08
C GLU D 501 -17.52 21.28 22.27
N MET D 502 -17.32 21.89 23.43
CA MET D 502 -17.94 21.45 24.69
C MET D 502 -19.41 21.88 24.83
N GLU D 503 -19.73 23.10 24.39
CA GLU D 503 -21.13 23.57 24.39
C GLU D 503 -22.04 22.78 23.46
N LEU D 504 -21.47 22.16 22.44
CA LEU D 504 -22.25 21.33 21.52
C LEU D 504 -22.24 19.89 21.96
N GLY D 505 -21.46 19.63 23.01
CA GLY D 505 -21.32 18.27 23.52
C GLY D 505 -20.74 17.37 22.46
N VAL D 506 -19.68 17.84 21.79
CA VAL D 506 -19.02 17.03 20.78
C VAL D 506 -18.18 15.94 21.47
N ASP D 507 -18.47 14.70 21.13
CA ASP D 507 -17.86 13.54 21.74
C ASP D 507 -16.35 13.45 21.50
N VAL D 508 -15.87 14.16 20.48
CA VAL D 508 -14.45 14.13 20.13
C VAL D 508 -13.58 14.92 21.13
N VAL D 509 -14.21 15.81 21.90
CA VAL D 509 -13.46 16.66 22.82
C VAL D 509 -12.83 15.79 23.92
N LYS D 510 -13.50 14.69 24.27
CA LYS D 510 -12.92 13.66 25.15
C LYS D 510 -12.21 12.63 24.27
N HIS D 511 -11.10 13.07 23.69
CA HIS D 511 -10.43 12.41 22.58
C HIS D 511 -9.92 10.98 22.82
N GLN D 512 -9.43 10.68 24.02
CA GLN D 512 -8.96 9.33 24.29
C GLN D 512 -10.14 8.36 24.22
N LYS D 513 -11.19 8.70 24.96
CA LYS D 513 -12.40 7.88 24.97
C LYS D 513 -12.95 7.74 23.56
N TRP D 514 -13.00 8.83 22.82
CA TRP D 514 -13.54 8.83 21.47
C TRP D 514 -12.74 7.88 20.58
N SER D 515 -11.43 7.91 20.74
CA SER D 515 -10.52 7.11 19.93
C SER D 515 -10.65 5.60 20.20
N GLY D 516 -11.33 5.23 21.27
CA GLY D 516 -11.47 3.84 21.65
C GLY D 516 -10.51 3.38 22.74
N ALA D 517 -10.03 4.33 23.53
CA ALA D 517 -9.01 4.04 24.54
C ALA D 517 -9.51 3.05 25.58
N THR D 518 -10.81 3.07 25.89
CA THR D 518 -11.34 2.17 26.89
C THR D 518 -11.60 0.79 26.26
N TYR D 519 -12.06 0.80 25.01
CA TYR D 519 -12.27 -0.43 24.26
C TYR D 519 -11.00 -1.28 24.21
N VAL D 520 -9.91 -0.69 23.71
CA VAL D 520 -8.65 -1.39 23.55
C VAL D 520 -8.06 -1.79 24.90
N ASP D 521 -8.14 -0.87 25.87
CA ASP D 521 -7.80 -1.15 27.27
C ASP D 521 -8.49 -2.43 27.77
N GLU D 522 -9.79 -2.54 27.54
CA GLU D 522 -10.52 -3.72 27.98
C GLU D 522 -10.10 -4.94 27.18
N LEU D 523 -9.76 -4.71 25.91
CA LEU D 523 -9.22 -5.77 25.05
C LEU D 523 -7.94 -6.35 25.59
N GLN D 524 -7.09 -5.51 26.14
CA GLN D 524 -5.79 -6.00 26.51
C GLN D 524 -6.01 -6.75 27.85
N LYS D 525 -6.84 -6.15 28.70
CA LYS D 525 -7.14 -6.70 30.01
C LYS D 525 -7.82 -8.07 29.88
N MET D 526 -8.57 -8.29 28.80
CA MET D 526 -9.20 -9.58 28.55
C MET D 526 -8.20 -10.67 28.13
N VAL D 527 -7.08 -10.24 27.54
CA VAL D 527 -6.06 -11.16 27.05
C VAL D 527 -5.09 -11.55 28.17
N THR D 528 -4.89 -10.68 29.17
CA THR D 528 -3.86 -10.93 30.19
C THR D 528 -4.39 -11.45 31.54
MG MG E . 10.31 -14.60 9.88
MG MG F . 0.74 -4.29 -21.73
MG MG G . 3.22 9.09 18.71
MG MG H . -16.65 12.59 -10.87
#